data_5QRS
# 
_entry.id   5QRS 
# 
_audit_conform.dict_name       mmcif_pdbx.dic 
_audit_conform.dict_version    5.387 
_audit_conform.dict_location   http://mmcif.pdb.org/dictionaries/ascii/mmcif_pdbx.dic 
# 
loop_
_database_2.database_id 
_database_2.database_code 
_database_2.pdbx_database_accession 
_database_2.pdbx_DOI 
PDB   5QRS         pdb_00005qrs 10.2210/pdb5qrs/pdb 
WWPDB D_1001402325 ?            ?                   
# 
loop_
_pdbx_audit_revision_history.ordinal 
_pdbx_audit_revision_history.data_content_type 
_pdbx_audit_revision_history.major_revision 
_pdbx_audit_revision_history.minor_revision 
_pdbx_audit_revision_history.revision_date 
1 'Structure model' 1 0 2019-07-10 
2 'Structure model' 1 1 2019-08-07 
3 'Structure model' 1 2 2024-03-06 
# 
_pdbx_audit_revision_details.ordinal             1 
_pdbx_audit_revision_details.revision_ordinal    1 
_pdbx_audit_revision_details.data_content_type   'Structure model' 
_pdbx_audit_revision_details.provider            repository 
_pdbx_audit_revision_details.type                'Initial release' 
_pdbx_audit_revision_details.description         ? 
_pdbx_audit_revision_details.details             ? 
# 
loop_
_pdbx_audit_revision_group.ordinal 
_pdbx_audit_revision_group.revision_ordinal 
_pdbx_audit_revision_group.data_content_type 
_pdbx_audit_revision_group.group 
1 2 'Structure model' 'Author supporting evidence' 
2 2 'Structure model' 'Data collection'            
3 2 'Structure model' 'Structure summary'          
4 3 'Structure model' 'Data collection'            
5 3 'Structure model' 'Database references'        
6 3 'Structure model' 'Derived calculations'       
# 
loop_
_pdbx_audit_revision_category.ordinal 
_pdbx_audit_revision_category.revision_ordinal 
_pdbx_audit_revision_category.data_content_type 
_pdbx_audit_revision_category.category 
1 2 'Structure model' pdbx_entity_instance_feature 
2 2 'Structure model' pdbx_entry_details           
3 3 'Structure model' chem_comp_atom               
4 3 'Structure model' chem_comp_bond               
5 3 'Structure model' database_2                   
6 3 'Structure model' pdbx_struct_conn_angle       
7 3 'Structure model' struct_conn                  
# 
loop_
_pdbx_audit_revision_item.ordinal 
_pdbx_audit_revision_item.revision_ordinal 
_pdbx_audit_revision_item.data_content_type 
_pdbx_audit_revision_item.item 
1  3 'Structure model' '_database_2.pdbx_DOI'                        
2  3 'Structure model' '_database_2.pdbx_database_accession'         
3  3 'Structure model' '_pdbx_struct_conn_angle.ptnr1_auth_comp_id'  
4  3 'Structure model' '_pdbx_struct_conn_angle.ptnr1_auth_seq_id'   
5  3 'Structure model' '_pdbx_struct_conn_angle.ptnr1_label_alt_id'  
6  3 'Structure model' '_pdbx_struct_conn_angle.ptnr1_label_asym_id' 
7  3 'Structure model' '_pdbx_struct_conn_angle.ptnr1_label_atom_id' 
8  3 'Structure model' '_pdbx_struct_conn_angle.ptnr1_label_comp_id' 
9  3 'Structure model' '_pdbx_struct_conn_angle.ptnr1_label_seq_id'  
10 3 'Structure model' '_pdbx_struct_conn_angle.ptnr1_symmetry'      
11 3 'Structure model' '_pdbx_struct_conn_angle.ptnr2_auth_seq_id'   
12 3 'Structure model' '_pdbx_struct_conn_angle.ptnr2_label_asym_id' 
13 3 'Structure model' '_pdbx_struct_conn_angle.ptnr3_auth_comp_id'  
14 3 'Structure model' '_pdbx_struct_conn_angle.ptnr3_auth_seq_id'   
15 3 'Structure model' '_pdbx_struct_conn_angle.ptnr3_label_alt_id'  
16 3 'Structure model' '_pdbx_struct_conn_angle.ptnr3_label_asym_id' 
17 3 'Structure model' '_pdbx_struct_conn_angle.ptnr3_label_atom_id' 
18 3 'Structure model' '_pdbx_struct_conn_angle.ptnr3_label_comp_id' 
19 3 'Structure model' '_pdbx_struct_conn_angle.ptnr3_label_seq_id'  
20 3 'Structure model' '_pdbx_struct_conn_angle.ptnr3_symmetry'      
21 3 'Structure model' '_pdbx_struct_conn_angle.value'               
22 3 'Structure model' '_struct_conn.pdbx_dist_value'                
23 3 'Structure model' '_struct_conn.pdbx_ptnr1_label_alt_id'        
24 3 'Structure model' '_struct_conn.ptnr1_auth_comp_id'             
25 3 'Structure model' '_struct_conn.ptnr1_auth_seq_id'              
26 3 'Structure model' '_struct_conn.ptnr1_label_asym_id'            
27 3 'Structure model' '_struct_conn.ptnr1_label_atom_id'            
28 3 'Structure model' '_struct_conn.ptnr1_label_comp_id'            
29 3 'Structure model' '_struct_conn.ptnr1_label_seq_id'             
30 3 'Structure model' '_struct_conn.ptnr2_auth_comp_id'             
31 3 'Structure model' '_struct_conn.ptnr2_auth_seq_id'              
32 3 'Structure model' '_struct_conn.ptnr2_label_asym_id'            
33 3 'Structure model' '_struct_conn.ptnr2_label_atom_id'            
34 3 'Structure model' '_struct_conn.ptnr2_label_comp_id'            
35 3 'Structure model' '_struct_conn.ptnr2_symmetry'                 
# 
_pdbx_database_status.entry_id                        5QRS 
_pdbx_database_status.status_code                     REL 
_pdbx_database_status.status_code_sf                  REL 
_pdbx_database_status.status_code_mr                  ? 
_pdbx_database_status.status_code_cs                  ? 
_pdbx_database_status.recvd_initial_deposition_date   2019-05-25 
_pdbx_database_status.deposit_site                    RCSB 
_pdbx_database_status.process_site                    RCSB 
_pdbx_database_status.SG_entry                        ? 
_pdbx_database_status.pdb_format_compatible           Y 
_pdbx_database_status.methods_development_category    ? 
_pdbx_database_status.status_code_nmr_data            ? 
# 
loop_
_audit_author.name 
_audit_author.pdbx_ordinal 
'Newman, J.A.'        1  
'Gavard, A.E.'        2  
'Fernandez-Cid, A.'   3  
'Sherestha, L.'       4  
'Burgess-Brown, N.A.' 5  
'von Delft, F.'       6  
'Arrowsmith, C.H.'    7  
'Edwards, A.'         8  
'Bountra, C.'         9  
'Gileadi, O.'         10 
# 
_citation.id                        primary 
_citation.title                     'PanDDA analysis group deposition' 
_citation.journal_abbrev            'To Be Published' 
_citation.journal_volume            ? 
_citation.page_first                ? 
_citation.page_last                 ? 
_citation.year                      ? 
_citation.journal_id_ASTM           ? 
_citation.country                   ? 
_citation.journal_id_ISSN           ? 
_citation.journal_id_CSD            0353 
_citation.book_publisher            ? 
_citation.pdbx_database_id_PubMed   ? 
_citation.pdbx_database_id_DOI      ? 
# 
loop_
_citation_author.citation_id 
_citation_author.name 
_citation_author.identifier_ORCID 
_citation_author.ordinal 
primary 'Newman, J.A.'        ? 1  
primary 'Gavard, A.E.'        ? 2  
primary 'Fernandez-Cid, A.'   ? 3  
primary 'Sherestha, L.'       ? 4  
primary 'Burgess-Brown, N.A.' ? 5  
primary 'von Delft, F.'       ? 6  
primary 'Arrowsmith, C.H.'    ? 7  
primary 'Edwards, A.'         ? 8  
primary 'Bountra, C.'         ? 9  
primary 'Gileadi, O.'         ? 10 
# 
loop_
_entity.id 
_entity.type 
_entity.src_method 
_entity.pdbx_description 
_entity.formula_weight 
_entity.pdbx_number_of_molecules 
_entity.pdbx_ec 
_entity.pdbx_mutation 
_entity.pdbx_fragment 
_entity.details 
1 polymer     man 'T-box transcription factor T'                           19597.586 1  ? ? ? ? 
2 non-polymer syn 'CADMIUM ION'                                            112.411   5  ? ? ? ? 
3 non-polymer syn 'N-{4-[(1S)-1-aminoethyl]phenyl}cyclopropanecarboxamide' 204.268   1  ? ? ? ? 
4 water       nat water                                                    18.015    69 ? ? ? ? 
# 
_entity_name_com.entity_id   1 
_entity_name_com.name        'Brachyury protein,Protein T' 
# 
_entity_poly.entity_id                      1 
_entity_poly.type                           'polypeptide(L)' 
_entity_poly.nstd_linkage                   no 
_entity_poly.nstd_monomer                   no 
_entity_poly.pdbx_seq_one_letter_code       
;GELRVGLEESELWLRFKELTNEMIVTKNGRRMFPVLKVNVSGLDPNAMYSFLLDFVAADNHRWKYVNGEWVPGGKPEPQA
PSCVYIHPDSPNFGAHWMKAPVSFSKVKLTNKLNGGGQIMLNSLHKYEPRIHIVRVGGPQRMITSHCFPETQFIAVTAYQ
NEEITALKIKYN
;
_entity_poly.pdbx_seq_one_letter_code_can   
;GELRVGLEESELWLRFKELTNEMIVTKNGRRMFPVLKVNVSGLDPNAMYSFLLDFVAADNHRWKYVNGEWVPGGKPEPQA
PSCVYIHPDSPNFGAHWMKAPVSFSKVKLTNKLNGGGQIMLNSLHKYEPRIHIVRVGGPQRMITSHCFPETQFIAVTAYQ
NEEITALKIKYN
;
_entity_poly.pdbx_strand_id                 A 
_entity_poly.pdbx_target_identifier         ? 
# 
loop_
_pdbx_entity_nonpoly.entity_id 
_pdbx_entity_nonpoly.name 
_pdbx_entity_nonpoly.comp_id 
2 'CADMIUM ION'                                            CD  
3 'N-{4-[(1S)-1-aminoethyl]phenyl}cyclopropanecarboxamide' NY4 
4 water                                                    HOH 
# 
loop_
_entity_poly_seq.entity_id 
_entity_poly_seq.num 
_entity_poly_seq.mon_id 
_entity_poly_seq.hetero 
1 1   GLY n 
1 2   GLU n 
1 3   LEU n 
1 4   ARG n 
1 5   VAL n 
1 6   GLY n 
1 7   LEU n 
1 8   GLU n 
1 9   GLU n 
1 10  SER n 
1 11  GLU n 
1 12  LEU n 
1 13  TRP n 
1 14  LEU n 
1 15  ARG n 
1 16  PHE n 
1 17  LYS n 
1 18  GLU n 
1 19  LEU n 
1 20  THR n 
1 21  ASN n 
1 22  GLU n 
1 23  MET n 
1 24  ILE n 
1 25  VAL n 
1 26  THR n 
1 27  LYS n 
1 28  ASN n 
1 29  GLY n 
1 30  ARG n 
1 31  ARG n 
1 32  MET n 
1 33  PHE n 
1 34  PRO n 
1 35  VAL n 
1 36  LEU n 
1 37  LYS n 
1 38  VAL n 
1 39  ASN n 
1 40  VAL n 
1 41  SER n 
1 42  GLY n 
1 43  LEU n 
1 44  ASP n 
1 45  PRO n 
1 46  ASN n 
1 47  ALA n 
1 48  MET n 
1 49  TYR n 
1 50  SER n 
1 51  PHE n 
1 52  LEU n 
1 53  LEU n 
1 54  ASP n 
1 55  PHE n 
1 56  VAL n 
1 57  ALA n 
1 58  ALA n 
1 59  ASP n 
1 60  ASN n 
1 61  HIS n 
1 62  ARG n 
1 63  TRP n 
1 64  LYS n 
1 65  TYR n 
1 66  VAL n 
1 67  ASN n 
1 68  GLY n 
1 69  GLU n 
1 70  TRP n 
1 71  VAL n 
1 72  PRO n 
1 73  GLY n 
1 74  GLY n 
1 75  LYS n 
1 76  PRO n 
1 77  GLU n 
1 78  PRO n 
1 79  GLN n 
1 80  ALA n 
1 81  PRO n 
1 82  SER n 
1 83  CYS n 
1 84  VAL n 
1 85  TYR n 
1 86  ILE n 
1 87  HIS n 
1 88  PRO n 
1 89  ASP n 
1 90  SER n 
1 91  PRO n 
1 92  ASN n 
1 93  PHE n 
1 94  GLY n 
1 95  ALA n 
1 96  HIS n 
1 97  TRP n 
1 98  MET n 
1 99  LYS n 
1 100 ALA n 
1 101 PRO n 
1 102 VAL n 
1 103 SER n 
1 104 PHE n 
1 105 SER n 
1 106 LYS n 
1 107 VAL n 
1 108 LYS n 
1 109 LEU n 
1 110 THR n 
1 111 ASN n 
1 112 LYS n 
1 113 LEU n 
1 114 ASN n 
1 115 GLY n 
1 116 GLY n 
1 117 GLY n 
1 118 GLN n 
1 119 ILE n 
1 120 MET n 
1 121 LEU n 
1 122 ASN n 
1 123 SER n 
1 124 LEU n 
1 125 HIS n 
1 126 LYS n 
1 127 TYR n 
1 128 GLU n 
1 129 PRO n 
1 130 ARG n 
1 131 ILE n 
1 132 HIS n 
1 133 ILE n 
1 134 VAL n 
1 135 ARG n 
1 136 VAL n 
1 137 GLY n 
1 138 GLY n 
1 139 PRO n 
1 140 GLN n 
1 141 ARG n 
1 142 MET n 
1 143 ILE n 
1 144 THR n 
1 145 SER n 
1 146 HIS n 
1 147 CYS n 
1 148 PHE n 
1 149 PRO n 
1 150 GLU n 
1 151 THR n 
1 152 GLN n 
1 153 PHE n 
1 154 ILE n 
1 155 ALA n 
1 156 VAL n 
1 157 THR n 
1 158 ALA n 
1 159 TYR n 
1 160 GLN n 
1 161 ASN n 
1 162 GLU n 
1 163 GLU n 
1 164 ILE n 
1 165 THR n 
1 166 ALA n 
1 167 LEU n 
1 168 LYS n 
1 169 ILE n 
1 170 LYS n 
1 171 TYR n 
1 172 ASN n 
# 
_entity_src_gen.entity_id                          1 
_entity_src_gen.pdbx_src_id                        1 
_entity_src_gen.pdbx_alt_source_flag               sample 
_entity_src_gen.pdbx_seq_type                      'Biological sequence' 
_entity_src_gen.pdbx_beg_seq_num                   1 
_entity_src_gen.pdbx_end_seq_num                   172 
_entity_src_gen.gene_src_common_name               Human 
_entity_src_gen.gene_src_genus                     ? 
_entity_src_gen.pdbx_gene_src_gene                 'TBXT, T' 
_entity_src_gen.gene_src_species                   ? 
_entity_src_gen.gene_src_strain                    ? 
_entity_src_gen.gene_src_tissue                    ? 
_entity_src_gen.gene_src_tissue_fraction           ? 
_entity_src_gen.gene_src_details                   ? 
_entity_src_gen.pdbx_gene_src_fragment             ? 
_entity_src_gen.pdbx_gene_src_scientific_name      'Homo sapiens' 
_entity_src_gen.pdbx_gene_src_ncbi_taxonomy_id     9606 
_entity_src_gen.pdbx_gene_src_variant              ? 
_entity_src_gen.pdbx_gene_src_cell_line            ? 
_entity_src_gen.pdbx_gene_src_atcc                 ? 
_entity_src_gen.pdbx_gene_src_organ                ? 
_entity_src_gen.pdbx_gene_src_organelle            ? 
_entity_src_gen.pdbx_gene_src_cell                 ? 
_entity_src_gen.pdbx_gene_src_cellular_location    ? 
_entity_src_gen.host_org_common_name               ? 
_entity_src_gen.pdbx_host_org_scientific_name      'Escherichia coli' 
_entity_src_gen.pdbx_host_org_ncbi_taxonomy_id     562 
_entity_src_gen.host_org_genus                     ? 
_entity_src_gen.pdbx_host_org_gene                 ? 
_entity_src_gen.pdbx_host_org_organ                ? 
_entity_src_gen.host_org_species                   ? 
_entity_src_gen.pdbx_host_org_tissue               ? 
_entity_src_gen.pdbx_host_org_tissue_fraction      ? 
_entity_src_gen.pdbx_host_org_strain               ? 
_entity_src_gen.pdbx_host_org_variant              ? 
_entity_src_gen.pdbx_host_org_cell_line            ? 
_entity_src_gen.pdbx_host_org_atcc                 ? 
_entity_src_gen.pdbx_host_org_culture_collection   ? 
_entity_src_gen.pdbx_host_org_cell                 ? 
_entity_src_gen.pdbx_host_org_organelle            ? 
_entity_src_gen.pdbx_host_org_cellular_location    ? 
_entity_src_gen.pdbx_host_org_vector_type          ? 
_entity_src_gen.pdbx_host_org_vector               ? 
_entity_src_gen.host_org_details                   ? 
_entity_src_gen.expression_system_id               ? 
_entity_src_gen.plasmid_name                       ? 
_entity_src_gen.plasmid_details                    ? 
_entity_src_gen.pdbx_description                   ? 
# 
loop_
_chem_comp.id 
_chem_comp.type 
_chem_comp.mon_nstd_flag 
_chem_comp.name 
_chem_comp.pdbx_synonyms 
_chem_comp.formula 
_chem_comp.formula_weight 
ALA 'L-peptide linking' y ALANINE                                                  ? 'C3 H7 N O2'     89.093  
ARG 'L-peptide linking' y ARGININE                                                 ? 'C6 H15 N4 O2 1' 175.209 
ASN 'L-peptide linking' y ASPARAGINE                                               ? 'C4 H8 N2 O3'    132.118 
ASP 'L-peptide linking' y 'ASPARTIC ACID'                                          ? 'C4 H7 N O4'     133.103 
CD  non-polymer         . 'CADMIUM ION'                                            ? 'Cd 2'           112.411 
CYS 'L-peptide linking' y CYSTEINE                                                 ? 'C3 H7 N O2 S'   121.158 
GLN 'L-peptide linking' y GLUTAMINE                                                ? 'C5 H10 N2 O3'   146.144 
GLU 'L-peptide linking' y 'GLUTAMIC ACID'                                          ? 'C5 H9 N O4'     147.129 
GLY 'peptide linking'   y GLYCINE                                                  ? 'C2 H5 N O2'     75.067  
HIS 'L-peptide linking' y HISTIDINE                                                ? 'C6 H10 N3 O2 1' 156.162 
HOH non-polymer         . WATER                                                    ? 'H2 O'           18.015  
ILE 'L-peptide linking' y ISOLEUCINE                                               ? 'C6 H13 N O2'    131.173 
LEU 'L-peptide linking' y LEUCINE                                                  ? 'C6 H13 N O2'    131.173 
LYS 'L-peptide linking' y LYSINE                                                   ? 'C6 H15 N2 O2 1' 147.195 
MET 'L-peptide linking' y METHIONINE                                               ? 'C5 H11 N O2 S'  149.211 
NY4 non-polymer         . 'N-{4-[(1S)-1-aminoethyl]phenyl}cyclopropanecarboxamide' ? 'C12 H16 N2 O'   204.268 
PHE 'L-peptide linking' y PHENYLALANINE                                            ? 'C9 H11 N O2'    165.189 
PRO 'L-peptide linking' y PROLINE                                                  ? 'C5 H9 N O2'     115.130 
SER 'L-peptide linking' y SERINE                                                   ? 'C3 H7 N O3'     105.093 
THR 'L-peptide linking' y THREONINE                                                ? 'C4 H9 N O3'     119.119 
TRP 'L-peptide linking' y TRYPTOPHAN                                               ? 'C11 H12 N2 O2'  204.225 
TYR 'L-peptide linking' y TYROSINE                                                 ? 'C9 H11 N O3'    181.189 
VAL 'L-peptide linking' y VALINE                                                   ? 'C5 H11 N O2'    117.146 
# 
loop_
_pdbx_poly_seq_scheme.asym_id 
_pdbx_poly_seq_scheme.entity_id 
_pdbx_poly_seq_scheme.seq_id 
_pdbx_poly_seq_scheme.mon_id 
_pdbx_poly_seq_scheme.ndb_seq_num 
_pdbx_poly_seq_scheme.pdb_seq_num 
_pdbx_poly_seq_scheme.auth_seq_num 
_pdbx_poly_seq_scheme.pdb_mon_id 
_pdbx_poly_seq_scheme.auth_mon_id 
_pdbx_poly_seq_scheme.pdb_strand_id 
_pdbx_poly_seq_scheme.pdb_ins_code 
_pdbx_poly_seq_scheme.hetero 
A 1 1   GLY 1   40  ?   ?   ?   A . n 
A 1 2   GLU 2   41  41  GLU GLU A . n 
A 1 3   LEU 3   42  42  LEU LEU A . n 
A 1 4   ARG 4   43  43  ARG ARG A . n 
A 1 5   VAL 5   44  44  VAL VAL A . n 
A 1 6   GLY 6   45  45  GLY GLY A . n 
A 1 7   LEU 7   46  46  LEU LEU A . n 
A 1 8   GLU 8   47  47  GLU GLU A . n 
A 1 9   GLU 9   48  48  GLU GLU A . n 
A 1 10  SER 10  49  49  SER SER A . n 
A 1 11  GLU 11  50  50  GLU GLU A . n 
A 1 12  LEU 12  51  51  LEU LEU A . n 
A 1 13  TRP 13  52  52  TRP TRP A . n 
A 1 14  LEU 14  53  53  LEU LEU A . n 
A 1 15  ARG 15  54  54  ARG ARG A . n 
A 1 16  PHE 16  55  55  PHE PHE A . n 
A 1 17  LYS 17  56  56  LYS LYS A . n 
A 1 18  GLU 18  57  57  GLU GLU A . n 
A 1 19  LEU 19  58  58  LEU LEU A . n 
A 1 20  THR 20  59  59  THR THR A . n 
A 1 21  ASN 21  60  60  ASN ASN A . n 
A 1 22  GLU 22  61  61  GLU GLU A . n 
A 1 23  MET 23  62  62  MET MET A . n 
A 1 24  ILE 24  63  63  ILE ILE A . n 
A 1 25  VAL 25  64  64  VAL VAL A . n 
A 1 26  THR 26  65  65  THR THR A . n 
A 1 27  LYS 27  66  66  LYS LYS A . n 
A 1 28  ASN 28  67  67  ASN ASN A . n 
A 1 29  GLY 29  68  68  GLY GLY A . n 
A 1 30  ARG 30  69  69  ARG ARG A . n 
A 1 31  ARG 31  70  70  ARG ARG A . n 
A 1 32  MET 32  71  71  MET MET A . n 
A 1 33  PHE 33  72  72  PHE PHE A . n 
A 1 34  PRO 34  73  73  PRO PRO A . n 
A 1 35  VAL 35  74  74  VAL VAL A . n 
A 1 36  LEU 36  75  75  LEU LEU A . n 
A 1 37  LYS 37  76  76  LYS LYS A . n 
A 1 38  VAL 38  77  77  VAL VAL A . n 
A 1 39  ASN 39  78  78  ASN ASN A . n 
A 1 40  VAL 40  79  79  VAL VAL A . n 
A 1 41  SER 41  80  80  SER SER A . n 
A 1 42  GLY 42  81  81  GLY GLY A . n 
A 1 43  LEU 43  82  82  LEU LEU A . n 
A 1 44  ASP 44  83  83  ASP ASP A . n 
A 1 45  PRO 45  84  84  PRO PRO A . n 
A 1 46  ASN 46  85  85  ASN ASN A . n 
A 1 47  ALA 47  86  86  ALA ALA A . n 
A 1 48  MET 48  87  87  MET MET A . n 
A 1 49  TYR 49  88  88  TYR TYR A . n 
A 1 50  SER 50  89  89  SER SER A . n 
A 1 51  PHE 51  90  90  PHE PHE A . n 
A 1 52  LEU 52  91  91  LEU LEU A . n 
A 1 53  LEU 53  92  92  LEU LEU A . n 
A 1 54  ASP 54  93  93  ASP ASP A . n 
A 1 55  PHE 55  94  94  PHE PHE A . n 
A 1 56  VAL 56  95  95  VAL VAL A . n 
A 1 57  ALA 57  96  96  ALA ALA A . n 
A 1 58  ALA 58  97  97  ALA ALA A . n 
A 1 59  ASP 59  98  98  ASP ASP A . n 
A 1 60  ASN 60  99  99  ASN ASN A . n 
A 1 61  HIS 61  100 100 HIS HIS A . n 
A 1 62  ARG 62  101 101 ARG ARG A . n 
A 1 63  TRP 63  102 102 TRP TRP A . n 
A 1 64  LYS 64  103 103 LYS LYS A . n 
A 1 65  TYR 65  104 104 TYR TYR A . n 
A 1 66  VAL 66  105 105 VAL VAL A . n 
A 1 67  ASN 67  106 106 ASN ASN A . n 
A 1 68  GLY 68  107 107 GLY GLY A . n 
A 1 69  GLU 69  108 108 GLU GLU A . n 
A 1 70  TRP 70  109 109 TRP TRP A . n 
A 1 71  VAL 71  110 110 VAL VAL A . n 
A 1 72  PRO 72  111 111 PRO PRO A . n 
A 1 73  GLY 73  112 112 GLY GLY A . n 
A 1 74  GLY 74  113 113 GLY GLY A . n 
A 1 75  LYS 75  114 114 LYS LYS A . n 
A 1 76  PRO 76  115 115 PRO PRO A . n 
A 1 77  GLU 77  116 116 GLU GLU A . n 
A 1 78  PRO 78  117 117 PRO PRO A . n 
A 1 79  GLN 79  118 118 GLN GLN A . n 
A 1 80  ALA 80  119 119 ALA ALA A . n 
A 1 81  PRO 81  120 120 PRO PRO A . n 
A 1 82  SER 82  121 121 SER SER A . n 
A 1 83  CYS 83  122 122 CYS CYS A . n 
A 1 84  VAL 84  123 123 VAL VAL A . n 
A 1 85  TYR 85  124 124 TYR TYR A . n 
A 1 86  ILE 86  125 125 ILE ILE A . n 
A 1 87  HIS 87  126 126 HIS HIS A . n 
A 1 88  PRO 88  127 127 PRO PRO A . n 
A 1 89  ASP 89  128 128 ASP ASP A . n 
A 1 90  SER 90  129 129 SER SER A . n 
A 1 91  PRO 91  130 130 PRO PRO A . n 
A 1 92  ASN 92  131 131 ASN ASN A . n 
A 1 93  PHE 93  132 132 PHE PHE A . n 
A 1 94  GLY 94  133 133 GLY GLY A . n 
A 1 95  ALA 95  134 134 ALA ALA A . n 
A 1 96  HIS 96  135 135 HIS HIS A . n 
A 1 97  TRP 97  136 136 TRP TRP A . n 
A 1 98  MET 98  137 137 MET MET A . n 
A 1 99  LYS 99  138 138 LYS LYS A . n 
A 1 100 ALA 100 139 139 ALA ALA A . n 
A 1 101 PRO 101 140 140 PRO PRO A . n 
A 1 102 VAL 102 141 141 VAL VAL A . n 
A 1 103 SER 103 142 142 SER SER A . n 
A 1 104 PHE 104 143 143 PHE PHE A . n 
A 1 105 SER 105 144 144 SER SER A . n 
A 1 106 LYS 106 145 145 LYS LYS A . n 
A 1 107 VAL 107 146 146 VAL VAL A . n 
A 1 108 LYS 108 147 147 LYS LYS A . n 
A 1 109 LEU 109 148 148 LEU LEU A . n 
A 1 110 THR 110 149 149 THR THR A . n 
A 1 111 ASN 111 150 150 ASN ASN A . n 
A 1 112 LYS 112 151 151 LYS LYS A . n 
A 1 113 LEU 113 152 152 LEU LEU A . n 
A 1 114 ASN 114 153 153 ASN ASN A . n 
A 1 115 GLY 115 154 154 GLY GLY A . n 
A 1 116 GLY 116 155 155 GLY GLY A . n 
A 1 117 GLY 117 156 156 GLY GLY A . n 
A 1 118 GLN 118 157 157 GLN GLN A . n 
A 1 119 ILE 119 158 158 ILE ILE A . n 
A 1 120 MET 120 159 159 MET MET A . n 
A 1 121 LEU 121 160 160 LEU LEU A . n 
A 1 122 ASN 122 161 161 ASN ASN A . n 
A 1 123 SER 123 162 162 SER SER A . n 
A 1 124 LEU 124 163 163 LEU LEU A . n 
A 1 125 HIS 125 164 164 HIS HIS A . n 
A 1 126 LYS 126 165 165 LYS LYS A . n 
A 1 127 TYR 127 166 166 TYR TYR A . n 
A 1 128 GLU 128 167 167 GLU GLU A . n 
A 1 129 PRO 129 168 168 PRO PRO A . n 
A 1 130 ARG 130 169 169 ARG ARG A . n 
A 1 131 ILE 131 170 170 ILE ILE A . n 
A 1 132 HIS 132 171 171 HIS HIS A . n 
A 1 133 ILE 133 172 172 ILE ILE A . n 
A 1 134 VAL 134 173 173 VAL VAL A . n 
A 1 135 ARG 135 174 174 ARG ARG A . n 
A 1 136 VAL 136 175 175 VAL VAL A . n 
A 1 137 GLY 137 176 176 GLY GLY A . n 
A 1 138 GLY 138 177 177 GLY GLY A . n 
A 1 139 PRO 139 178 178 PRO PRO A . n 
A 1 140 GLN 140 179 179 GLN GLN A . n 
A 1 141 ARG 141 180 180 ARG ARG A . n 
A 1 142 MET 142 181 181 MET MET A . n 
A 1 143 ILE 143 182 182 ILE ILE A . n 
A 1 144 THR 144 183 183 THR THR A . n 
A 1 145 SER 145 184 184 SER SER A . n 
A 1 146 HIS 146 185 185 HIS HIS A . n 
A 1 147 CYS 147 186 186 CYS CYS A . n 
A 1 148 PHE 148 187 187 PHE PHE A . n 
A 1 149 PRO 149 188 188 PRO PRO A . n 
A 1 150 GLU 150 189 189 GLU GLU A . n 
A 1 151 THR 151 190 190 THR THR A . n 
A 1 152 GLN 152 191 191 GLN GLN A . n 
A 1 153 PHE 153 192 192 PHE PHE A . n 
A 1 154 ILE 154 193 193 ILE ILE A . n 
A 1 155 ALA 155 194 194 ALA ALA A . n 
A 1 156 VAL 156 195 195 VAL VAL A . n 
A 1 157 THR 157 196 196 THR THR A . n 
A 1 158 ALA 158 197 197 ALA ALA A . n 
A 1 159 TYR 159 198 198 TYR TYR A . n 
A 1 160 GLN 160 199 199 GLN GLN A . n 
A 1 161 ASN 161 200 200 ASN ASN A . n 
A 1 162 GLU 162 201 201 GLU GLU A . n 
A 1 163 GLU 163 202 202 GLU GLU A . n 
A 1 164 ILE 164 203 203 ILE ILE A . n 
A 1 165 THR 165 204 204 THR THR A . n 
A 1 166 ALA 166 205 205 ALA ALA A . n 
A 1 167 LEU 167 206 206 LEU LEU A . n 
A 1 168 LYS 168 207 207 LYS LYS A . n 
A 1 169 ILE 169 208 208 ILE ILE A . n 
A 1 170 LYS 170 209 209 LYS LYS A . n 
A 1 171 TYR 171 210 210 TYR TYR A . n 
A 1 172 ASN 172 211 211 ASN ASN A . n 
# 
loop_
_pdbx_nonpoly_scheme.asym_id 
_pdbx_nonpoly_scheme.entity_id 
_pdbx_nonpoly_scheme.mon_id 
_pdbx_nonpoly_scheme.ndb_seq_num 
_pdbx_nonpoly_scheme.pdb_seq_num 
_pdbx_nonpoly_scheme.auth_seq_num 
_pdbx_nonpoly_scheme.pdb_mon_id 
_pdbx_nonpoly_scheme.auth_mon_id 
_pdbx_nonpoly_scheme.pdb_strand_id 
_pdbx_nonpoly_scheme.pdb_ins_code 
B 2 CD  1  301 1  CD  CD  A . 
C 2 CD  1  302 2  CD  CD  A . 
D 2 CD  1  303 3  CD  CD  A . 
E 2 CD  1  304 4  CD  CD  A . 
F 2 CD  1  305 5  CD  CD  A . 
G 3 NY4 1  306 1  NY4 LIG A . 
H 4 HOH 1  401 79 HOH HOH A . 
H 4 HOH 2  402 53 HOH HOH A . 
H 4 HOH 3  403 48 HOH HOH A . 
H 4 HOH 4  404 44 HOH HOH A . 
H 4 HOH 5  405 68 HOH HOH A . 
H 4 HOH 6  406 24 HOH HOH A . 
H 4 HOH 7  407 58 HOH HOH A . 
H 4 HOH 8  408 45 HOH HOH A . 
H 4 HOH 9  409 61 HOH HOH A . 
H 4 HOH 10 410 14 HOH HOH A . 
H 4 HOH 11 411 16 HOH HOH A . 
H 4 HOH 12 412 21 HOH HOH A . 
H 4 HOH 13 413 54 HOH HOH A . 
H 4 HOH 14 414 52 HOH HOH A . 
H 4 HOH 15 415 56 HOH HOH A . 
H 4 HOH 16 416 41 HOH HOH A . 
H 4 HOH 17 417 60 HOH HOH A . 
H 4 HOH 18 418 71 HOH HOH A . 
H 4 HOH 19 419 45 HOH HOH A . 
H 4 HOH 20 420 31 HOH HOH A . 
H 4 HOH 21 421 18 HOH HOH A . 
H 4 HOH 22 422 51 HOH HOH A . 
H 4 HOH 23 423 4  HOH HOH A . 
H 4 HOH 24 424 75 HOH HOH A . 
H 4 HOH 25 425 47 HOH HOH A . 
H 4 HOH 26 426 52 HOH HOH A . 
H 4 HOH 27 427 32 HOH HOH A . 
H 4 HOH 28 428 10 HOH HOH A . 
H 4 HOH 29 429 67 HOH HOH A . 
H 4 HOH 30 430 50 HOH HOH A . 
H 4 HOH 31 431 49 HOH HOH A . 
H 4 HOH 32 432 6  HOH HOH A . 
H 4 HOH 33 433 8  HOH HOH A . 
H 4 HOH 34 434 33 HOH HOH A . 
H 4 HOH 35 435 1  HOH HOH A . 
H 4 HOH 36 436 73 HOH HOH A . 
H 4 HOH 37 437 8  HOH HOH A . 
H 4 HOH 38 438 17 HOH HOH A . 
H 4 HOH 39 439 55 HOH HOH A . 
H 4 HOH 40 440 64 HOH HOH A . 
H 4 HOH 41 441 69 HOH HOH A . 
H 4 HOH 42 442 57 HOH HOH A . 
H 4 HOH 43 443 14 HOH HOH A . 
H 4 HOH 44 444 23 HOH HOH A . 
H 4 HOH 45 445 12 HOH HOH A . 
H 4 HOH 46 446 66 HOH HOH A . 
H 4 HOH 47 447 2  HOH HOH A . 
H 4 HOH 48 448 46 HOH HOH A . 
H 4 HOH 49 449 28 HOH HOH A . 
H 4 HOH 50 450 77 HOH HOH A . 
H 4 HOH 51 451 30 HOH HOH A . 
H 4 HOH 52 452 4  HOH HOH A . 
H 4 HOH 53 453 65 HOH HOH A . 
H 4 HOH 54 454 11 HOH HOH A . 
H 4 HOH 55 455 6  HOH HOH A . 
H 4 HOH 56 456 1  HOH HOH A . 
H 4 HOH 57 457 7  HOH HOH A . 
H 4 HOH 58 458 5  HOH HOH A . 
H 4 HOH 59 459 3  HOH HOH A . 
H 4 HOH 60 460 3  HOH HOH A . 
H 4 HOH 61 461 72 HOH HOH A . 
H 4 HOH 62 462 10 HOH HOH A . 
H 4 HOH 63 463 63 HOH HOH A . 
H 4 HOH 64 464 62 HOH HOH A . 
H 4 HOH 65 465 78 HOH HOH A . 
H 4 HOH 66 466 43 HOH HOH A . 
H 4 HOH 67 467 16 HOH HOH A . 
H 4 HOH 68 468 17 HOH HOH A . 
H 4 HOH 69 469 18 HOH HOH A . 
# 
loop_
_pdbx_unobs_or_zero_occ_atoms.id 
_pdbx_unobs_or_zero_occ_atoms.PDB_model_num 
_pdbx_unobs_or_zero_occ_atoms.polymer_flag 
_pdbx_unobs_or_zero_occ_atoms.occupancy_flag 
_pdbx_unobs_or_zero_occ_atoms.auth_asym_id 
_pdbx_unobs_or_zero_occ_atoms.auth_comp_id 
_pdbx_unobs_or_zero_occ_atoms.auth_seq_id 
_pdbx_unobs_or_zero_occ_atoms.PDB_ins_code 
_pdbx_unobs_or_zero_occ_atoms.auth_atom_id 
_pdbx_unobs_or_zero_occ_atoms.label_alt_id 
_pdbx_unobs_or_zero_occ_atoms.label_asym_id 
_pdbx_unobs_or_zero_occ_atoms.label_comp_id 
_pdbx_unobs_or_zero_occ_atoms.label_seq_id 
_pdbx_unobs_or_zero_occ_atoms.label_atom_id 
1 1 Y 1 A ARG 43 ? CG  ? A ARG 4 CG  
2 1 Y 1 A ARG 43 ? CD  ? A ARG 4 CD  
3 1 Y 1 A ARG 43 ? NE  ? A ARG 4 NE  
4 1 Y 1 A ARG 43 ? CZ  ? A ARG 4 CZ  
5 1 Y 1 A ARG 43 ? NH1 ? A ARG 4 NH1 
6 1 Y 1 A ARG 43 ? NH2 ? A ARG 4 NH2 
# 
loop_
_software.pdbx_ordinal 
_software.name 
_software.version 
_software.date 
_software.type 
_software.contact_author 
_software.contact_author_email 
_software.classification 
_software.location 
_software.language 
_software.citation_id 
1 REFMAC      5.8.0238 ?               program 'Garib N. Murshudov' garib@ysbl.york.ac.uk    refinement        
http://www.ccp4.ac.uk/dist/html/refmac5.html        Fortran_77 ? 
2 Aimless     0.7.1    27/03/18        program 'Phil Evans'         ?                        'data scaling'    
http://www.mrc-lmb.cam.ac.uk/harry/pre/aimless.html ?          ? 
3 PDB_EXTRACT 3.23     'SEP. 23, 2016' package PDB                  deposit@deposit.rcsb.org 'data extraction' 
http://sw-tools.pdb.org/apps/PDB_EXTRACT/           C++        ? 
4 XDS         .        ?               program ?                    ?                        'data reduction'  ? ?          ? 
5 REFMAC      .        ?               program ?                    ?                        phasing           ? ?          ? 
# 
_cell.entry_id           5QRS 
_cell.length_a           59.871 
_cell.length_b           59.871 
_cell.length_c           110.259 
_cell.angle_alpha        90.000 
_cell.angle_beta         90.000 
_cell.angle_gamma        90.000 
_cell.Z_PDB              8 
_cell.pdbx_unique_axis   ? 
# 
_symmetry.entry_id                         5QRS 
_symmetry.Int_Tables_number                91 
_symmetry.space_group_name_H-M             'P 41 2 2' 
_symmetry.pdbx_full_space_group_name_H-M   ? 
_symmetry.cell_setting                     ? 
# 
_exptl.crystals_number   1 
_exptl.entry_id          5QRS 
_exptl.method            'X-RAY DIFFRACTION' 
# 
_exptl_crystal.id                    1 
_exptl_crystal.pdbx_mosaicity        0.000 
_exptl_crystal.pdbx_mosaicity_esd    ? 
_exptl_crystal.density_Matthews      2.52 
_exptl_crystal.density_diffrn        ? 
_exptl_crystal.density_meas          ? 
_exptl_crystal.density_meas_temp     ? 
_exptl_crystal.density_percent_sol   51.21 
_exptl_crystal.size_max              ? 
_exptl_crystal.size_mid              ? 
_exptl_crystal.size_min              ? 
_exptl_crystal.size_rad              ? 
_exptl_crystal.description           ? 
# 
_exptl_crystal_grow.crystal_id      1 
_exptl_crystal_grow.method          'VAPOR DIFFUSION, SITTING DROP' 
_exptl_crystal_grow.pH              4.5 
_exptl_crystal_grow.temp            298 
_exptl_crystal_grow.pdbx_details    '0.1 M CdCl, 0.1 M Acetate pH 4.5, 32% PEG 400' 
_exptl_crystal_grow.temp_details    ? 
_exptl_crystal_grow.pdbx_pH_range   ? 
# 
_diffrn.id                     1 
_diffrn.ambient_temp           100 
_diffrn.crystal_id             1 
_diffrn.ambient_temp_details   ? 
# 
_diffrn_detector.detector               PIXEL 
_diffrn_detector.type                   'DECTRIS PILATUS 6M' 
_diffrn_detector.pdbx_collection_date   2018-07-21 
_diffrn_detector.diffrn_id              1 
_diffrn_detector.details                ? 
# 
_diffrn_radiation.diffrn_id                        1 
_diffrn_radiation.wavelength_id                    1 
_diffrn_radiation.pdbx_diffrn_protocol             'SINGLE WAVELENGTH' 
_diffrn_radiation.pdbx_monochromatic_or_laue_m_l   M 
_diffrn_radiation.monochromator                    ? 
_diffrn_radiation.pdbx_scattering_type             x-ray 
# 
_diffrn_radiation_wavelength.id           1 
_diffrn_radiation_wavelength.wavelength   0.91587 
_diffrn_radiation_wavelength.wt           1.0 
# 
_diffrn_source.diffrn_id                   1 
_diffrn_source.source                      SYNCHROTRON 
_diffrn_source.type                        'DIAMOND BEAMLINE I04-1' 
_diffrn_source.pdbx_wavelength_list        0.91587 
_diffrn_source.pdbx_synchrotron_site       Diamond 
_diffrn_source.pdbx_synchrotron_beamline   I04-1 
_diffrn_source.pdbx_wavelength             ? 
# 
_reflns.entry_id                     5QRS 
_reflns.pdbx_diffrn_id               1 
_reflns.pdbx_ordinal                 1 
_reflns.observed_criterion_sigma_I   ? 
_reflns.observed_criterion_sigma_F   ? 
_reflns.d_resolution_low             110.250 
_reflns.d_resolution_high            2.060 
_reflns.number_obs                   13075 
_reflns.number_all                   ? 
_reflns.percent_possible_obs         100.000 
_reflns.pdbx_Rmerge_I_obs            0.428 
_reflns.pdbx_Rsym_value              ? 
_reflns.pdbx_netI_over_sigmaI        10.300 
_reflns.B_iso_Wilson_estimate        ? 
_reflns.pdbx_redundancy              11.900 
_reflns.pdbx_Rrim_I_all              0.448 
_reflns.pdbx_Rpim_I_all              0.129 
_reflns.pdbx_CC_half                 0.989 
_reflns.pdbx_netI_over_av_sigmaI     ? 
_reflns.pdbx_number_measured_all     156038 
_reflns.pdbx_scaling_rejects         6907 
_reflns.pdbx_chi_squared             ? 
_reflns.Rmerge_F_all                 ? 
_reflns.Rmerge_F_obs                 ? 
_reflns.observed_criterion_F_max     ? 
_reflns.observed_criterion_F_min     ? 
_reflns.observed_criterion_I_max     ? 
_reflns.observed_criterion_I_min     ? 
_reflns.pdbx_d_res_high_opt          ? 
_reflns.pdbx_d_res_low_opt           ? 
_reflns.details                      ? 
# 
loop_
_reflns_shell.pdbx_diffrn_id 
_reflns_shell.pdbx_ordinal 
_reflns_shell.d_res_high 
_reflns_shell.d_res_low 
_reflns_shell.number_measured_obs 
_reflns_shell.number_measured_all 
_reflns_shell.number_unique_obs 
_reflns_shell.pdbx_rejects 
_reflns_shell.Rmerge_I_obs 
_reflns_shell.meanI_over_sigI_obs 
_reflns_shell.pdbx_Rsym_value 
_reflns_shell.pdbx_chi_squared 
_reflns_shell.pdbx_redundancy 
_reflns_shell.percent_possible_obs 
_reflns_shell.pdbx_netI_over_sigmaI_obs 
_reflns_shell.number_possible 
_reflns_shell.number_unique_all 
_reflns_shell.Rmerge_F_all 
_reflns_shell.Rmerge_F_obs 
_reflns_shell.Rmerge_I_all 
_reflns_shell.meanI_over_sigI_all 
_reflns_shell.percent_possible_all 
_reflns_shell.pdbx_Rrim_I_all 
_reflns_shell.pdbx_Rpim_I_all 
_reflns_shell.pdbx_CC_half 
1 1 2.060 2.110   ? 10508 ? ? 5.119 ? ? ? 11.300 ? 2.800  ? 934 ? ? ? ? 100.000 5.370 1.605 0.467 
1 2 9.210 110.250 ? 2043  ? ? 0.076 ? ? ? 10.200 ? 21.900 ? 200 ? ? ? ? 99.900  0.081 0.027 0.984 
# 
_refine.entry_id                                 5QRS 
_refine.pdbx_refine_id                           'X-RAY DIFFRACTION' 
_refine.ls_d_res_high                            2.0600 
_refine.ls_d_res_low                             59.8700 
_refine.pdbx_ls_sigma_F                          0.000 
_refine.pdbx_data_cutoff_high_absF               ? 
_refine.pdbx_data_cutoff_low_absF                ? 
_refine.ls_percent_reflns_obs                    99.8800 
_refine.ls_number_reflns_obs                     12406 
_refine.ls_number_reflns_all                     ? 
_refine.pdbx_ls_cross_valid_method               THROUGHOUT 
_refine.ls_matrix_type                           ? 
_refine.pdbx_R_Free_selection_details            RANDOM 
_refine.details                                  
'HYDROGENS HAVE BEEN ADDED IN THE RIDING POSITIONS U VALUES      : REFINED INDIVIDUALLY' 
_refine.ls_R_factor_all                          ? 
_refine.ls_R_factor_obs                          0.2156 
_refine.ls_R_factor_R_work                       0.2135 
_refine.ls_wR_factor_R_work                      ? 
_refine.ls_R_factor_R_free                       0.2605 
_refine.ls_wR_factor_R_free                      ? 
_refine.ls_percent_reflns_R_free                 4.8000 
_refine.ls_number_reflns_R_free                  629 
_refine.ls_number_reflns_R_work                  ? 
_refine.ls_R_factor_R_free_error                 ? 
_refine.B_iso_mean                               40.1330 
_refine.solvent_model_param_bsol                 ? 
_refine.solvent_model_param_ksol                 ? 
_refine.pdbx_isotropic_thermal_model             ? 
_refine.aniso_B[1][1]                            1.6000 
_refine.aniso_B[2][2]                            1.6000 
_refine.aniso_B[3][3]                            -3.2100 
_refine.aniso_B[1][2]                            -0.0000 
_refine.aniso_B[1][3]                            -0.0000 
_refine.aniso_B[2][3]                            0.0000 
_refine.correlation_coeff_Fo_to_Fc               0.9430 
_refine.correlation_coeff_Fo_to_Fc_free          0.9190 
_refine.overall_SU_R_Cruickshank_DPI             ? 
_refine.pdbx_overall_SU_R_free_Cruickshank_DPI   ? 
_refine.pdbx_overall_SU_R_Blow_DPI               ? 
_refine.pdbx_overall_SU_R_free_Blow_DPI          ? 
_refine.overall_SU_R_free                        ? 
_refine.pdbx_overall_ESU_R                       0.2170 
_refine.pdbx_overall_ESU_R_Free                  0.1900 
_refine.overall_SU_ML                            0.1430 
_refine.overall_SU_B                             5.4770 
_refine.solvent_model_details                    MASK 
_refine.pdbx_solvent_vdw_probe_radii             1.2000 
_refine.pdbx_solvent_ion_probe_radii             0.8000 
_refine.pdbx_solvent_shrinkage_radii             0.8000 
_refine.ls_number_parameters                     ? 
_refine.ls_number_restraints                     ? 
_refine.pdbx_starting_model                      6f58 
_refine.pdbx_method_to_determine_struct          'FOURIER SYNTHESIS' 
_refine.pdbx_stereochemistry_target_values       'MAXIMUM LIKELIHOOD' 
_refine.pdbx_stereochem_target_val_spec_case     ? 
_refine.overall_FOM_work_R_set                   ? 
_refine.B_iso_max                                108.940 
_refine.B_iso_min                                14.550 
_refine.pdbx_overall_phase_error                 ? 
_refine.occupancy_max                            ? 
_refine.occupancy_min                            ? 
_refine.pdbx_diffrn_id                           1 
_refine.pdbx_TLS_residual_ADP_flag               ? 
_refine.pdbx_ls_sigma_I                          ? 
_refine.pdbx_data_cutoff_high_rms_absF           ? 
_refine.ls_R_factor_R_free_error_details         ? 
# 
_refine_hist.cycle_id                         final 
_refine_hist.pdbx_refine_id                   'X-RAY DIFFRACTION' 
_refine_hist.d_res_high                       2.0600 
_refine_hist.d_res_low                        59.8700 
_refine_hist.pdbx_number_atoms_ligand         19 
_refine_hist.number_atoms_solvent             69 
_refine_hist.number_atoms_total               1457 
_refine_hist.pdbx_number_residues_total       172 
_refine_hist.pdbx_B_iso_mean_ligand           80.08 
_refine_hist.pdbx_B_iso_mean_solvent          37.76 
_refine_hist.pdbx_number_atoms_protein        1369 
_refine_hist.pdbx_number_atoms_nucleic_acid   0 
# 
loop_
_refine_ls_restr.pdbx_refine_id 
_refine_ls_restr.type 
_refine_ls_restr.number 
_refine_ls_restr.dev_ideal 
_refine_ls_restr.dev_ideal_target 
_refine_ls_restr.weight 
_refine_ls_restr.pdbx_restraint_function 
'X-RAY DIFFRACTION' r_bond_refined_d       1495 0.006  0.013  ? ? 
'X-RAY DIFFRACTION' r_bond_other_d         1348 0.001  0.017  ? ? 
'X-RAY DIFFRACTION' r_angle_refined_deg    1993 1.450  1.643  ? ? 
'X-RAY DIFFRACTION' r_angle_other_deg      3136 1.218  1.572  ? ? 
'X-RAY DIFFRACTION' r_dihedral_angle_1_deg 177  7.222  5.000  ? ? 
'X-RAY DIFFRACTION' r_dihedral_angle_2_deg 71   27.533 22.676 ? ? 
'X-RAY DIFFRACTION' r_dihedral_angle_3_deg 241  17.209 15.000 ? ? 
'X-RAY DIFFRACTION' r_dihedral_angle_4_deg 7    8.244  15.000 ? ? 
'X-RAY DIFFRACTION' r_chiral_restr         181  0.066  0.200  ? ? 
'X-RAY DIFFRACTION' r_gen_planes_refined   1635 0.007  0.020  ? ? 
'X-RAY DIFFRACTION' r_gen_planes_other     310  0.001  0.020  ? ? 
'X-RAY DIFFRACTION' r_mcbond_it            713  3.054  4.053  ? ? 
'X-RAY DIFFRACTION' r_mcbond_other         709  3.054  4.046  ? ? 
'X-RAY DIFFRACTION' r_mcangle_it           881  4.809  6.073  ? ? 
# 
_refine_ls_shell.d_res_high                       2.0590 
_refine_ls_shell.d_res_low                        2.1130 
_refine_ls_shell.pdbx_total_number_of_bins_used   20 
_refine_ls_shell.percent_reflns_obs               98.4000 
_refine_ls_shell.number_reflns_R_work             871 
_refine_ls_shell.R_factor_all                     ? 
_refine_ls_shell.R_factor_R_work                  0.3160 
_refine_ls_shell.R_factor_R_free                  0.2950 
_refine_ls_shell.percent_reflns_R_free            ? 
_refine_ls_shell.number_reflns_R_free             51 
_refine_ls_shell.R_factor_R_free_error            ? 
_refine_ls_shell.number_reflns_all                922 
_refine_ls_shell.number_reflns_obs                ? 
_refine_ls_shell.pdbx_refine_id                   'X-RAY DIFFRACTION' 
# 
_struct.entry_id                  5QRS 
_struct.title                     
'PanDDA analysis group deposition -- Crystal Structure of human Brachyury in complex with Z1891773393' 
_struct.pdbx_model_details        ? 
_struct.pdbx_CASP_flag            ? 
_struct.pdbx_model_type_details   ? 
# 
_struct_keywords.entry_id        5QRS 
_struct_keywords.text            'SGC - Diamond I04-1 fragment screening, PanDDA, XChemExplorer, TRANSCRIPTION' 
_struct_keywords.pdbx_keywords   TRANSCRIPTION 
# 
loop_
_struct_asym.id 
_struct_asym.pdbx_blank_PDB_chainid_flag 
_struct_asym.pdbx_modified 
_struct_asym.entity_id 
_struct_asym.details 
A N N 1 ? 
B N N 2 ? 
C N N 2 ? 
D N N 2 ? 
E N N 2 ? 
F N N 2 ? 
G N N 3 ? 
H N N 4 ? 
# 
_struct_ref.id                         1 
_struct_ref.db_name                    UNP 
_struct_ref.db_code                    TBXT_HUMAN 
_struct_ref.pdbx_db_accession          O15178 
_struct_ref.pdbx_db_isoform            ? 
_struct_ref.entity_id                  1 
_struct_ref.pdbx_seq_one_letter_code   
;ELRVGLEESELWLRFKELTNEMIVTKNGRRMFPVLKVNVSGLDPNAMYSFLLDFVAADNHRWKYVNGEWVPGGKPEPQAP
SCVYIHPDSPNFGAHWMKAPVSFSKVKLTNKLNGGGQIMLNSLHKYEPRIHIVRVGGPQRMITSHCFPETQFIAVTAYQN
EEITALKIKYN
;
_struct_ref.pdbx_align_begin           41 
# 
_struct_ref_seq.align_id                      1 
_struct_ref_seq.ref_id                        1 
_struct_ref_seq.pdbx_PDB_id_code              5QRS 
_struct_ref_seq.pdbx_strand_id                A 
_struct_ref_seq.seq_align_beg                 2 
_struct_ref_seq.pdbx_seq_align_beg_ins_code   ? 
_struct_ref_seq.seq_align_end                 172 
_struct_ref_seq.pdbx_seq_align_end_ins_code   ? 
_struct_ref_seq.pdbx_db_accession             O15178 
_struct_ref_seq.db_align_beg                  41 
_struct_ref_seq.pdbx_db_align_beg_ins_code    ? 
_struct_ref_seq.db_align_end                  211 
_struct_ref_seq.pdbx_db_align_end_ins_code    ? 
_struct_ref_seq.pdbx_auth_seq_align_beg       41 
_struct_ref_seq.pdbx_auth_seq_align_end       211 
# 
_struct_ref_seq_dif.align_id                     1 
_struct_ref_seq_dif.pdbx_pdb_id_code             5QRS 
_struct_ref_seq_dif.mon_id                       GLY 
_struct_ref_seq_dif.pdbx_pdb_strand_id           A 
_struct_ref_seq_dif.seq_num                      1 
_struct_ref_seq_dif.pdbx_pdb_ins_code            ? 
_struct_ref_seq_dif.pdbx_seq_db_name             UNP 
_struct_ref_seq_dif.pdbx_seq_db_accession_code   O15178 
_struct_ref_seq_dif.db_mon_id                    ? 
_struct_ref_seq_dif.pdbx_seq_db_seq_num          ? 
_struct_ref_seq_dif.details                      'expression tag' 
_struct_ref_seq_dif.pdbx_auth_seq_num            40 
_struct_ref_seq_dif.pdbx_ordinal                 1 
# 
_pdbx_struct_assembly.id                   1 
_pdbx_struct_assembly.details              author_and_software_defined_assembly 
_pdbx_struct_assembly.method_details       PISA 
_pdbx_struct_assembly.oligomeric_details   monomeric 
_pdbx_struct_assembly.oligomeric_count     1 
# 
_pdbx_struct_assembly_gen.assembly_id       1 
_pdbx_struct_assembly_gen.oper_expression   1 
_pdbx_struct_assembly_gen.asym_id_list      A,B,C,D,E,F,G,H 
# 
_pdbx_struct_oper_list.id                   1 
_pdbx_struct_oper_list.type                 'identity operation' 
_pdbx_struct_oper_list.name                 1_555 
_pdbx_struct_oper_list.symmetry_operation   x,y,z 
_pdbx_struct_oper_list.matrix[1][1]         1.0000000000 
_pdbx_struct_oper_list.matrix[1][2]         0.0000000000 
_pdbx_struct_oper_list.matrix[1][3]         0.0000000000 
_pdbx_struct_oper_list.vector[1]            0.0000000000 
_pdbx_struct_oper_list.matrix[2][1]         0.0000000000 
_pdbx_struct_oper_list.matrix[2][2]         1.0000000000 
_pdbx_struct_oper_list.matrix[2][3]         0.0000000000 
_pdbx_struct_oper_list.vector[2]            0.0000000000 
_pdbx_struct_oper_list.matrix[3][1]         0.0000000000 
_pdbx_struct_oper_list.matrix[3][2]         0.0000000000 
_pdbx_struct_oper_list.matrix[3][3]         1.0000000000 
_pdbx_struct_oper_list.vector[3]            0.0000000000 
# 
loop_
_struct_conf.conf_type_id 
_struct_conf.id 
_struct_conf.pdbx_PDB_helix_id 
_struct_conf.beg_label_comp_id 
_struct_conf.beg_label_asym_id 
_struct_conf.beg_label_seq_id 
_struct_conf.pdbx_beg_PDB_ins_code 
_struct_conf.end_label_comp_id 
_struct_conf.end_label_asym_id 
_struct_conf.end_label_seq_id 
_struct_conf.pdbx_end_PDB_ins_code 
_struct_conf.beg_auth_comp_id 
_struct_conf.beg_auth_asym_id 
_struct_conf.beg_auth_seq_id 
_struct_conf.end_auth_comp_id 
_struct_conf.end_auth_asym_id 
_struct_conf.end_auth_seq_id 
_struct_conf.pdbx_PDB_helix_class 
_struct_conf.details 
_struct_conf.pdbx_PDB_helix_length 
HELX_P HELX_P1 AA1 GLU A 9   ? LEU A 19  ? GLU A 48  LEU A 58  1 ? 11 
HELX_P HELX_P2 AA2 GLY A 94  ? ALA A 100 ? GLY A 133 ALA A 139 1 ? 7  
HELX_P HELX_P3 AA3 PRO A 149 ? GLN A 152 ? PRO A 188 GLN A 191 5 ? 4  
HELX_P HELX_P4 AA4 ASN A 161 ? ASN A 172 ? ASN A 200 ASN A 211 1 ? 12 
# 
_struct_conf_type.id          HELX_P 
_struct_conf_type.criteria    ? 
_struct_conf_type.reference   ? 
# 
loop_
_struct_conn.id 
_struct_conn.conn_type_id 
_struct_conn.pdbx_leaving_atom_flag 
_struct_conn.pdbx_PDB_id 
_struct_conn.ptnr1_label_asym_id 
_struct_conn.ptnr1_label_comp_id 
_struct_conn.ptnr1_label_seq_id 
_struct_conn.ptnr1_label_atom_id 
_struct_conn.pdbx_ptnr1_label_alt_id 
_struct_conn.pdbx_ptnr1_PDB_ins_code 
_struct_conn.pdbx_ptnr1_standard_comp_id 
_struct_conn.ptnr1_symmetry 
_struct_conn.ptnr2_label_asym_id 
_struct_conn.ptnr2_label_comp_id 
_struct_conn.ptnr2_label_seq_id 
_struct_conn.ptnr2_label_atom_id 
_struct_conn.pdbx_ptnr2_label_alt_id 
_struct_conn.pdbx_ptnr2_PDB_ins_code 
_struct_conn.ptnr1_auth_asym_id 
_struct_conn.ptnr1_auth_comp_id 
_struct_conn.ptnr1_auth_seq_id 
_struct_conn.ptnr2_auth_asym_id 
_struct_conn.ptnr2_auth_comp_id 
_struct_conn.ptnr2_auth_seq_id 
_struct_conn.ptnr2_symmetry 
_struct_conn.pdbx_ptnr3_label_atom_id 
_struct_conn.pdbx_ptnr3_label_seq_id 
_struct_conn.pdbx_ptnr3_label_comp_id 
_struct_conn.pdbx_ptnr3_label_asym_id 
_struct_conn.pdbx_ptnr3_label_alt_id 
_struct_conn.pdbx_ptnr3_PDB_ins_code 
_struct_conn.details 
_struct_conn.pdbx_dist_value 
_struct_conn.pdbx_value_order 
_struct_conn.pdbx_role 
metalc1  metalc ? ? A HIS 61  NE2 ? ? ? 1_555 E CD  . CD ? ? A HIS 100 A CD  304 1_555 ? ? ? ? ? ? ? 2.255 ? ? 
metalc2  metalc ? ? A CYS 83  SG  ? ? ? 1_555 D CD  . CD ? ? A CYS 122 A CD  303 1_555 ? ? ? ? ? ? ? 2.676 ? ? 
metalc3  metalc ? ? A CYS 83  SG  ? ? ? 1_555 F CD  . CD ? ? A CYS 122 A CD  305 1_555 ? ? ? ? ? ? ? 2.543 ? ? 
metalc4  metalc ? ? A GLU 128 OE1 ? ? ? 1_555 B CD  . CD ? ? A GLU 167 A CD  301 1_555 ? ? ? ? ? ? ? 2.567 ? ? 
metalc5  metalc ? ? A GLU 128 OE1 ? ? ? 1_555 B CD  . CD ? ? A GLU 167 A CD  301 5_655 ? ? ? ? ? ? ? 2.568 ? ? 
metalc6  metalc ? ? A GLU 128 OE1 ? ? ? 1_555 C CD  . CD ? ? A GLU 167 A CD  302 1_555 ? ? ? ? ? ? ? 2.680 ? ? 
metalc7  metalc ? ? A GLU 128 OE2 ? ? ? 1_555 C CD  . CD ? ? A GLU 167 A CD  302 1_555 ? ? ? ? ? ? ? 2.406 ? ? 
metalc8  metalc ? ? A CYS 147 SG  A ? ? 1_555 B CD  . CD ? ? A CYS 186 A CD  301 1_555 ? ? ? ? ? ? ? 2.407 ? ? 
metalc9  metalc ? ? A CYS 147 SG  B ? ? 1_555 B CD  . CD ? ? A CYS 186 A CD  301 1_555 ? ? ? ? ? ? ? 2.424 ? ? 
metalc10 metalc ? ? A CYS 147 SG  A ? ? 1_555 B CD  . CD ? ? A CYS 186 A CD  301 5_655 ? ? ? ? ? ? ? 2.407 ? ? 
metalc11 metalc ? ? A CYS 147 SG  B ? ? 1_555 B CD  . CD ? ? A CYS 186 A CD  301 5_655 ? ? ? ? ? ? ? 2.424 ? ? 
metalc12 metalc ? ? A CYS 147 SG  A ? ? 1_555 C CD  . CD ? ? A CYS 186 A CD  302 5_655 ? ? ? ? ? ? ? 2.612 ? ? 
metalc13 metalc ? ? A CYS 147 SG  B ? ? 1_555 C CD  . CD ? ? A CYS 186 A CD  302 5_655 ? ? ? ? ? ? ? 2.546 ? ? 
metalc14 metalc ? ? B CD  .   CD  ? ? ? 1_555 H HOH . O  ? ? A CD  301 A HOH 456 1_555 ? ? ? ? ? ? ? 2.428 ? ? 
metalc15 metalc ? ? B CD  .   CD  ? ? ? 1_555 H HOH . O  ? ? A CD  301 A HOH 456 5_655 ? ? ? ? ? ? ? 2.428 ? ? 
metalc16 metalc ? ? C CD  .   CD  ? ? ? 1_555 H HOH . O  ? ? A CD  302 A HOH 452 5_655 ? ? ? ? ? ? ? 2.355 ? ? 
metalc17 metalc ? ? C CD  .   CD  ? ? ? 1_555 H HOH . O  ? ? A CD  302 A HOH 460 1_555 ? ? ? ? ? ? ? 2.366 ? ? 
metalc18 metalc ? ? D CD  .   CD  ? ? ? 1_555 H HOH . O  ? ? A CD  303 A HOH 450 1_555 ? ? ? ? ? ? ? 2.478 ? ? 
metalc19 metalc ? ? E CD  .   CD  ? ? ? 1_555 H HOH . O  ? ? A CD  304 A HOH 455 1_555 ? ? ? ? ? ? ? 2.218 ? ? 
metalc20 metalc ? ? E CD  .   CD  ? ? ? 1_555 H HOH . O  ? ? A CD  304 A HOH 457 1_555 ? ? ? ? ? ? ? 2.494 ? ? 
metalc21 metalc ? ? E CD  .   CD  ? ? ? 1_555 H HOH . O  ? ? A CD  304 A HOH 458 1_555 ? ? ? ? ? ? ? 2.227 ? ? 
metalc22 metalc ? ? F CD  .   CD  ? ? ? 1_555 H HOH . O  ? ? A CD  305 A HOH 445 1_555 ? ? ? ? ? ? ? 2.643 ? ? 
metalc23 metalc ? ? F CD  .   CD  ? ? ? 1_555 H HOH . O  ? ? A CD  305 A HOH 469 1_555 ? ? ? ? ? ? ? 2.544 ? ? 
# 
_struct_conn_type.id          metalc 
_struct_conn_type.criteria    ? 
_struct_conn_type.reference   ? 
# 
loop_
_pdbx_struct_conn_angle.id 
_pdbx_struct_conn_angle.ptnr1_label_atom_id 
_pdbx_struct_conn_angle.ptnr1_label_alt_id 
_pdbx_struct_conn_angle.ptnr1_label_asym_id 
_pdbx_struct_conn_angle.ptnr1_label_comp_id 
_pdbx_struct_conn_angle.ptnr1_label_seq_id 
_pdbx_struct_conn_angle.ptnr1_auth_atom_id 
_pdbx_struct_conn_angle.ptnr1_auth_asym_id 
_pdbx_struct_conn_angle.ptnr1_auth_comp_id 
_pdbx_struct_conn_angle.ptnr1_auth_seq_id 
_pdbx_struct_conn_angle.ptnr1_PDB_ins_code 
_pdbx_struct_conn_angle.ptnr1_symmetry 
_pdbx_struct_conn_angle.ptnr2_label_atom_id 
_pdbx_struct_conn_angle.ptnr2_label_alt_id 
_pdbx_struct_conn_angle.ptnr2_label_asym_id 
_pdbx_struct_conn_angle.ptnr2_label_comp_id 
_pdbx_struct_conn_angle.ptnr2_label_seq_id 
_pdbx_struct_conn_angle.ptnr2_auth_atom_id 
_pdbx_struct_conn_angle.ptnr2_auth_asym_id 
_pdbx_struct_conn_angle.ptnr2_auth_comp_id 
_pdbx_struct_conn_angle.ptnr2_auth_seq_id 
_pdbx_struct_conn_angle.ptnr2_PDB_ins_code 
_pdbx_struct_conn_angle.ptnr2_symmetry 
_pdbx_struct_conn_angle.ptnr3_label_atom_id 
_pdbx_struct_conn_angle.ptnr3_label_alt_id 
_pdbx_struct_conn_angle.ptnr3_label_asym_id 
_pdbx_struct_conn_angle.ptnr3_label_comp_id 
_pdbx_struct_conn_angle.ptnr3_label_seq_id 
_pdbx_struct_conn_angle.ptnr3_auth_atom_id 
_pdbx_struct_conn_angle.ptnr3_auth_asym_id 
_pdbx_struct_conn_angle.ptnr3_auth_comp_id 
_pdbx_struct_conn_angle.ptnr3_auth_seq_id 
_pdbx_struct_conn_angle.ptnr3_PDB_ins_code 
_pdbx_struct_conn_angle.ptnr3_symmetry 
_pdbx_struct_conn_angle.value 
_pdbx_struct_conn_angle.value_esd 
1  NE2 ? A HIS 61  ? A HIS 100 ? 1_555 CD ? E CD . ? A CD 304 ? 1_555 O   ? H HOH .   ? A HOH 455 ? 1_555 100.1 ? 
2  NE2 ? A HIS 61  ? A HIS 100 ? 1_555 CD ? E CD . ? A CD 304 ? 1_555 O   ? H HOH .   ? A HOH 457 ? 1_555 100.1 ? 
3  O   ? H HOH .   ? A HOH 455 ? 1_555 CD ? E CD . ? A CD 304 ? 1_555 O   ? H HOH .   ? A HOH 457 ? 1_555 116.7 ? 
4  NE2 ? A HIS 61  ? A HIS 100 ? 1_555 CD ? E CD . ? A CD 304 ? 1_555 O   ? H HOH .   ? A HOH 458 ? 1_555 111.9 ? 
5  O   ? H HOH .   ? A HOH 455 ? 1_555 CD ? E CD . ? A CD 304 ? 1_555 O   ? H HOH .   ? A HOH 458 ? 1_555 116.0 ? 
6  O   ? H HOH .   ? A HOH 457 ? 1_555 CD ? E CD . ? A CD 304 ? 1_555 O   ? H HOH .   ? A HOH 458 ? 1_555 110.3 ? 
7  SG  ? A CYS 83  ? A CYS 122 ? 1_555 CD ? D CD . ? A CD 303 ? 1_555 O   ? H HOH .   ? A HOH 450 ? 1_555 85.3  ? 
8  SG  ? A CYS 83  ? A CYS 122 ? 1_555 CD ? F CD . ? A CD 305 ? 1_555 O   ? H HOH .   ? A HOH 445 ? 1_555 99.2  ? 
9  SG  ? A CYS 83  ? A CYS 122 ? 1_555 CD ? F CD . ? A CD 305 ? 1_555 O   ? H HOH .   ? A HOH 469 ? 1_555 85.8  ? 
10 O   ? H HOH .   ? A HOH 445 ? 1_555 CD ? F CD . ? A CD 305 ? 1_555 O   ? H HOH .   ? A HOH 469 ? 1_555 174.4 ? 
11 OE1 ? A GLU 128 ? A GLU 167 ? 1_555 CD ? B CD . ? A CD 301 ? 1_555 OE1 ? A GLU 128 ? A GLU 167 ? 1_555 0.0   ? 
12 OE1 ? A GLU 128 ? A GLU 167 ? 1_555 CD ? B CD . ? A CD 301 ? 1_555 SG  A A CYS 147 ? A CYS 186 ? 1_555 92.8  ? 
13 OE1 ? A GLU 128 ? A GLU 167 ? 1_555 CD ? B CD . ? A CD 301 ? 1_555 SG  A A CYS 147 ? A CYS 186 ? 1_555 92.8  ? 
14 OE1 ? A GLU 128 ? A GLU 167 ? 1_555 CD ? B CD . ? A CD 301 ? 1_555 SG  B A CYS 147 ? A CYS 186 ? 1_555 88.1  ? 
15 OE1 ? A GLU 128 ? A GLU 167 ? 1_555 CD ? B CD . ? A CD 301 ? 1_555 SG  B A CYS 147 ? A CYS 186 ? 1_555 88.1  ? 
16 SG  A A CYS 147 ? A CYS 186 ? 1_555 CD ? B CD . ? A CD 301 ? 1_555 SG  B A CYS 147 ? A CYS 186 ? 1_555 40.9  ? 
17 OE1 ? A GLU 128 ? A GLU 167 ? 1_555 CD ? B CD . ? A CD 301 ? 1_555 SG  A A CYS 147 ? A CYS 186 ? 1_555 92.8  ? 
18 OE1 ? A GLU 128 ? A GLU 167 ? 1_555 CD ? B CD . ? A CD 301 ? 1_555 SG  A A CYS 147 ? A CYS 186 ? 1_555 92.8  ? 
19 SG  A A CYS 147 ? A CYS 186 ? 1_555 CD ? B CD . ? A CD 301 ? 1_555 SG  A A CYS 147 ? A CYS 186 ? 1_555 0.0   ? 
20 SG  B A CYS 147 ? A CYS 186 ? 1_555 CD ? B CD . ? A CD 301 ? 1_555 SG  A A CYS 147 ? A CYS 186 ? 1_555 40.9  ? 
21 OE1 ? A GLU 128 ? A GLU 167 ? 1_555 CD ? B CD . ? A CD 301 ? 1_555 SG  B A CYS 147 ? A CYS 186 ? 1_555 88.1  ? 
22 OE1 ? A GLU 128 ? A GLU 167 ? 1_555 CD ? B CD . ? A CD 301 ? 1_555 SG  B A CYS 147 ? A CYS 186 ? 1_555 88.1  ? 
23 SG  A A CYS 147 ? A CYS 186 ? 1_555 CD ? B CD . ? A CD 301 ? 1_555 SG  B A CYS 147 ? A CYS 186 ? 1_555 40.9  ? 
24 SG  B A CYS 147 ? A CYS 186 ? 1_555 CD ? B CD . ? A CD 301 ? 1_555 SG  B A CYS 147 ? A CYS 186 ? 1_555 0.0   ? 
25 SG  A A CYS 147 ? A CYS 186 ? 1_555 CD ? B CD . ? A CD 301 ? 1_555 SG  B A CYS 147 ? A CYS 186 ? 1_555 40.9  ? 
26 OE1 ? A GLU 128 ? A GLU 167 ? 1_555 CD ? B CD . ? A CD 301 ? 1_555 O   ? H HOH .   ? A HOH 456 ? 1_555 91.6  ? 
27 OE1 ? A GLU 128 ? A GLU 167 ? 1_555 CD ? B CD . ? A CD 301 ? 1_555 O   ? H HOH .   ? A HOH 456 ? 1_555 91.6  ? 
28 SG  A A CYS 147 ? A CYS 186 ? 1_555 CD ? B CD . ? A CD 301 ? 1_555 O   ? H HOH .   ? A HOH 456 ? 1_555 71.9  ? 
29 SG  B A CYS 147 ? A CYS 186 ? 1_555 CD ? B CD . ? A CD 301 ? 1_555 O   ? H HOH .   ? A HOH 456 ? 1_555 112.6 ? 
30 SG  A A CYS 147 ? A CYS 186 ? 1_555 CD ? B CD . ? A CD 301 ? 1_555 O   ? H HOH .   ? A HOH 456 ? 1_555 71.9  ? 
31 SG  B A CYS 147 ? A CYS 186 ? 1_555 CD ? B CD . ? A CD 301 ? 1_555 O   ? H HOH .   ? A HOH 456 ? 1_555 112.6 ? 
32 OE1 ? A GLU 128 ? A GLU 167 ? 1_555 CD ? B CD . ? A CD 301 ? 1_555 O   ? H HOH .   ? A HOH 456 ? 5_655 92.9  ? 
33 OE1 ? A GLU 128 ? A GLU 167 ? 1_555 CD ? B CD . ? A CD 301 ? 1_555 O   ? H HOH .   ? A HOH 456 ? 5_655 92.9  ? 
34 SG  A A CYS 147 ? A CYS 186 ? 1_555 CD ? B CD . ? A CD 301 ? 1_555 O   ? H HOH .   ? A HOH 456 ? 5_655 115.1 ? 
35 SG  B A CYS 147 ? A CYS 186 ? 1_555 CD ? B CD . ? A CD 301 ? 1_555 O   ? H HOH .   ? A HOH 456 ? 5_655 156.0 ? 
36 SG  A A CYS 147 ? A CYS 186 ? 1_555 CD ? B CD . ? A CD 301 ? 1_555 O   ? H HOH .   ? A HOH 456 ? 5_655 115.1 ? 
37 SG  B A CYS 147 ? A CYS 186 ? 1_555 CD ? B CD . ? A CD 301 ? 1_555 O   ? H HOH .   ? A HOH 456 ? 5_655 156.0 ? 
38 O   ? H HOH .   ? A HOH 456 ? 1_555 CD ? B CD . ? A CD 301 ? 1_555 O   ? H HOH .   ? A HOH 456 ? 5_655 43.4  ? 
39 OE1 ? A GLU 128 ? A GLU 167 ? 1_555 CD ? C CD . ? A CD 302 ? 1_555 OE2 ? A GLU 128 ? A GLU 167 ? 1_555 50.7  ? 
40 OE1 ? A GLU 128 ? A GLU 167 ? 1_555 CD ? C CD . ? A CD 302 ? 1_555 SG  A A CYS 147 ? A CYS 186 ? 1_555 33.0  ? 
41 OE2 ? A GLU 128 ? A GLU 167 ? 1_555 CD ? C CD . ? A CD 302 ? 1_555 SG  A A CYS 147 ? A CYS 186 ? 1_555 76.6  ? 
42 OE1 ? A GLU 128 ? A GLU 167 ? 1_555 CD ? C CD . ? A CD 302 ? 1_555 SG  B A CYS 147 ? A CYS 186 ? 1_555 45.5  ? 
43 OE2 ? A GLU 128 ? A GLU 167 ? 1_555 CD ? C CD . ? A CD 302 ? 1_555 SG  B A CYS 147 ? A CYS 186 ? 1_555 79.1  ? 
44 SG  A A CYS 147 ? A CYS 186 ? 1_555 CD ? C CD . ? A CD 302 ? 1_555 SG  B A CYS 147 ? A CYS 186 ? 1_555 16.8  ? 
45 OE1 ? A GLU 128 ? A GLU 167 ? 1_555 CD ? C CD . ? A CD 302 ? 1_555 O   ? H HOH .   ? A HOH 452 ? 5_655 141.8 ? 
46 OE2 ? A GLU 128 ? A GLU 167 ? 1_555 CD ? C CD . ? A CD 302 ? 1_555 O   ? H HOH .   ? A HOH 452 ? 5_655 102.0 ? 
47 SG  A A CYS 147 ? A CYS 186 ? 1_555 CD ? C CD . ? A CD 302 ? 1_555 O   ? H HOH .   ? A HOH 452 ? 5_655 128.2 ? 
48 SG  B A CYS 147 ? A CYS 186 ? 1_555 CD ? C CD . ? A CD 302 ? 1_555 O   ? H HOH .   ? A HOH 452 ? 5_655 111.4 ? 
49 OE1 ? A GLU 128 ? A GLU 167 ? 1_555 CD ? C CD . ? A CD 302 ? 1_555 O   ? H HOH .   ? A HOH 460 ? 1_555 106.9 ? 
50 OE2 ? A GLU 128 ? A GLU 167 ? 1_555 CD ? C CD . ? A CD 302 ? 1_555 O   ? H HOH .   ? A HOH 460 ? 1_555 105.6 ? 
51 SG  A A CYS 147 ? A CYS 186 ? 1_555 CD ? C CD . ? A CD 302 ? 1_555 O   ? H HOH .   ? A HOH 460 ? 1_555 124.3 ? 
52 SG  B A CYS 147 ? A CYS 186 ? 1_555 CD ? C CD . ? A CD 302 ? 1_555 O   ? H HOH .   ? A HOH 460 ? 1_555 140.2 ? 
53 O   ? H HOH .   ? A HOH 452 ? 5_655 CD ? C CD . ? A CD 302 ? 1_555 O   ? H HOH .   ? A HOH 460 ? 1_555 106.2 ? 
# 
loop_
_struct_mon_prot_cis.pdbx_id 
_struct_mon_prot_cis.label_comp_id 
_struct_mon_prot_cis.label_seq_id 
_struct_mon_prot_cis.label_asym_id 
_struct_mon_prot_cis.label_alt_id 
_struct_mon_prot_cis.pdbx_PDB_ins_code 
_struct_mon_prot_cis.auth_comp_id 
_struct_mon_prot_cis.auth_seq_id 
_struct_mon_prot_cis.auth_asym_id 
_struct_mon_prot_cis.pdbx_label_comp_id_2 
_struct_mon_prot_cis.pdbx_label_seq_id_2 
_struct_mon_prot_cis.pdbx_label_asym_id_2 
_struct_mon_prot_cis.pdbx_PDB_ins_code_2 
_struct_mon_prot_cis.pdbx_auth_comp_id_2 
_struct_mon_prot_cis.pdbx_auth_seq_id_2 
_struct_mon_prot_cis.pdbx_auth_asym_id_2 
_struct_mon_prot_cis.pdbx_PDB_model_num 
_struct_mon_prot_cis.pdbx_omega_angle 
1 PHE 33 A . ? PHE 72  A PRO 34 A ? PRO 73  A 1 -6.21  
2 SER 90 A . ? SER 129 A PRO 91 A ? PRO 130 A 1 -11.80 
# 
loop_
_struct_sheet.id 
_struct_sheet.type 
_struct_sheet.number_strands 
_struct_sheet.details 
AA1 ? 3 ? 
AA2 ? 5 ? 
AA3 ? 4 ? 
AA4 ? 3 ? 
AA5 ? 2 ? 
# 
loop_
_struct_sheet_order.sheet_id 
_struct_sheet_order.range_id_1 
_struct_sheet_order.range_id_2 
_struct_sheet_order.offset 
_struct_sheet_order.sense 
AA1 1 2 ? anti-parallel 
AA1 2 3 ? anti-parallel 
AA2 1 2 ? parallel      
AA2 2 3 ? anti-parallel 
AA2 3 4 ? anti-parallel 
AA2 4 5 ? anti-parallel 
AA3 1 2 ? anti-parallel 
AA3 2 3 ? anti-parallel 
AA3 3 4 ? anti-parallel 
AA4 1 2 ? anti-parallel 
AA4 2 3 ? parallel      
AA5 1 2 ? anti-parallel 
# 
loop_
_struct_sheet_range.sheet_id 
_struct_sheet_range.id 
_struct_sheet_range.beg_label_comp_id 
_struct_sheet_range.beg_label_asym_id 
_struct_sheet_range.beg_label_seq_id 
_struct_sheet_range.pdbx_beg_PDB_ins_code 
_struct_sheet_range.end_label_comp_id 
_struct_sheet_range.end_label_asym_id 
_struct_sheet_range.end_label_seq_id 
_struct_sheet_range.pdbx_end_PDB_ins_code 
_struct_sheet_range.beg_auth_comp_id 
_struct_sheet_range.beg_auth_asym_id 
_struct_sheet_range.beg_auth_seq_id 
_struct_sheet_range.end_auth_comp_id 
_struct_sheet_range.end_auth_asym_id 
_struct_sheet_range.end_auth_seq_id 
AA1 1 ARG A 4   ? LEU A 7   ? ARG A 43  LEU A 46  
AA1 2 LYS A 37  ? SER A 41  ? LYS A 76  SER A 80  
AA1 3 VAL A 102 ? SER A 103 ? VAL A 141 SER A 142 
AA2 1 GLU A 22  ? ILE A 24  ? GLU A 61  ILE A 63  
AA2 2 PHE A 153 ? VAL A 156 ? PHE A 192 VAL A 195 
AA2 3 LYS A 126 ? VAL A 136 ? LYS A 165 VAL A 175 
AA2 4 MET A 48  ? ALA A 57  ? MET A 87  ALA A 96  
AA2 5 ASN A 92  ? PHE A 93  ? ASN A 131 PHE A 132 
AA3 1 TYR A 85  ? ILE A 86  ? TYR A 124 ILE A 125 
AA3 2 MET A 48  ? ALA A 57  ? MET A 87  ALA A 96  
AA3 3 LYS A 126 ? VAL A 136 ? LYS A 165 VAL A 175 
AA3 4 MET A 142 ? CYS A 147 ? MET A 181 CYS A 186 
AA4 1 ARG A 30  ? ARG A 31  ? ARG A 69  ARG A 70  
AA4 2 LYS A 108 ? THR A 110 ? LYS A 147 THR A 149 
AA4 3 ILE A 119 ? MET A 120 ? ILE A 158 MET A 159 
AA5 1 TRP A 63  ? TYR A 65  ? TRP A 102 TYR A 104 
AA5 2 TRP A 70  ? PRO A 72  ? TRP A 109 PRO A 111 
# 
loop_
_pdbx_struct_sheet_hbond.sheet_id 
_pdbx_struct_sheet_hbond.range_id_1 
_pdbx_struct_sheet_hbond.range_id_2 
_pdbx_struct_sheet_hbond.range_1_label_atom_id 
_pdbx_struct_sheet_hbond.range_1_label_comp_id 
_pdbx_struct_sheet_hbond.range_1_label_asym_id 
_pdbx_struct_sheet_hbond.range_1_label_seq_id 
_pdbx_struct_sheet_hbond.range_1_PDB_ins_code 
_pdbx_struct_sheet_hbond.range_1_auth_atom_id 
_pdbx_struct_sheet_hbond.range_1_auth_comp_id 
_pdbx_struct_sheet_hbond.range_1_auth_asym_id 
_pdbx_struct_sheet_hbond.range_1_auth_seq_id 
_pdbx_struct_sheet_hbond.range_2_label_atom_id 
_pdbx_struct_sheet_hbond.range_2_label_comp_id 
_pdbx_struct_sheet_hbond.range_2_label_asym_id 
_pdbx_struct_sheet_hbond.range_2_label_seq_id 
_pdbx_struct_sheet_hbond.range_2_PDB_ins_code 
_pdbx_struct_sheet_hbond.range_2_auth_atom_id 
_pdbx_struct_sheet_hbond.range_2_auth_comp_id 
_pdbx_struct_sheet_hbond.range_2_auth_asym_id 
_pdbx_struct_sheet_hbond.range_2_auth_seq_id 
AA1 1 2 N GLY A 6   ? N GLY A 45  O ASN A 39  ? O ASN A 78  
AA1 2 3 N VAL A 38  ? N VAL A 77  O VAL A 102 ? O VAL A 141 
AA2 1 2 N MET A 23  ? N MET A 62  O VAL A 156 ? O VAL A 195 
AA2 2 3 O PHE A 153 ? O PHE A 192 N TYR A 127 ? N TYR A 166 
AA2 3 4 O ARG A 130 ? O ARG A 169 N ASP A 54  ? N ASP A 93  
AA2 4 5 N TYR A 49  ? N TYR A 88  O ASN A 92  ? O ASN A 131 
AA3 1 2 O TYR A 85  ? O TYR A 124 N LEU A 53  ? N LEU A 92  
AA3 2 3 N ASP A 54  ? N ASP A 93  O ARG A 130 ? O ARG A 169 
AA3 3 4 N ILE A 133 ? N ILE A 172 O THR A 144 ? O THR A 183 
AA4 1 2 N ARG A 30  ? N ARG A 69  O LEU A 109 ? O LEU A 148 
AA4 2 3 N THR A 110 ? N THR A 149 O ILE A 119 ? O ILE A 158 
AA5 1 2 N LYS A 64  ? N LYS A 103 O VAL A 71  ? O VAL A 110 
# 
loop_
_struct_site.id 
_struct_site.pdbx_evidence_code 
_struct_site.pdbx_auth_asym_id 
_struct_site.pdbx_auth_comp_id 
_struct_site.pdbx_auth_seq_id 
_struct_site.pdbx_auth_ins_code 
_struct_site.pdbx_num_residues 
_struct_site.details 
AC1 Software A CD  301 ? 8 'binding site for residue CD A 301'  
AC2 Software A CD  302 ? 6 'binding site for residue CD A 302'  
AC3 Software A CD  303 ? 4 'binding site for residue CD A 303'  
AC4 Software A CD  304 ? 5 'binding site for residue CD A 304'  
AC5 Software A CD  305 ? 4 'binding site for residue CD A 305'  
AC6 Software A NY4 306 ? 4 'binding site for residue NY4 A 306' 
# 
loop_
_struct_site_gen.id 
_struct_site_gen.site_id 
_struct_site_gen.pdbx_num_res 
_struct_site_gen.label_comp_id 
_struct_site_gen.label_asym_id 
_struct_site_gen.label_seq_id 
_struct_site_gen.pdbx_auth_ins_code 
_struct_site_gen.auth_comp_id 
_struct_site_gen.auth_asym_id 
_struct_site_gen.auth_seq_id 
_struct_site_gen.label_atom_id 
_struct_site_gen.label_alt_id 
_struct_site_gen.symmetry 
_struct_site_gen.details 
1  AC1 8 GLU A 128 ? GLU A 167 . ? 1_555 ? 
2  AC1 8 GLU A 128 ? GLU A 167 . ? 5_655 ? 
3  AC1 8 CYS A 147 ? CYS A 186 . ? 1_555 ? 
4  AC1 8 CYS A 147 ? CYS A 186 . ? 5_655 ? 
5  AC1 8 CD  C .   ? CD  A 302 . ? 1_555 ? 
6  AC1 8 CD  C .   ? CD  A 302 . ? 5_655 ? 
7  AC1 8 HOH H .   ? HOH A 456 . ? 5_655 ? 
8  AC1 8 HOH H .   ? HOH A 456 . ? 1_555 ? 
9  AC2 6 GLU A 128 ? GLU A 167 . ? 1_555 ? 
10 AC2 6 CYS A 147 ? CYS A 186 . ? 5_655 ? 
11 AC2 6 CD  B .   ? CD  A 301 . ? 5_655 ? 
12 AC2 6 CD  B .   ? CD  A 301 . ? 1_555 ? 
13 AC2 6 HOH H .   ? HOH A 452 . ? 5_655 ? 
14 AC2 6 HOH H .   ? HOH A 460 . ? 1_555 ? 
15 AC3 4 CYS A 83  ? CYS A 122 . ? 1_555 ? 
16 AC3 4 HOH H .   ? HOH A 444 . ? 1_555 ? 
17 AC3 4 HOH H .   ? HOH A 450 . ? 1_555 ? 
18 AC3 4 HOH H .   ? HOH A 468 . ? 1_555 ? 
19 AC4 5 LEU A 52  ? LEU A 91  . ? 5_655 ? 
20 AC4 5 HIS A 61  ? HIS A 100 . ? 1_555 ? 
21 AC4 5 HOH H .   ? HOH A 455 . ? 1_555 ? 
22 AC4 5 HOH H .   ? HOH A 457 . ? 1_555 ? 
23 AC4 5 HOH H .   ? HOH A 458 . ? 1_555 ? 
24 AC5 4 CYS A 83  ? CYS A 122 . ? 1_555 ? 
25 AC5 4 HOH H .   ? HOH A 445 . ? 1_555 ? 
26 AC5 4 HOH H .   ? HOH A 468 . ? 1_555 ? 
27 AC5 4 HOH H .   ? HOH A 469 . ? 1_555 ? 
28 AC6 4 SER A 50  ? SER A 89  . ? 1_555 ? 
29 AC6 4 ILE A 86  ? ILE A 125 . ? 1_555 ? 
30 AC6 4 SER A 90  ? SER A 129 . ? 1_555 ? 
31 AC6 4 PHE A 93  ? PHE A 132 . ? 6_555 ? 
# 
loop_
_pdbx_validate_torsion.id 
_pdbx_validate_torsion.PDB_model_num 
_pdbx_validate_torsion.auth_comp_id 
_pdbx_validate_torsion.auth_asym_id 
_pdbx_validate_torsion.auth_seq_id 
_pdbx_validate_torsion.PDB_ins_code 
_pdbx_validate_torsion.label_alt_id 
_pdbx_validate_torsion.phi 
_pdbx_validate_torsion.psi 
1 1 THR A 59  ? ? 71.20  104.72 
2 1 PHE A 143 ? ? -92.79 52.58  
# 
loop_
_pdbx_struct_special_symmetry.id 
_pdbx_struct_special_symmetry.PDB_model_num 
_pdbx_struct_special_symmetry.auth_asym_id 
_pdbx_struct_special_symmetry.auth_comp_id 
_pdbx_struct_special_symmetry.auth_seq_id 
_pdbx_struct_special_symmetry.PDB_ins_code 
_pdbx_struct_special_symmetry.label_asym_id 
_pdbx_struct_special_symmetry.label_comp_id 
_pdbx_struct_special_symmetry.label_seq_id 
1 1 A CD  301 ? B CD  . 
2 1 A HOH 408 ? H HOH . 
# 
_phasing.method   MR 
# 
_pdbx_entry_details.entry_id                 5QRS 
_pdbx_entry_details.has_ligand_of_interest   Y 
_pdbx_entry_details.compound_details         ? 
_pdbx_entry_details.source_details           ? 
_pdbx_entry_details.nonpolymer_details       ? 
_pdbx_entry_details.sequence_details         ? 
# 
loop_
_pdbx_distant_solvent_atoms.id 
_pdbx_distant_solvent_atoms.PDB_model_num 
_pdbx_distant_solvent_atoms.auth_atom_id 
_pdbx_distant_solvent_atoms.label_alt_id 
_pdbx_distant_solvent_atoms.auth_asym_id 
_pdbx_distant_solvent_atoms.auth_comp_id 
_pdbx_distant_solvent_atoms.auth_seq_id 
_pdbx_distant_solvent_atoms.PDB_ins_code 
_pdbx_distant_solvent_atoms.neighbor_macromolecule_distance 
_pdbx_distant_solvent_atoms.neighbor_ligand_distance 
1 1 O ? A HOH 468 ? 6.21 . 
2 1 O ? A HOH 469 ? 6.49 . 
# 
_pdbx_unobs_or_zero_occ_residues.id               1 
_pdbx_unobs_or_zero_occ_residues.PDB_model_num    1 
_pdbx_unobs_or_zero_occ_residues.polymer_flag     Y 
_pdbx_unobs_or_zero_occ_residues.occupancy_flag   1 
_pdbx_unobs_or_zero_occ_residues.auth_asym_id     A 
_pdbx_unobs_or_zero_occ_residues.auth_comp_id     GLY 
_pdbx_unobs_or_zero_occ_residues.auth_seq_id      40 
_pdbx_unobs_or_zero_occ_residues.PDB_ins_code     ? 
_pdbx_unobs_or_zero_occ_residues.label_asym_id    A 
_pdbx_unobs_or_zero_occ_residues.label_comp_id    GLY 
_pdbx_unobs_or_zero_occ_residues.label_seq_id     1 
# 
loop_
_chem_comp_atom.comp_id 
_chem_comp_atom.atom_id 
_chem_comp_atom.type_symbol 
_chem_comp_atom.pdbx_aromatic_flag 
_chem_comp_atom.pdbx_stereo_config 
_chem_comp_atom.pdbx_ordinal 
ALA N    N  N N 1   
ALA CA   C  N S 2   
ALA C    C  N N 3   
ALA O    O  N N 4   
ALA CB   C  N N 5   
ALA OXT  O  N N 6   
ALA H    H  N N 7   
ALA H2   H  N N 8   
ALA HA   H  N N 9   
ALA HB1  H  N N 10  
ALA HB2  H  N N 11  
ALA HB3  H  N N 12  
ALA HXT  H  N N 13  
ARG N    N  N N 14  
ARG CA   C  N S 15  
ARG C    C  N N 16  
ARG O    O  N N 17  
ARG CB   C  N N 18  
ARG CG   C  N N 19  
ARG CD   C  N N 20  
ARG NE   N  N N 21  
ARG CZ   C  N N 22  
ARG NH1  N  N N 23  
ARG NH2  N  N N 24  
ARG OXT  O  N N 25  
ARG H    H  N N 26  
ARG H2   H  N N 27  
ARG HA   H  N N 28  
ARG HB2  H  N N 29  
ARG HB3  H  N N 30  
ARG HG2  H  N N 31  
ARG HG3  H  N N 32  
ARG HD2  H  N N 33  
ARG HD3  H  N N 34  
ARG HE   H  N N 35  
ARG HH11 H  N N 36  
ARG HH12 H  N N 37  
ARG HH21 H  N N 38  
ARG HH22 H  N N 39  
ARG HXT  H  N N 40  
ASN N    N  N N 41  
ASN CA   C  N S 42  
ASN C    C  N N 43  
ASN O    O  N N 44  
ASN CB   C  N N 45  
ASN CG   C  N N 46  
ASN OD1  O  N N 47  
ASN ND2  N  N N 48  
ASN OXT  O  N N 49  
ASN H    H  N N 50  
ASN H2   H  N N 51  
ASN HA   H  N N 52  
ASN HB2  H  N N 53  
ASN HB3  H  N N 54  
ASN HD21 H  N N 55  
ASN HD22 H  N N 56  
ASN HXT  H  N N 57  
ASP N    N  N N 58  
ASP CA   C  N S 59  
ASP C    C  N N 60  
ASP O    O  N N 61  
ASP CB   C  N N 62  
ASP CG   C  N N 63  
ASP OD1  O  N N 64  
ASP OD2  O  N N 65  
ASP OXT  O  N N 66  
ASP H    H  N N 67  
ASP H2   H  N N 68  
ASP HA   H  N N 69  
ASP HB2  H  N N 70  
ASP HB3  H  N N 71  
ASP HD2  H  N N 72  
ASP HXT  H  N N 73  
CD  CD   CD N N 74  
CYS N    N  N N 75  
CYS CA   C  N R 76  
CYS C    C  N N 77  
CYS O    O  N N 78  
CYS CB   C  N N 79  
CYS SG   S  N N 80  
CYS OXT  O  N N 81  
CYS H    H  N N 82  
CYS H2   H  N N 83  
CYS HA   H  N N 84  
CYS HB2  H  N N 85  
CYS HB3  H  N N 86  
CYS HG   H  N N 87  
CYS HXT  H  N N 88  
GLN N    N  N N 89  
GLN CA   C  N S 90  
GLN C    C  N N 91  
GLN O    O  N N 92  
GLN CB   C  N N 93  
GLN CG   C  N N 94  
GLN CD   C  N N 95  
GLN OE1  O  N N 96  
GLN NE2  N  N N 97  
GLN OXT  O  N N 98  
GLN H    H  N N 99  
GLN H2   H  N N 100 
GLN HA   H  N N 101 
GLN HB2  H  N N 102 
GLN HB3  H  N N 103 
GLN HG2  H  N N 104 
GLN HG3  H  N N 105 
GLN HE21 H  N N 106 
GLN HE22 H  N N 107 
GLN HXT  H  N N 108 
GLU N    N  N N 109 
GLU CA   C  N S 110 
GLU C    C  N N 111 
GLU O    O  N N 112 
GLU CB   C  N N 113 
GLU CG   C  N N 114 
GLU CD   C  N N 115 
GLU OE1  O  N N 116 
GLU OE2  O  N N 117 
GLU OXT  O  N N 118 
GLU H    H  N N 119 
GLU H2   H  N N 120 
GLU HA   H  N N 121 
GLU HB2  H  N N 122 
GLU HB3  H  N N 123 
GLU HG2  H  N N 124 
GLU HG3  H  N N 125 
GLU HE2  H  N N 126 
GLU HXT  H  N N 127 
GLY N    N  N N 128 
GLY CA   C  N N 129 
GLY C    C  N N 130 
GLY O    O  N N 131 
GLY OXT  O  N N 132 
GLY H    H  N N 133 
GLY H2   H  N N 134 
GLY HA2  H  N N 135 
GLY HA3  H  N N 136 
GLY HXT  H  N N 137 
HIS N    N  N N 138 
HIS CA   C  N S 139 
HIS C    C  N N 140 
HIS O    O  N N 141 
HIS CB   C  N N 142 
HIS CG   C  Y N 143 
HIS ND1  N  Y N 144 
HIS CD2  C  Y N 145 
HIS CE1  C  Y N 146 
HIS NE2  N  Y N 147 
HIS OXT  O  N N 148 
HIS H    H  N N 149 
HIS H2   H  N N 150 
HIS HA   H  N N 151 
HIS HB2  H  N N 152 
HIS HB3  H  N N 153 
HIS HD1  H  N N 154 
HIS HD2  H  N N 155 
HIS HE1  H  N N 156 
HIS HE2  H  N N 157 
HIS HXT  H  N N 158 
HOH O    O  N N 159 
HOH H1   H  N N 160 
HOH H2   H  N N 161 
ILE N    N  N N 162 
ILE CA   C  N S 163 
ILE C    C  N N 164 
ILE O    O  N N 165 
ILE CB   C  N S 166 
ILE CG1  C  N N 167 
ILE CG2  C  N N 168 
ILE CD1  C  N N 169 
ILE OXT  O  N N 170 
ILE H    H  N N 171 
ILE H2   H  N N 172 
ILE HA   H  N N 173 
ILE HB   H  N N 174 
ILE HG12 H  N N 175 
ILE HG13 H  N N 176 
ILE HG21 H  N N 177 
ILE HG22 H  N N 178 
ILE HG23 H  N N 179 
ILE HD11 H  N N 180 
ILE HD12 H  N N 181 
ILE HD13 H  N N 182 
ILE HXT  H  N N 183 
LEU N    N  N N 184 
LEU CA   C  N S 185 
LEU C    C  N N 186 
LEU O    O  N N 187 
LEU CB   C  N N 188 
LEU CG   C  N N 189 
LEU CD1  C  N N 190 
LEU CD2  C  N N 191 
LEU OXT  O  N N 192 
LEU H    H  N N 193 
LEU H2   H  N N 194 
LEU HA   H  N N 195 
LEU HB2  H  N N 196 
LEU HB3  H  N N 197 
LEU HG   H  N N 198 
LEU HD11 H  N N 199 
LEU HD12 H  N N 200 
LEU HD13 H  N N 201 
LEU HD21 H  N N 202 
LEU HD22 H  N N 203 
LEU HD23 H  N N 204 
LEU HXT  H  N N 205 
LYS N    N  N N 206 
LYS CA   C  N S 207 
LYS C    C  N N 208 
LYS O    O  N N 209 
LYS CB   C  N N 210 
LYS CG   C  N N 211 
LYS CD   C  N N 212 
LYS CE   C  N N 213 
LYS NZ   N  N N 214 
LYS OXT  O  N N 215 
LYS H    H  N N 216 
LYS H2   H  N N 217 
LYS HA   H  N N 218 
LYS HB2  H  N N 219 
LYS HB3  H  N N 220 
LYS HG2  H  N N 221 
LYS HG3  H  N N 222 
LYS HD2  H  N N 223 
LYS HD3  H  N N 224 
LYS HE2  H  N N 225 
LYS HE3  H  N N 226 
LYS HZ1  H  N N 227 
LYS HZ2  H  N N 228 
LYS HZ3  H  N N 229 
LYS HXT  H  N N 230 
MET N    N  N N 231 
MET CA   C  N S 232 
MET C    C  N N 233 
MET O    O  N N 234 
MET CB   C  N N 235 
MET CG   C  N N 236 
MET SD   S  N N 237 
MET CE   C  N N 238 
MET OXT  O  N N 239 
MET H    H  N N 240 
MET H2   H  N N 241 
MET HA   H  N N 242 
MET HB2  H  N N 243 
MET HB3  H  N N 244 
MET HG2  H  N N 245 
MET HG3  H  N N 246 
MET HE1  H  N N 247 
MET HE2  H  N N 248 
MET HE3  H  N N 249 
MET HXT  H  N N 250 
NY4 N1   N  N N 251 
NY4 C4   C  Y N 252 
NY4 C5   C  Y N 253 
NY4 C6   C  Y N 254 
NY4 C7   C  N N 255 
NY4 C8   C  N N 256 
NY4 C10  C  N N 257 
NY4 C1   C  N N 258 
NY4 C11  C  Y N 259 
NY4 C12  C  Y N 260 
NY4 C2   C  N S 261 
NY4 C3   C  Y N 262 
NY4 C9   C  N N 263 
NY4 N2   N  N N 264 
NY4 O1   O  N N 265 
NY4 H1   H  N N 266 
NY4 H2   H  N N 267 
NY4 H4   H  N N 268 
NY4 H5   H  N N 269 
NY4 H6   H  N N 270 
NY4 H7   H  N N 271 
NY4 H8   H  N N 272 
NY4 H9   H  N N 273 
NY4 H10  H  N N 274 
NY4 H11  H  N N 275 
NY4 H12  H  N N 276 
NY4 H13  H  N N 277 
NY4 H14  H  N N 278 
NY4 H15  H  N N 279 
NY4 H16  H  N N 280 
NY4 H17  H  N N 281 
PHE N    N  N N 282 
PHE CA   C  N S 283 
PHE C    C  N N 284 
PHE O    O  N N 285 
PHE CB   C  N N 286 
PHE CG   C  Y N 287 
PHE CD1  C  Y N 288 
PHE CD2  C  Y N 289 
PHE CE1  C  Y N 290 
PHE CE2  C  Y N 291 
PHE CZ   C  Y N 292 
PHE OXT  O  N N 293 
PHE H    H  N N 294 
PHE H2   H  N N 295 
PHE HA   H  N N 296 
PHE HB2  H  N N 297 
PHE HB3  H  N N 298 
PHE HD1  H  N N 299 
PHE HD2  H  N N 300 
PHE HE1  H  N N 301 
PHE HE2  H  N N 302 
PHE HZ   H  N N 303 
PHE HXT  H  N N 304 
PRO N    N  N N 305 
PRO CA   C  N S 306 
PRO C    C  N N 307 
PRO O    O  N N 308 
PRO CB   C  N N 309 
PRO CG   C  N N 310 
PRO CD   C  N N 311 
PRO OXT  O  N N 312 
PRO H    H  N N 313 
PRO HA   H  N N 314 
PRO HB2  H  N N 315 
PRO HB3  H  N N 316 
PRO HG2  H  N N 317 
PRO HG3  H  N N 318 
PRO HD2  H  N N 319 
PRO HD3  H  N N 320 
PRO HXT  H  N N 321 
SER N    N  N N 322 
SER CA   C  N S 323 
SER C    C  N N 324 
SER O    O  N N 325 
SER CB   C  N N 326 
SER OG   O  N N 327 
SER OXT  O  N N 328 
SER H    H  N N 329 
SER H2   H  N N 330 
SER HA   H  N N 331 
SER HB2  H  N N 332 
SER HB3  H  N N 333 
SER HG   H  N N 334 
SER HXT  H  N N 335 
THR N    N  N N 336 
THR CA   C  N S 337 
THR C    C  N N 338 
THR O    O  N N 339 
THR CB   C  N R 340 
THR OG1  O  N N 341 
THR CG2  C  N N 342 
THR OXT  O  N N 343 
THR H    H  N N 344 
THR H2   H  N N 345 
THR HA   H  N N 346 
THR HB   H  N N 347 
THR HG1  H  N N 348 
THR HG21 H  N N 349 
THR HG22 H  N N 350 
THR HG23 H  N N 351 
THR HXT  H  N N 352 
TRP N    N  N N 353 
TRP CA   C  N S 354 
TRP C    C  N N 355 
TRP O    O  N N 356 
TRP CB   C  N N 357 
TRP CG   C  Y N 358 
TRP CD1  C  Y N 359 
TRP CD2  C  Y N 360 
TRP NE1  N  Y N 361 
TRP CE2  C  Y N 362 
TRP CE3  C  Y N 363 
TRP CZ2  C  Y N 364 
TRP CZ3  C  Y N 365 
TRP CH2  C  Y N 366 
TRP OXT  O  N N 367 
TRP H    H  N N 368 
TRP H2   H  N N 369 
TRP HA   H  N N 370 
TRP HB2  H  N N 371 
TRP HB3  H  N N 372 
TRP HD1  H  N N 373 
TRP HE1  H  N N 374 
TRP HE3  H  N N 375 
TRP HZ2  H  N N 376 
TRP HZ3  H  N N 377 
TRP HH2  H  N N 378 
TRP HXT  H  N N 379 
TYR N    N  N N 380 
TYR CA   C  N S 381 
TYR C    C  N N 382 
TYR O    O  N N 383 
TYR CB   C  N N 384 
TYR CG   C  Y N 385 
TYR CD1  C  Y N 386 
TYR CD2  C  Y N 387 
TYR CE1  C  Y N 388 
TYR CE2  C  Y N 389 
TYR CZ   C  Y N 390 
TYR OH   O  N N 391 
TYR OXT  O  N N 392 
TYR H    H  N N 393 
TYR H2   H  N N 394 
TYR HA   H  N N 395 
TYR HB2  H  N N 396 
TYR HB3  H  N N 397 
TYR HD1  H  N N 398 
TYR HD2  H  N N 399 
TYR HE1  H  N N 400 
TYR HE2  H  N N 401 
TYR HH   H  N N 402 
TYR HXT  H  N N 403 
VAL N    N  N N 404 
VAL CA   C  N S 405 
VAL C    C  N N 406 
VAL O    O  N N 407 
VAL CB   C  N N 408 
VAL CG1  C  N N 409 
VAL CG2  C  N N 410 
VAL OXT  O  N N 411 
VAL H    H  N N 412 
VAL H2   H  N N 413 
VAL HA   H  N N 414 
VAL HB   H  N N 415 
VAL HG11 H  N N 416 
VAL HG12 H  N N 417 
VAL HG13 H  N N 418 
VAL HG21 H  N N 419 
VAL HG22 H  N N 420 
VAL HG23 H  N N 421 
VAL HXT  H  N N 422 
# 
loop_
_chem_comp_bond.comp_id 
_chem_comp_bond.atom_id_1 
_chem_comp_bond.atom_id_2 
_chem_comp_bond.value_order 
_chem_comp_bond.pdbx_aromatic_flag 
_chem_comp_bond.pdbx_stereo_config 
_chem_comp_bond.pdbx_ordinal 
ALA N   CA   sing N N 1   
ALA N   H    sing N N 2   
ALA N   H2   sing N N 3   
ALA CA  C    sing N N 4   
ALA CA  CB   sing N N 5   
ALA CA  HA   sing N N 6   
ALA C   O    doub N N 7   
ALA C   OXT  sing N N 8   
ALA CB  HB1  sing N N 9   
ALA CB  HB2  sing N N 10  
ALA CB  HB3  sing N N 11  
ALA OXT HXT  sing N N 12  
ARG N   CA   sing N N 13  
ARG N   H    sing N N 14  
ARG N   H2   sing N N 15  
ARG CA  C    sing N N 16  
ARG CA  CB   sing N N 17  
ARG CA  HA   sing N N 18  
ARG C   O    doub N N 19  
ARG C   OXT  sing N N 20  
ARG CB  CG   sing N N 21  
ARG CB  HB2  sing N N 22  
ARG CB  HB3  sing N N 23  
ARG CG  CD   sing N N 24  
ARG CG  HG2  sing N N 25  
ARG CG  HG3  sing N N 26  
ARG CD  NE   sing N N 27  
ARG CD  HD2  sing N N 28  
ARG CD  HD3  sing N N 29  
ARG NE  CZ   sing N N 30  
ARG NE  HE   sing N N 31  
ARG CZ  NH1  sing N N 32  
ARG CZ  NH2  doub N N 33  
ARG NH1 HH11 sing N N 34  
ARG NH1 HH12 sing N N 35  
ARG NH2 HH21 sing N N 36  
ARG NH2 HH22 sing N N 37  
ARG OXT HXT  sing N N 38  
ASN N   CA   sing N N 39  
ASN N   H    sing N N 40  
ASN N   H2   sing N N 41  
ASN CA  C    sing N N 42  
ASN CA  CB   sing N N 43  
ASN CA  HA   sing N N 44  
ASN C   O    doub N N 45  
ASN C   OXT  sing N N 46  
ASN CB  CG   sing N N 47  
ASN CB  HB2  sing N N 48  
ASN CB  HB3  sing N N 49  
ASN CG  OD1  doub N N 50  
ASN CG  ND2  sing N N 51  
ASN ND2 HD21 sing N N 52  
ASN ND2 HD22 sing N N 53  
ASN OXT HXT  sing N N 54  
ASP N   CA   sing N N 55  
ASP N   H    sing N N 56  
ASP N   H2   sing N N 57  
ASP CA  C    sing N N 58  
ASP CA  CB   sing N N 59  
ASP CA  HA   sing N N 60  
ASP C   O    doub N N 61  
ASP C   OXT  sing N N 62  
ASP CB  CG   sing N N 63  
ASP CB  HB2  sing N N 64  
ASP CB  HB3  sing N N 65  
ASP CG  OD1  doub N N 66  
ASP CG  OD2  sing N N 67  
ASP OD2 HD2  sing N N 68  
ASP OXT HXT  sing N N 69  
CYS N   CA   sing N N 70  
CYS N   H    sing N N 71  
CYS N   H2   sing N N 72  
CYS CA  C    sing N N 73  
CYS CA  CB   sing N N 74  
CYS CA  HA   sing N N 75  
CYS C   O    doub N N 76  
CYS C   OXT  sing N N 77  
CYS CB  SG   sing N N 78  
CYS CB  HB2  sing N N 79  
CYS CB  HB3  sing N N 80  
CYS SG  HG   sing N N 81  
CYS OXT HXT  sing N N 82  
GLN N   CA   sing N N 83  
GLN N   H    sing N N 84  
GLN N   H2   sing N N 85  
GLN CA  C    sing N N 86  
GLN CA  CB   sing N N 87  
GLN CA  HA   sing N N 88  
GLN C   O    doub N N 89  
GLN C   OXT  sing N N 90  
GLN CB  CG   sing N N 91  
GLN CB  HB2  sing N N 92  
GLN CB  HB3  sing N N 93  
GLN CG  CD   sing N N 94  
GLN CG  HG2  sing N N 95  
GLN CG  HG3  sing N N 96  
GLN CD  OE1  doub N N 97  
GLN CD  NE2  sing N N 98  
GLN NE2 HE21 sing N N 99  
GLN NE2 HE22 sing N N 100 
GLN OXT HXT  sing N N 101 
GLU N   CA   sing N N 102 
GLU N   H    sing N N 103 
GLU N   H2   sing N N 104 
GLU CA  C    sing N N 105 
GLU CA  CB   sing N N 106 
GLU CA  HA   sing N N 107 
GLU C   O    doub N N 108 
GLU C   OXT  sing N N 109 
GLU CB  CG   sing N N 110 
GLU CB  HB2  sing N N 111 
GLU CB  HB3  sing N N 112 
GLU CG  CD   sing N N 113 
GLU CG  HG2  sing N N 114 
GLU CG  HG3  sing N N 115 
GLU CD  OE1  doub N N 116 
GLU CD  OE2  sing N N 117 
GLU OE2 HE2  sing N N 118 
GLU OXT HXT  sing N N 119 
GLY N   CA   sing N N 120 
GLY N   H    sing N N 121 
GLY N   H2   sing N N 122 
GLY CA  C    sing N N 123 
GLY CA  HA2  sing N N 124 
GLY CA  HA3  sing N N 125 
GLY C   O    doub N N 126 
GLY C   OXT  sing N N 127 
GLY OXT HXT  sing N N 128 
HIS N   CA   sing N N 129 
HIS N   H    sing N N 130 
HIS N   H2   sing N N 131 
HIS CA  C    sing N N 132 
HIS CA  CB   sing N N 133 
HIS CA  HA   sing N N 134 
HIS C   O    doub N N 135 
HIS C   OXT  sing N N 136 
HIS CB  CG   sing N N 137 
HIS CB  HB2  sing N N 138 
HIS CB  HB3  sing N N 139 
HIS CG  ND1  sing Y N 140 
HIS CG  CD2  doub Y N 141 
HIS ND1 CE1  doub Y N 142 
HIS ND1 HD1  sing N N 143 
HIS CD2 NE2  sing Y N 144 
HIS CD2 HD2  sing N N 145 
HIS CE1 NE2  sing Y N 146 
HIS CE1 HE1  sing N N 147 
HIS NE2 HE2  sing N N 148 
HIS OXT HXT  sing N N 149 
HOH O   H1   sing N N 150 
HOH O   H2   sing N N 151 
ILE N   CA   sing N N 152 
ILE N   H    sing N N 153 
ILE N   H2   sing N N 154 
ILE CA  C    sing N N 155 
ILE CA  CB   sing N N 156 
ILE CA  HA   sing N N 157 
ILE C   O    doub N N 158 
ILE C   OXT  sing N N 159 
ILE CB  CG1  sing N N 160 
ILE CB  CG2  sing N N 161 
ILE CB  HB   sing N N 162 
ILE CG1 CD1  sing N N 163 
ILE CG1 HG12 sing N N 164 
ILE CG1 HG13 sing N N 165 
ILE CG2 HG21 sing N N 166 
ILE CG2 HG22 sing N N 167 
ILE CG2 HG23 sing N N 168 
ILE CD1 HD11 sing N N 169 
ILE CD1 HD12 sing N N 170 
ILE CD1 HD13 sing N N 171 
ILE OXT HXT  sing N N 172 
LEU N   CA   sing N N 173 
LEU N   H    sing N N 174 
LEU N   H2   sing N N 175 
LEU CA  C    sing N N 176 
LEU CA  CB   sing N N 177 
LEU CA  HA   sing N N 178 
LEU C   O    doub N N 179 
LEU C   OXT  sing N N 180 
LEU CB  CG   sing N N 181 
LEU CB  HB2  sing N N 182 
LEU CB  HB3  sing N N 183 
LEU CG  CD1  sing N N 184 
LEU CG  CD2  sing N N 185 
LEU CG  HG   sing N N 186 
LEU CD1 HD11 sing N N 187 
LEU CD1 HD12 sing N N 188 
LEU CD1 HD13 sing N N 189 
LEU CD2 HD21 sing N N 190 
LEU CD2 HD22 sing N N 191 
LEU CD2 HD23 sing N N 192 
LEU OXT HXT  sing N N 193 
LYS N   CA   sing N N 194 
LYS N   H    sing N N 195 
LYS N   H2   sing N N 196 
LYS CA  C    sing N N 197 
LYS CA  CB   sing N N 198 
LYS CA  HA   sing N N 199 
LYS C   O    doub N N 200 
LYS C   OXT  sing N N 201 
LYS CB  CG   sing N N 202 
LYS CB  HB2  sing N N 203 
LYS CB  HB3  sing N N 204 
LYS CG  CD   sing N N 205 
LYS CG  HG2  sing N N 206 
LYS CG  HG3  sing N N 207 
LYS CD  CE   sing N N 208 
LYS CD  HD2  sing N N 209 
LYS CD  HD3  sing N N 210 
LYS CE  NZ   sing N N 211 
LYS CE  HE2  sing N N 212 
LYS CE  HE3  sing N N 213 
LYS NZ  HZ1  sing N N 214 
LYS NZ  HZ2  sing N N 215 
LYS NZ  HZ3  sing N N 216 
LYS OXT HXT  sing N N 217 
MET N   CA   sing N N 218 
MET N   H    sing N N 219 
MET N   H2   sing N N 220 
MET CA  C    sing N N 221 
MET CA  CB   sing N N 222 
MET CA  HA   sing N N 223 
MET C   O    doub N N 224 
MET C   OXT  sing N N 225 
MET CB  CG   sing N N 226 
MET CB  HB2  sing N N 227 
MET CB  HB3  sing N N 228 
MET CG  SD   sing N N 229 
MET CG  HG2  sing N N 230 
MET CG  HG3  sing N N 231 
MET SD  CE   sing N N 232 
MET CE  HE1  sing N N 233 
MET CE  HE2  sing N N 234 
MET CE  HE3  sing N N 235 
MET OXT HXT  sing N N 236 
NY4 C9  C8   sing N N 237 
NY4 C9  C10  sing N N 238 
NY4 C8  C10  sing N N 239 
NY4 C8  C7   sing N N 240 
NY4 C7  N2   sing N N 241 
NY4 C7  O1   doub N N 242 
NY4 N2  C6   sing N N 243 
NY4 C6  C11  doub Y N 244 
NY4 C6  C5   sing Y N 245 
NY4 C11 C12  sing Y N 246 
NY4 C5  C4   doub Y N 247 
NY4 C12 C3   doub Y N 248 
NY4 C4  C3   sing Y N 249 
NY4 C3  C2   sing N N 250 
NY4 C2  N1   sing N N 251 
NY4 C2  C1   sing N N 252 
NY4 N1  H1   sing N N 253 
NY4 N1  H2   sing N N 254 
NY4 C4  H4   sing N N 255 
NY4 C5  H5   sing N N 256 
NY4 C8  H6   sing N N 257 
NY4 C10 H7   sing N N 258 
NY4 C10 H8   sing N N 259 
NY4 C1  H9   sing N N 260 
NY4 C1  H10  sing N N 261 
NY4 C1  H11  sing N N 262 
NY4 C11 H12  sing N N 263 
NY4 C12 H13  sing N N 264 
NY4 C2  H14  sing N N 265 
NY4 C9  H15  sing N N 266 
NY4 C9  H16  sing N N 267 
NY4 N2  H17  sing N N 268 
PHE N   CA   sing N N 269 
PHE N   H    sing N N 270 
PHE N   H2   sing N N 271 
PHE CA  C    sing N N 272 
PHE CA  CB   sing N N 273 
PHE CA  HA   sing N N 274 
PHE C   O    doub N N 275 
PHE C   OXT  sing N N 276 
PHE CB  CG   sing N N 277 
PHE CB  HB2  sing N N 278 
PHE CB  HB3  sing N N 279 
PHE CG  CD1  doub Y N 280 
PHE CG  CD2  sing Y N 281 
PHE CD1 CE1  sing Y N 282 
PHE CD1 HD1  sing N N 283 
PHE CD2 CE2  doub Y N 284 
PHE CD2 HD2  sing N N 285 
PHE CE1 CZ   doub Y N 286 
PHE CE1 HE1  sing N N 287 
PHE CE2 CZ   sing Y N 288 
PHE CE2 HE2  sing N N 289 
PHE CZ  HZ   sing N N 290 
PHE OXT HXT  sing N N 291 
PRO N   CA   sing N N 292 
PRO N   CD   sing N N 293 
PRO N   H    sing N N 294 
PRO CA  C    sing N N 295 
PRO CA  CB   sing N N 296 
PRO CA  HA   sing N N 297 
PRO C   O    doub N N 298 
PRO C   OXT  sing N N 299 
PRO CB  CG   sing N N 300 
PRO CB  HB2  sing N N 301 
PRO CB  HB3  sing N N 302 
PRO CG  CD   sing N N 303 
PRO CG  HG2  sing N N 304 
PRO CG  HG3  sing N N 305 
PRO CD  HD2  sing N N 306 
PRO CD  HD3  sing N N 307 
PRO OXT HXT  sing N N 308 
SER N   CA   sing N N 309 
SER N   H    sing N N 310 
SER N   H2   sing N N 311 
SER CA  C    sing N N 312 
SER CA  CB   sing N N 313 
SER CA  HA   sing N N 314 
SER C   O    doub N N 315 
SER C   OXT  sing N N 316 
SER CB  OG   sing N N 317 
SER CB  HB2  sing N N 318 
SER CB  HB3  sing N N 319 
SER OG  HG   sing N N 320 
SER OXT HXT  sing N N 321 
THR N   CA   sing N N 322 
THR N   H    sing N N 323 
THR N   H2   sing N N 324 
THR CA  C    sing N N 325 
THR CA  CB   sing N N 326 
THR CA  HA   sing N N 327 
THR C   O    doub N N 328 
THR C   OXT  sing N N 329 
THR CB  OG1  sing N N 330 
THR CB  CG2  sing N N 331 
THR CB  HB   sing N N 332 
THR OG1 HG1  sing N N 333 
THR CG2 HG21 sing N N 334 
THR CG2 HG22 sing N N 335 
THR CG2 HG23 sing N N 336 
THR OXT HXT  sing N N 337 
TRP N   CA   sing N N 338 
TRP N   H    sing N N 339 
TRP N   H2   sing N N 340 
TRP CA  C    sing N N 341 
TRP CA  CB   sing N N 342 
TRP CA  HA   sing N N 343 
TRP C   O    doub N N 344 
TRP C   OXT  sing N N 345 
TRP CB  CG   sing N N 346 
TRP CB  HB2  sing N N 347 
TRP CB  HB3  sing N N 348 
TRP CG  CD1  doub Y N 349 
TRP CG  CD2  sing Y N 350 
TRP CD1 NE1  sing Y N 351 
TRP CD1 HD1  sing N N 352 
TRP CD2 CE2  doub Y N 353 
TRP CD2 CE3  sing Y N 354 
TRP NE1 CE2  sing Y N 355 
TRP NE1 HE1  sing N N 356 
TRP CE2 CZ2  sing Y N 357 
TRP CE3 CZ3  doub Y N 358 
TRP CE3 HE3  sing N N 359 
TRP CZ2 CH2  doub Y N 360 
TRP CZ2 HZ2  sing N N 361 
TRP CZ3 CH2  sing Y N 362 
TRP CZ3 HZ3  sing N N 363 
TRP CH2 HH2  sing N N 364 
TRP OXT HXT  sing N N 365 
TYR N   CA   sing N N 366 
TYR N   H    sing N N 367 
TYR N   H2   sing N N 368 
TYR CA  C    sing N N 369 
TYR CA  CB   sing N N 370 
TYR CA  HA   sing N N 371 
TYR C   O    doub N N 372 
TYR C   OXT  sing N N 373 
TYR CB  CG   sing N N 374 
TYR CB  HB2  sing N N 375 
TYR CB  HB3  sing N N 376 
TYR CG  CD1  doub Y N 377 
TYR CG  CD2  sing Y N 378 
TYR CD1 CE1  sing Y N 379 
TYR CD1 HD1  sing N N 380 
TYR CD2 CE2  doub Y N 381 
TYR CD2 HD2  sing N N 382 
TYR CE1 CZ   doub Y N 383 
TYR CE1 HE1  sing N N 384 
TYR CE2 CZ   sing Y N 385 
TYR CE2 HE2  sing N N 386 
TYR CZ  OH   sing N N 387 
TYR OH  HH   sing N N 388 
TYR OXT HXT  sing N N 389 
VAL N   CA   sing N N 390 
VAL N   H    sing N N 391 
VAL N   H2   sing N N 392 
VAL CA  C    sing N N 393 
VAL CA  CB   sing N N 394 
VAL CA  HA   sing N N 395 
VAL C   O    doub N N 396 
VAL C   OXT  sing N N 397 
VAL CB  CG1  sing N N 398 
VAL CB  CG2  sing N N 399 
VAL CB  HB   sing N N 400 
VAL CG1 HG11 sing N N 401 
VAL CG1 HG12 sing N N 402 
VAL CG1 HG13 sing N N 403 
VAL CG2 HG21 sing N N 404 
VAL CG2 HG22 sing N N 405 
VAL CG2 HG23 sing N N 406 
VAL OXT HXT  sing N N 407 
# 
_pdbx_deposit_group.group_id            G_1002080 
_pdbx_deposit_group.group_description   
;Human Brachyury screened against the DSI-poised Fragment Library by X-ray Crystallography at the XChem facility of Diamond Light Source beamline I04-1
;
_pdbx_deposit_group.group_title         'PanDDA analysis group deposition' 
_pdbx_deposit_group.group_type          'changed state' 
# 
_pdbx_entity_instance_feature.ordinal        1 
_pdbx_entity_instance_feature.comp_id        NY4 
_pdbx_entity_instance_feature.asym_id        ? 
_pdbx_entity_instance_feature.seq_num        ? 
_pdbx_entity_instance_feature.auth_comp_id   NY4 
_pdbx_entity_instance_feature.auth_asym_id   ? 
_pdbx_entity_instance_feature.auth_seq_num   ? 
_pdbx_entity_instance_feature.feature_type   'SUBJECT OF INVESTIGATION' 
_pdbx_entity_instance_feature.details        ? 
# 
_atom_sites.entry_id                    5QRS 
_atom_sites.fract_transf_matrix[1][1]   0.00184999 
_atom_sites.fract_transf_matrix[1][2]   0.01436444 
_atom_sites.fract_transf_matrix[1][3]   -0.00832050 
_atom_sites.fract_transf_matrix[2][1]   -0.01648920 
_atom_sites.fract_transf_matrix[2][2]   0.00255680 
_atom_sites.fract_transf_matrix[2][3]   0.00074780 
_atom_sites.fract_transf_matrix[3][1]   0.00104083 
_atom_sites.fract_transf_matrix[3][2]   0.00441536 
_atom_sites.fract_transf_matrix[3][3]   0.00785406 
_atom_sites.fract_transf_vector[1]      0.344328 
_atom_sites.fract_transf_vector[2]      -0.021643 
_atom_sites.fract_transf_vector[3]      0.060223 
# 
loop_
_atom_type.symbol 
C  
CD 
N  
O  
S  
# 
loop_
_atom_site.group_PDB 
_atom_site.id 
_atom_site.type_symbol 
_atom_site.label_atom_id 
_atom_site.label_alt_id 
_atom_site.label_comp_id 
_atom_site.label_asym_id 
_atom_site.label_entity_id 
_atom_site.label_seq_id 
_atom_site.pdbx_PDB_ins_code 
_atom_site.Cartn_x 
_atom_site.Cartn_y 
_atom_site.Cartn_z 
_atom_site.occupancy 
_atom_site.B_iso_or_equiv 
_atom_site.pdbx_formal_charge 
_atom_site.auth_seq_id 
_atom_site.auth_comp_id 
_atom_site.auth_asym_id 
_atom_site.auth_atom_id 
_atom_site.pdbx_PDB_model_num 
ATOM   1    N  N   . GLU A 1 2   ? 16.737  17.886  -2.584  1.00 71.25  ? 41  GLU A N   1 
ATOM   2    C  CA  . GLU A 1 2   ? 15.754  17.102  -3.386  1.00 69.95  ? 41  GLU A CA  1 
ATOM   3    C  C   . GLU A 1 2   ? 15.162  16.012  -2.473  1.00 64.87  ? 41  GLU A C   1 
ATOM   4    O  O   . GLU A 1 2   ? 15.931  15.278  -1.812  1.00 60.80  ? 41  GLU A O   1 
ATOM   5    C  CB  . GLU A 1 2   ? 16.427  16.567  -4.663  1.00 74.65  ? 41  GLU A CB  1 
ATOM   6    C  CG  . GLU A 1 2   ? 15.528  16.512  -5.903  1.00 75.26  ? 41  GLU A CG  1 
ATOM   7    C  CD  . GLU A 1 2   ? 15.834  17.494  -7.032  1.00 82.64  ? 41  GLU A CD  1 
ATOM   8    O  OE1 . GLU A 1 2   ? 16.094  17.040  -8.170  1.00 83.55  ? 41  GLU A OE1 1 
ATOM   9    O  OE2 . GLU A 1 2   ? 15.786  18.713  -6.788  1.00 82.32  ? 41  GLU A OE2 1 
ATOM   10   N  N   . LEU A 1 3   ? 13.832  15.948  -2.407  1.00 59.28  ? 42  LEU A N   1 
ATOM   11   C  CA  . LEU A 1 3   ? 13.057  14.955  -1.616  1.00 55.84  ? 42  LEU A CA  1 
ATOM   12   C  C   . LEU A 1 3   ? 13.242  13.558  -2.225  1.00 52.52  ? 42  LEU A C   1 
ATOM   13   O  O   . LEU A 1 3   ? 12.809  13.369  -3.352  1.00 53.39  ? 42  LEU A O   1 
ATOM   14   C  CB  . LEU A 1 3   ? 11.592  15.401  -1.644  1.00 55.92  ? 42  LEU A CB  1 
ATOM   15   C  CG  . LEU A 1 3   ? 10.582  14.534  -0.896  1.00 58.07  ? 42  LEU A CG  1 
ATOM   16   C  CD1 . LEU A 1 3   ? 11.204  13.820  0.295   1.00 60.71  ? 42  LEU A CD1 1 
ATOM   17   C  CD2 . LEU A 1 3   ? 9.405   15.385  -0.443  1.00 59.94  ? 42  LEU A CD2 1 
ATOM   18   N  N   . ARG A 1 4   ? 13.893  12.630  -1.515  1.00 46.49  ? 43  ARG A N   1 
ATOM   19   C  CA  . ARG A 1 4   ? 14.139  11.243  -1.984  1.00 44.81  ? 43  ARG A CA  1 
ATOM   20   C  C   . ARG A 1 4   ? 13.226  10.285  -1.201  1.00 47.80  ? 43  ARG A C   1 
ATOM   21   O  O   . ARG A 1 4   ? 13.217  10.349  0.047   1.00 44.42  ? 43  ARG A O   1 
ATOM   22   C  CB  . ARG A 1 4   ? 15.620  10.891  -1.825  1.00 39.21  ? 43  ARG A CB  1 
ATOM   23   N  N   . VAL A 1 5   ? 12.478  9.436   -1.912  1.00 49.26  ? 44  VAL A N   1 
ATOM   24   C  CA  . VAL A 1 5   ? 11.584  8.396   -1.320  1.00 48.70  ? 44  VAL A CA  1 
ATOM   25   C  C   . VAL A 1 5   ? 11.998  7.023   -1.855  1.00 48.38  ? 44  VAL A C   1 
ATOM   26   O  O   . VAL A 1 5   ? 11.967  6.851   -3.086  1.00 52.47  ? 44  VAL A O   1 
ATOM   27   C  CB  . VAL A 1 5   ? 10.105  8.680   -1.637  1.00 49.11  ? 44  VAL A CB  1 
ATOM   28   C  CG1 . VAL A 1 5   ? 9.198   7.583   -1.091  1.00 48.16  ? 44  VAL A CG1 1 
ATOM   29   C  CG2 . VAL A 1 5   ? 9.677   10.045  -1.123  1.00 49.06  ? 44  VAL A CG2 1 
ATOM   30   N  N   . GLY A 1 6   ? 12.312  6.082   -0.959  1.00 46.99  ? 45  GLY A N   1 
ATOM   31   C  CA  . GLY A 1 6   ? 12.734  4.707   -1.289  1.00 44.98  ? 45  GLY A CA  1 
ATOM   32   C  C   . GLY A 1 6   ? 11.982  3.654   -0.486  1.00 43.66  ? 45  GLY A C   1 
ATOM   33   O  O   . GLY A 1 6   ? 11.455  3.985   0.595   1.00 43.22  ? 45  GLY A O   1 
ATOM   34   N  N   . LEU A 1 7   ? 11.963  2.419   -0.993  1.00 41.75  ? 46  LEU A N   1 
ATOM   35   C  CA  . LEU A 1 7   ? 11.273  1.252   -0.389  1.00 42.57  ? 46  LEU A CA  1 
ATOM   36   C  C   . LEU A 1 7   ? 12.263  0.475   0.487   1.00 40.92  ? 46  LEU A C   1 
ATOM   37   O  O   . LEU A 1 7   ? 13.285  0.011   -0.043  1.00 44.00  ? 46  LEU A O   1 
ATOM   38   C  CB  . LEU A 1 7   ? 10.709  0.374   -1.514  1.00 42.02  ? 46  LEU A CB  1 
ATOM   39   C  CG  . LEU A 1 7   ? 9.921   -0.847  -1.048  1.00 38.32  ? 46  LEU A CG  1 
ATOM   40   C  CD1 . LEU A 1 7   ? 8.790   -0.438  -0.135  1.00 36.21  ? 46  LEU A CD1 1 
ATOM   41   C  CD2 . LEU A 1 7   ? 9.395   -1.640  -2.227  1.00 37.45  ? 46  LEU A CD2 1 
ATOM   42   N  N   . GLU A 1 8   ? 11.990  0.379   1.788   1.00 39.41  ? 47  GLU A N   1 
ATOM   43   C  CA  . GLU A 1 8   ? 12.772  -0.454  2.733   1.00 41.04  ? 47  GLU A CA  1 
ATOM   44   C  C   . GLU A 1 8   ? 12.396  -1.911  2.428   1.00 40.35  ? 47  GLU A C   1 
ATOM   45   O  O   . GLU A 1 8   ? 11.196  -2.155  2.141   1.00 35.09  ? 47  GLU A O   1 
ATOM   46   C  CB  . GLU A 1 8   ? 12.500  0.005   4.174   1.00 43.69  ? 47  GLU A CB  1 
ATOM   47   C  CG  . GLU A 1 8   ? 13.183  -0.838  5.247   1.00 50.91  ? 47  GLU A CG  1 
ATOM   48   C  CD  . GLU A 1 8   ? 14.674  -0.594  5.445   1.00 54.14  ? 47  GLU A CD  1 
ATOM   49   O  OE1 . GLU A 1 8   ? 15.252  0.194   4.669   1.00 53.41  ? 47  GLU A OE1 1 
ATOM   50   O  OE2 . GLU A 1 8   ? 15.258  -1.192  6.383   1.00 61.65  ? 47  GLU A OE2 1 
ATOM   51   N  N   . GLU A 1 9   ? 13.387  -2.811  2.425   1.00 37.27  ? 48  GLU A N   1 
ATOM   52   C  CA  . GLU A 1 9   ? 13.241  -4.273  2.180   1.00 39.38  ? 48  GLU A CA  1 
ATOM   53   C  C   . GLU A 1 9   ? 12.681  -4.549  0.781   1.00 41.40  ? 48  GLU A C   1 
ATOM   54   O  O   . GLU A 1 9   ? 11.822  -5.465  0.656   1.00 40.52  ? 48  GLU A O   1 
ATOM   55   C  CB  . GLU A 1 9   ? 12.288  -4.927  3.180   1.00 42.65  ? 48  GLU A CB  1 
ATOM   56   C  CG  . GLU A 1 9   ? 12.726  -4.831  4.627   1.00 47.20  ? 48  GLU A CG  1 
ATOM   57   C  CD  . GLU A 1 9   ? 11.676  -5.330  5.605   1.00 51.61  ? 48  GLU A CD  1 
ATOM   58   O  OE1 . GLU A 1 9   ? 10.813  -6.143  5.201   1.00 61.45  ? 48  GLU A OE1 1 
ATOM   59   O  OE2 . GLU A 1 9   ? 11.706  -4.890  6.761   1.00 55.49  ? 48  GLU A OE2 1 
ATOM   60   N  N   . SER A 1 10  ? 13.148  -3.850  -0.255  1.00 37.73  ? 49  SER A N   1 
ATOM   61   C  CA  . SER A 1 10  ? 12.644  -4.098  -1.632  1.00 39.80  ? 49  SER A CA  1 
ATOM   62   C  C   . SER A 1 10  ? 12.967  -5.538  -2.044  1.00 34.98  ? 49  SER A C   1 
ATOM   63   O  O   . SER A 1 10  ? 12.144  -6.121  -2.763  1.00 37.74  ? 49  SER A O   1 
ATOM   64   C  CB  . SER A 1 10  ? 13.152  -3.087  -2.639  1.00 38.23  ? 49  SER A CB  1 
ATOM   65   O  OG  . SER A 1 10  ? 14.559  -3.131  -2.701  1.00 41.05  ? 49  SER A OG  1 
ATOM   66   N  N   . GLU A 1 11  ? 14.107  -6.084  -1.611  1.00 36.16  ? 50  GLU A N   1 
ATOM   67   C  CA  . GLU A 1 11  ? 14.509  -7.504  -1.846  1.00 43.21  ? 50  GLU A CA  1 
ATOM   68   C  C   . GLU A 1 11  ? 13.328  -8.433  -1.505  1.00 40.66  ? 50  GLU A C   1 
ATOM   69   O  O   . GLU A 1 11  ? 13.025  -9.330  -2.316  1.00 42.28  ? 50  GLU A O   1 
ATOM   70   C  CB  . GLU A 1 11  ? 15.781  -7.872  -1.065  1.00 44.84  ? 50  GLU A CB  1 
ATOM   71   C  CG  . GLU A 1 11  ? 15.576  -8.782  0.145   1.00 53.50  ? 50  GLU A CG  1 
ATOM   72   C  CD  . GLU A 1 11  ? 15.622  -10.285 -0.110  1.00 54.17  ? 50  GLU A CD  1 
ATOM   73   O  OE1 . GLU A 1 11  ? 15.352  -11.046 0.835   1.00 66.35  ? 50  GLU A OE1 1 
ATOM   74   O  OE2 . GLU A 1 11  ? 15.954  -10.699 -1.238  1.00 61.57  ? 50  GLU A OE2 1 
ATOM   75   N  N   . LEU A 1 12  ? 12.660  -8.211  -0.373  1.00 38.00  ? 51  LEU A N   1 
ATOM   76   C  CA  . LEU A 1 12  ? 11.599  -9.134  0.119   1.00 41.34  ? 51  LEU A CA  1 
ATOM   77   C  C   . LEU A 1 12  ? 10.339  -8.932  -0.728  1.00 37.21  ? 51  LEU A C   1 
ATOM   78   O  O   . LEU A 1 12  ? 9.778   -9.928  -1.217  1.00 35.00  ? 51  LEU A O   1 
ATOM   79   C  CB  . LEU A 1 12  ? 11.314  -8.895  1.606   1.00 40.95  ? 51  LEU A CB  1 
ATOM   80   C  CG  . LEU A 1 12  ? 10.248  -9.827  2.198   1.00 44.55  ? 51  LEU A CG  1 
ATOM   81   C  CD1 . LEU A 1 12  ? 10.613  -11.294 1.983   1.00 43.15  ? 51  LEU A CD1 1 
ATOM   82   C  CD2 . LEU A 1 12  ? 10.017  -9.545  3.672   1.00 44.42  ? 51  LEU A CD2 1 
ATOM   83   N  N   . TRP A 1 13  ? 9.934   -7.678  -0.929  1.00 36.61  ? 52  TRP A N   1 
ATOM   84   C  CA  . TRP A 1 13  ? 8.785   -7.322  -1.800  1.00 33.07  ? 52  TRP A CA  1 
ATOM   85   C  C   . TRP A 1 13  ? 8.945   -7.957  -3.187  1.00 34.79  ? 52  TRP A C   1 
ATOM   86   O  O   . TRP A 1 13  ? 7.925   -8.415  -3.741  1.00 32.03  ? 52  TRP A O   1 
ATOM   87   C  CB  . TRP A 1 13  ? 8.629   -5.811  -1.895  1.00 30.33  ? 52  TRP A CB  1 
ATOM   88   C  CG  . TRP A 1 13  ? 7.930   -5.191  -0.733  1.00 26.97  ? 52  TRP A CG  1 
ATOM   89   C  CD1 . TRP A 1 13  ? 8.511   -4.456  0.252   1.00 26.19  ? 52  TRP A CD1 1 
ATOM   90   C  CD2 . TRP A 1 13  ? 6.515   -5.198  -0.452  1.00 26.47  ? 52  TRP A CD2 1 
ATOM   91   N  NE1 . TRP A 1 13  ? 7.564   -4.024  1.136   1.00 27.92  ? 52  TRP A NE1 1 
ATOM   92   C  CE2 . TRP A 1 13  ? 6.328   -4.441  0.724   1.00 25.96  ? 52  TRP A CE2 1 
ATOM   93   C  CE3 . TRP A 1 13  ? 5.392   -5.754  -1.071  1.00 26.01  ? 52  TRP A CE3 1 
ATOM   94   C  CZ2 . TRP A 1 13  ? 5.071   -4.225  1.287   1.00 26.64  ? 52  TRP A CZ2 1 
ATOM   95   C  CZ3 . TRP A 1 13  ? 4.144   -5.550  -0.514  1.00 26.19  ? 52  TRP A CZ3 1 
ATOM   96   C  CH2 . TRP A 1 13  ? 3.990   -4.802  0.657   1.00 27.31  ? 52  TRP A CH2 1 
ATOM   97   N  N   . LEU A 1 14  ? 10.162  -7.990  -3.732  1.00 35.80  ? 53  LEU A N   1 
ATOM   98   C  CA  . LEU A 1 14  ? 10.426  -8.522  -5.098  1.00 40.55  ? 53  LEU A CA  1 
ATOM   99   C  C   . LEU A 1 14  ? 10.198  -10.043 -5.128  1.00 40.30  ? 53  LEU A C   1 
ATOM   100  O  O   . LEU A 1 14  ? 9.670   -10.538 -6.156  1.00 37.56  ? 53  LEU A O   1 
ATOM   101  C  CB  . LEU A 1 14  ? 11.844  -8.136  -5.539  1.00 44.07  ? 53  LEU A CB  1 
ATOM   102  C  CG  . LEU A 1 14  ? 11.995  -6.848  -6.365  1.00 50.67  ? 53  LEU A CG  1 
ATOM   103  C  CD1 . LEU A 1 14  ? 10.745  -5.973  -6.361  1.00 53.32  ? 53  LEU A CD1 1 
ATOM   104  C  CD2 . LEU A 1 14  ? 13.195  -6.038  -5.895  1.00 52.46  ? 53  LEU A CD2 1 
ATOM   105  N  N   . ARG A 1 15  ? 10.533  -10.759 -4.049  1.00 41.28  ? 54  ARG A N   1 
ATOM   106  C  CA  . ARG A 1 15  ? 10.209  -12.206 -3.927  1.00 42.64  ? 54  ARG A CA  1 
ATOM   107  C  C   . ARG A 1 15  ? 8.691   -12.380 -4.083  1.00 38.01  ? 54  ARG A C   1 
ATOM   108  O  O   . ARG A 1 15  ? 8.286   -13.284 -4.837  1.00 40.20  ? 54  ARG A O   1 
ATOM   109  C  CB  . ARG A 1 15  ? 10.685  -12.802 -2.599  1.00 50.08  ? 54  ARG A CB  1 
ATOM   110  C  CG  . ARG A 1 15  ? 12.154  -12.552 -2.278  1.00 57.21  ? 54  ARG A CG  1 
ATOM   111  C  CD  . ARG A 1 15  ? 13.058  -13.715 -2.623  1.00 59.41  ? 54  ARG A CD  1 
ATOM   112  N  NE  . ARG A 1 15  ? 12.832  -14.870 -1.769  1.00 61.95  ? 54  ARG A NE  1 
ATOM   113  C  CZ  . ARG A 1 15  ? 13.306  -15.015 -0.535  1.00 65.91  ? 54  ARG A CZ  1 
ATOM   114  N  NH1 . ARG A 1 15  ? 14.031  -14.063 0.035   1.00 70.55  ? 54  ARG A NH1 1 
ATOM   115  N  NH2 . ARG A 1 15  ? 13.035  -16.119 0.134   1.00 68.26  ? 54  ARG A NH2 1 
ATOM   116  N  N   . PHE A 1 16  ? 7.878   -11.555 -3.407  1.00 31.93  ? 55  PHE A N   1 
ATOM   117  C  CA  . PHE A 1 16  ? 6.394   -11.668 -3.424  1.00 33.20  ? 55  PHE A CA  1 
ATOM   118  C  C   . PHE A 1 16  ? 5.881   -11.299 -4.810  1.00 33.99  ? 55  PHE A C   1 
ATOM   119  O  O   . PHE A 1 16  ? 5.026   -12.037 -5.374  1.00 31.81  ? 55  PHE A O   1 
ATOM   120  C  CB  . PHE A 1 16  ? 5.732   -10.779 -2.369  1.00 33.81  ? 55  PHE A CB  1 
ATOM   121  C  CG  . PHE A 1 16  ? 5.803   -11.346 -0.979  1.00 33.42  ? 55  PHE A CG  1 
ATOM   122  C  CD1 . PHE A 1 16  ? 4.821   -12.210 -0.522  1.00 32.46  ? 55  PHE A CD1 1 
ATOM   123  C  CD2 . PHE A 1 16  ? 6.880   -11.070 -0.156  1.00 31.96  ? 55  PHE A CD2 1 
ATOM   124  C  CE1 . PHE A 1 16  ? 4.902   -12.754 0.750   1.00 31.80  ? 55  PHE A CE1 1 
ATOM   125  C  CE2 . PHE A 1 16  ? 6.950   -11.602 1.122   1.00 30.71  ? 55  PHE A CE2 1 
ATOM   126  C  CZ  . PHE A 1 16  ? 5.966   -12.449 1.565   1.00 31.84  ? 55  PHE A CZ  1 
ATOM   127  N  N   . LYS A 1 17  ? 6.389   -10.182 -5.339  1.00 33.00  ? 56  LYS A N   1 
ATOM   128  C  CA  . LYS A 1 17  ? 5.982   -9.659  -6.666  1.00 36.31  ? 56  LYS A CA  1 
ATOM   129  C  C   . LYS A 1 17  ? 6.233   -10.720 -7.738  1.00 33.80  ? 56  LYS A C   1 
ATOM   130  O  O   . LYS A 1 17  ? 5.339   -10.897 -8.570  1.00 38.18  ? 56  LYS A O   1 
ATOM   131  C  CB  . LYS A 1 17  ? 6.674   -8.341  -7.042  1.00 38.58  ? 56  LYS A CB  1 
ATOM   132  C  CG  . LYS A 1 17  ? 6.308   -7.878  -8.445  1.00 40.97  ? 56  LYS A CG  1 
ATOM   133  C  CD  . LYS A 1 17  ? 5.993   -6.424  -8.612  1.00 45.26  ? 56  LYS A CD  1 
ATOM   134  C  CE  . LYS A 1 17  ? 5.616   -6.125  -10.046 1.00 42.89  ? 56  LYS A CE  1 
ATOM   135  N  NZ  . LYS A 1 17  ? 6.105   -4.790  -10.439 1.00 46.40  ? 56  LYS A NZ  1 
ATOM   136  N  N   . GLU A 1 18  ? 7.373   -11.413 -7.736  1.00 37.32  ? 57  GLU A N   1 
ATOM   137  C  CA  . GLU A 1 18  ? 7.673   -12.344 -8.861  1.00 41.60  ? 57  GLU A CA  1 
ATOM   138  C  C   . GLU A 1 18  ? 6.689   -13.520 -8.841  1.00 36.93  ? 57  GLU A C   1 
ATOM   139  O  O   . GLU A 1 18  ? 6.512   -14.118 -9.898  1.00 39.80  ? 57  GLU A O   1 
ATOM   140  C  CB  . GLU A 1 18  ? 9.143   -12.764 -8.908  1.00 47.81  ? 57  GLU A CB  1 
ATOM   141  C  CG  . GLU A 1 18  ? 9.638   -13.555 -7.720  1.00 56.23  ? 57  GLU A CG  1 
ATOM   142  C  CD  . GLU A 1 18  ? 11.159  -13.647 -7.642  1.00 64.08  ? 57  GLU A CD  1 
ATOM   143  O  OE1 . GLU A 1 18  ? 11.830  -12.959 -8.449  1.00 68.51  ? 57  GLU A OE1 1 
ATOM   144  O  OE2 . GLU A 1 18  ? 11.679  -14.395 -6.769  1.00 52.79  ? 57  GLU A OE2 1 
ATOM   145  N  N   . LEU A 1 19  ? 5.994   -13.781 -7.729  1.00 39.21  ? 58  LEU A N   1 
ATOM   146  C  CA  . LEU A 1 19  ? 4.997   -14.890 -7.630  1.00 39.42  ? 58  LEU A CA  1 
ATOM   147  C  C   . LEU A 1 19  ? 3.582   -14.355 -7.832  1.00 34.42  ? 58  LEU A C   1 
ATOM   148  O  O   . LEU A 1 19  ? 2.661   -15.165 -7.787  1.00 35.43  ? 58  LEU A O   1 
ATOM   149  C  CB  . LEU A 1 19  ? 5.091   -15.562 -6.257  1.00 40.69  ? 58  LEU A CB  1 
ATOM   150  C  CG  . LEU A 1 19  ? 6.481   -16.015 -5.818  1.00 42.02  ? 58  LEU A CG  1 
ATOM   151  C  CD1 . LEU A 1 19  ? 6.483   -16.344 -4.328  1.00 44.43  ? 58  LEU A CD1 1 
ATOM   152  C  CD2 . LEU A 1 19  ? 6.964   -17.204 -6.631  1.00 40.32  ? 58  LEU A CD2 1 
ATOM   153  N  N   . THR A 1 20  ? 3.422   -13.041 -8.019  1.00 32.44  ? 59  THR A N   1 
ATOM   154  C  CA  . THR A 1 20  ? 2.127   -12.304 -7.954  1.00 31.23  ? 59  THR A CA  1 
ATOM   155  C  C   . THR A 1 20  ? 1.641   -12.233 -6.495  1.00 33.45  ? 59  THR A C   1 
ATOM   156  O  O   . THR A 1 20  ? 1.138   -13.247 -5.943  1.00 33.14  ? 59  THR A O   1 
ATOM   157  C  CB  . THR A 1 20  ? 1.063   -12.894 -8.884  1.00 31.44  ? 59  THR A CB  1 
ATOM   158  O  OG1 . THR A 1 20  ? 1.598   -13.151 -10.183 1.00 33.67  ? 59  THR A OG1 1 
ATOM   159  C  CG2 . THR A 1 20  ? -0.126  -11.980 -9.023  1.00 31.63  ? 59  THR A CG2 1 
ATOM   160  N  N   . ASN A 1 21  ? 1.781   -11.059 -5.883  1.00 31.32  ? 60  ASN A N   1 
ATOM   161  C  CA  . ASN A 1 21  ? 1.532   -10.849 -4.442  1.00 31.37  ? 60  ASN A CA  1 
ATOM   162  C  C   . ASN A 1 21  ? 0.017   -10.827 -4.233  1.00 31.02  ? 60  ASN A C   1 
ATOM   163  O  O   . ASN A 1 21  ? -0.731  -10.439 -5.161  1.00 27.73  ? 60  ASN A O   1 
ATOM   164  C  CB  . ASN A 1 21  ? 2.247   -9.594  -3.945  1.00 32.45  ? 60  ASN A CB  1 
ATOM   165  C  CG  . ASN A 1 21  ? 2.459   -9.559  -2.446  1.00 36.37  ? 60  ASN A CG  1 
ATOM   166  O  OD1 . ASN A 1 21  ? 1.982   -10.434 -1.703  1.00 37.19  ? 60  ASN A OD1 1 
ATOM   167  N  ND2 . ASN A 1 21  ? 3.199   -8.556  -1.999  1.00 33.17  ? 60  ASN A ND2 1 
ATOM   168  N  N   . GLU A 1 22  ? -0.427  -11.261 -3.063  1.00 28.65  ? 61  GLU A N   1 
ATOM   169  C  CA  . GLU A 1 22  ? -1.864  -11.235 -2.691  1.00 27.97  ? 61  GLU A CA  1 
ATOM   170  C  C   . GLU A 1 22  ? -1.952  -10.666 -1.280  1.00 28.11  ? 61  GLU A C   1 
ATOM   171  O  O   . GLU A 1 22  ? -1.033  -10.976 -0.471  1.00 31.26  ? 61  GLU A O   1 
ATOM   172  C  CB  . GLU A 1 22  ? -2.482  -12.640 -2.710  1.00 30.51  ? 61  GLU A CB  1 
ATOM   173  C  CG  . GLU A 1 22  ? -2.051  -13.526 -3.862  1.00 29.82  ? 61  GLU A CG  1 
ATOM   174  C  CD  . GLU A 1 22  ? -2.691  -14.914 -3.881  1.00 30.52  ? 61  GLU A CD  1 
ATOM   175  O  OE1 . GLU A 1 22  ? -2.194  -15.785 -4.604  1.00 30.02  ? 61  GLU A OE1 1 
ATOM   176  O  OE2 . GLU A 1 22  ? -3.684  -15.115 -3.185  1.00 31.23  ? 61  GLU A OE2 1 
ATOM   177  N  N   . MET A 1 23  ? -2.986  -9.883  -0.995  1.00 26.46  ? 62  MET A N   1 
ATOM   178  C  CA  . MET A 1 23  ? -3.243  -9.324  0.349   1.00 28.85  ? 62  MET A CA  1 
ATOM   179  C  C   . MET A 1 23  ? -4.666  -9.703  0.728   1.00 30.95  ? 62  MET A C   1 
ATOM   180  O  O   . MET A 1 23  ? -5.589  -9.551  -0.131  1.00 28.83  ? 62  MET A O   1 
ATOM   181  C  CB  . MET A 1 23  ? -3.099  -7.800  0.415   1.00 29.73  ? 62  MET A CB  1 
ATOM   182  C  CG  . MET A 1 23  ? -1.671  -7.324  0.297   1.00 31.98  ? 62  MET A CG  1 
ATOM   183  S  SD  . MET A 1 23  ? -0.588  -7.729  1.716   1.00 29.92  ? 62  MET A SD  1 
ATOM   184  C  CE  . MET A 1 23  ? 0.950   -7.176  0.979   1.00 30.43  ? 62  MET A CE  1 
ATOM   185  N  N   . ILE A 1 24  ? -4.817  -10.209 1.948   1.00 30.62  ? 63  ILE A N   1 
ATOM   186  C  CA  . ILE A 1 24  ? -6.129  -10.650 2.484   1.00 33.00  ? 63  ILE A CA  1 
ATOM   187  C  C   . ILE A 1 24  ? -6.898  -9.399  2.863   1.00 33.18  ? 63  ILE A C   1 
ATOM   188  O  O   . ILE A 1 24  ? -6.343  -8.545  3.580   1.00 31.93  ? 63  ILE A O   1 
ATOM   189  C  CB  . ILE A 1 24  ? -5.995  -11.584 3.696   1.00 36.70  ? 63  ILE A CB  1 
ATOM   190  C  CG1 . ILE A 1 24  ? -5.128  -12.799 3.383   1.00 39.23  ? 63  ILE A CG1 1 
ATOM   191  C  CG2 . ILE A 1 24  ? -7.380  -11.990 4.190   1.00 39.70  ? 63  ILE A CG2 1 
ATOM   192  C  CD1 . ILE A 1 24  ? -5.763  -13.749 2.416   1.00 39.00  ? 63  ILE A CD1 1 
ATOM   193  N  N   . VAL A 1 25  ? -8.141  -9.339  2.414   1.00 34.52  ? 64  VAL A N   1 
ATOM   194  C  CA  . VAL A 1 25  ? -9.150  -8.355  2.882   1.00 36.38  ? 64  VAL A CA  1 
ATOM   195  C  C   . VAL A 1 25  ? -10.247 -9.125  3.633   1.00 38.86  ? 64  VAL A C   1 
ATOM   196  O  O   . VAL A 1 25  ? -10.567 -10.243 3.234   1.00 36.60  ? 64  VAL A O   1 
ATOM   197  C  CB  . VAL A 1 25  ? -9.671  -7.578  1.669   1.00 35.49  ? 64  VAL A CB  1 
ATOM   198  C  CG1 . VAL A 1 25  ? -8.520  -6.902  0.942   1.00 36.31  ? 64  VAL A CG1 1 
ATOM   199  C  CG2 . VAL A 1 25  ? -10.449 -8.464  0.723   1.00 35.76  ? 64  VAL A CG2 1 
ATOM   200  N  N   . THR A 1 26  ? -10.757 -8.557  4.718   1.00 40.73  ? 65  THR A N   1 
ATOM   201  C  CA  . THR A 1 26  ? -11.790 -9.165  5.593   1.00 44.99  ? 65  THR A CA  1 
ATOM   202  C  C   . THR A 1 26  ? -12.833 -8.075  5.809   1.00 51.89  ? 65  THR A C   1 
ATOM   203  O  O   . THR A 1 26  ? -12.517 -6.902  5.485   1.00 48.54  ? 65  THR A O   1 
ATOM   204  C  CB  . THR A 1 26  ? -11.207 -9.677  6.919   1.00 41.71  ? 65  THR A CB  1 
ATOM   205  O  OG1 . THR A 1 26  ? -10.750 -8.542  7.656   1.00 44.94  ? 65  THR A OG1 1 
ATOM   206  C  CG2 . THR A 1 26  ? -10.080 -10.671 6.748   1.00 39.08  ? 65  THR A CG2 1 
ATOM   207  N  N   . LYS A 1 27  ? -14.016 -8.430  6.314   1.00 53.71  ? 66  LYS A N   1 
ATOM   208  C  CA  . LYS A 1 27  ? -15.076 -7.434  6.618   1.00 58.36  ? 66  LYS A CA  1 
ATOM   209  C  C   . LYS A 1 27  ? -14.551 -6.469  7.689   1.00 53.70  ? 66  LYS A C   1 
ATOM   210  O  O   . LYS A 1 27  ? -14.856 -5.270  7.590   1.00 50.36  ? 66  LYS A O   1 
ATOM   211  C  CB  . LYS A 1 27  ? -16.375 -8.126  7.046   1.00 66.67  ? 66  LYS A CB  1 
ATOM   212  C  CG  . LYS A 1 27  ? -17.428 -7.196  7.632   1.00 70.24  ? 66  LYS A CG  1 
ATOM   213  C  CD  . LYS A 1 27  ? -18.820 -7.788  7.644   1.00 80.92  ? 66  LYS A CD  1 
ATOM   214  C  CE  . LYS A 1 27  ? -19.754 -7.042  8.574   1.00 84.96  ? 66  LYS A CE  1 
ATOM   215  N  NZ  . LYS A 1 27  ? -19.486 -7.384  9.992   1.00 88.22  ? 66  LYS A NZ  1 
ATOM   216  N  N   . ASN A 1 28  ? -13.770 -6.970  8.653   1.00 56.80  ? 67  ASN A N   1 
ATOM   217  C  CA  . ASN A 1 28  ? -13.231 -6.179  9.795   1.00 56.62  ? 67  ASN A CA  1 
ATOM   218  C  C   . ASN A 1 28  ? -11.936 -5.461  9.394   1.00 53.75  ? 67  ASN A C   1 
ATOM   219  O  O   . ASN A 1 28  ? -11.607 -4.428  10.014  1.00 46.75  ? 67  ASN A O   1 
ATOM   220  C  CB  . ASN A 1 28  ? -12.988 -7.056  11.026  1.00 63.94  ? 67  ASN A CB  1 
ATOM   221  C  CG  . ASN A 1 28  ? -14.095 -6.957  12.053  1.00 69.20  ? 67  ASN A CG  1 
ATOM   222  O  OD1 . ASN A 1 28  ? -15.246 -6.675  11.718  1.00 65.46  ? 67  ASN A OD1 1 
ATOM   223  N  ND2 . ASN A 1 28  ? -13.749 -7.185  13.312  1.00 77.01  ? 67  ASN A ND2 1 
ATOM   224  N  N   . GLY A 1 29  ? -11.206 -6.000  8.416   1.00 50.12  ? 68  GLY A N   1 
ATOM   225  C  CA  . GLY A 1 29  ? -9.971  -5.378  7.903   1.00 45.38  ? 68  GLY A CA  1 
ATOM   226  C  C   . GLY A 1 29  ? -8.767  -6.125  8.420   1.00 44.04  ? 68  GLY A C   1 
ATOM   227  O  O   . GLY A 1 29  ? -8.765  -6.472  9.615   1.00 48.66  ? 68  GLY A O   1 
ATOM   228  N  N   . ARG A 1 30  ? -7.805  -6.387  7.537   1.00 41.37  ? 69  ARG A N   1 
ATOM   229  C  CA  . ARG A 1 30  ? -6.610  -7.223  7.793   1.00 40.81  ? 69  ARG A CA  1 
ATOM   230  C  C   . ARG A 1 30  ? -5.371  -6.367  7.528   1.00 39.20  ? 69  ARG A C   1 
ATOM   231  O  O   . ARG A 1 30  ? -5.322  -5.694  6.484   1.00 35.91  ? 69  ARG A O   1 
ATOM   232  C  CB  . ARG A 1 30  ? -6.665  -8.465  6.901   1.00 42.16  ? 69  ARG A CB  1 
ATOM   233  C  CG  . ARG A 1 30  ? -5.479  -9.405  7.041   1.00 45.57  ? 69  ARG A CG  1 
ATOM   234  C  CD  . ARG A 1 30  ? -5.476  -10.108 8.389   1.00 50.11  ? 69  ARG A CD  1 
ATOM   235  N  NE  . ARG A 1 30  ? -6.648  -10.958 8.563   1.00 54.65  ? 69  ARG A NE  1 
ATOM   236  C  CZ  . ARG A 1 30  ? -6.750  -12.219 8.146   1.00 54.53  ? 69  ARG A CZ  1 
ATOM   237  N  NH1 . ARG A 1 30  ? -7.870  -12.892 8.358   1.00 57.83  ? 69  ARG A NH1 1 
ATOM   238  N  NH2 . ARG A 1 30  ? -5.745  -12.805 7.516   1.00 54.31  ? 69  ARG A NH2 1 
ATOM   239  N  N   . ARG A 1 31  ? -4.419  -6.373  8.455   1.00 35.40  ? 70  ARG A N   1 
ATOM   240  C  CA  . ARG A 1 31  ? -3.126  -5.673  8.278   1.00 37.43  ? 70  ARG A CA  1 
ATOM   241  C  C   . ARG A 1 31  ? -2.350  -6.360  7.150   1.00 31.97  ? 70  ARG A C   1 
ATOM   242  O  O   . ARG A 1 31  ? -2.673  -7.502  6.819   1.00 30.32  ? 70  ARG A O   1 
ATOM   243  C  CB  . ARG A 1 31  ? -2.366  -5.620  9.607   1.00 39.76  ? 70  ARG A CB  1 
ATOM   244  C  CG  . ARG A 1 31  ? -2.786  -4.431  10.454  1.00 46.72  ? 70  ARG A CG  1 
ATOM   245  C  CD  . ARG A 1 31  ? -3.027  -4.751  11.912  1.00 58.03  ? 70  ARG A CD  1 
ATOM   246  N  NE  . ARG A 1 31  ? -1.838  -4.667  12.748  1.00 64.94  ? 70  ARG A NE  1 
ATOM   247  C  CZ  . ARG A 1 31  ? -1.800  -4.999  14.042  1.00 77.26  ? 70  ARG A CZ  1 
ATOM   248  N  NH1 . ARG A 1 31  ? -2.891  -5.448  14.653  1.00 81.50  ? 70  ARG A NH1 1 
ATOM   249  N  NH2 . ARG A 1 31  ? -0.670  -4.881  14.723  1.00 73.31  ? 70  ARG A NH2 1 
ATOM   250  N  N   . MET A 1 32  ? -1.401  -5.641  6.555   1.00 30.27  ? 71  MET A N   1 
ATOM   251  C  CA  . MET A 1 32  ? -0.606  -6.092  5.384   1.00 30.55  ? 71  MET A CA  1 
ATOM   252  C  C   . MET A 1 32  ? 0.641   -6.835  5.872   1.00 28.47  ? 71  MET A C   1 
ATOM   253  O  O   . MET A 1 32  ? 1.232   -6.400  6.869   1.00 28.52  ? 71  MET A O   1 
ATOM   254  C  CB  . MET A 1 32  ? -0.145  -4.880  4.562   1.00 30.28  ? 71  MET A CB  1 
ATOM   255  C  CG  . MET A 1 32  ? -1.300  -4.053  3.999   1.00 31.81  ? 71  MET A CG  1 
ATOM   256  S  SD  . MET A 1 32  ? -0.722  -2.661  2.992   1.00 29.66  ? 71  MET A SD  1 
ATOM   257  C  CE  . MET A 1 32  ? 0.294   -3.496  1.778   1.00 29.49  ? 71  MET A CE  1 
ATOM   258  N  N   . PHE A 1 33  ? 1.047   -7.877  5.156   1.00 30.18  ? 72  PHE A N   1 
ATOM   259  C  CA  . PHE A 1 33  ? 2.405   -8.474  5.225   1.00 30.12  ? 72  PHE A CA  1 
ATOM   260  C  C   . PHE A 1 33  ? 2.839   -8.781  3.799   1.00 31.23  ? 72  PHE A C   1 
ATOM   261  O  O   . PHE A 1 33  ? 2.118   -9.446  3.055   1.00 31.91  ? 72  PHE A O   1 
ATOM   262  C  CB  . PHE A 1 33  ? 2.488   -9.750  6.080   1.00 32.34  ? 72  PHE A CB  1 
ATOM   263  C  CG  . PHE A 1 33  ? 3.923   -10.189 6.261   1.00 31.54  ? 72  PHE A CG  1 
ATOM   264  C  CD1 . PHE A 1 33  ? 4.731   -9.570  7.207   1.00 32.45  ? 72  PHE A CD1 1 
ATOM   265  C  CD2 . PHE A 1 33  ? 4.513   -11.077 5.377   1.00 34.23  ? 72  PHE A CD2 1 
ATOM   266  C  CE1 . PHE A 1 33  ? 6.077   -9.896  7.320   1.00 33.13  ? 72  PHE A CE1 1 
ATOM   267  C  CE2 . PHE A 1 33  ? 5.857   -11.419 5.495   1.00 35.17  ? 72  PHE A CE2 1 
ATOM   268  C  CZ  . PHE A 1 33  ? 6.634   -10.832 6.470   1.00 33.99  ? 72  PHE A CZ  1 
ATOM   269  N  N   . PRO A 1 34  ? 4.015   -8.303  3.352   1.00 30.03  ? 73  PRO A N   1 
ATOM   270  C  CA  . PRO A 1 34  ? 4.845   -7.385  4.130   1.00 30.56  ? 73  PRO A CA  1 
ATOM   271  C  C   . PRO A 1 34  ? 4.186   -6.022  4.413   1.00 28.82  ? 73  PRO A C   1 
ATOM   272  O  O   . PRO A 1 34  ? 3.229   -5.651  3.757   1.00 30.50  ? 73  PRO A O   1 
ATOM   273  C  CB  . PRO A 1 34  ? 6.091   -7.194  3.249   1.00 31.68  ? 73  PRO A CB  1 
ATOM   274  C  CG  . PRO A 1 34  ? 6.072   -8.363  2.284   1.00 31.75  ? 73  PRO A CG  1 
ATOM   275  C  CD  . PRO A 1 34  ? 4.613   -8.661  2.059   1.00 30.95  ? 73  PRO A CD  1 
ATOM   276  N  N   . VAL A 1 35  ? 4.715   -5.312  5.403   1.00 29.36  ? 74  VAL A N   1 
ATOM   277  C  CA  . VAL A 1 35  ? 4.342   -3.908  5.737   1.00 29.72  ? 74  VAL A CA  1 
ATOM   278  C  C   . VAL A 1 35  ? 5.101   -2.988  4.776   1.00 27.90  ? 74  VAL A C   1 
ATOM   279  O  O   . VAL A 1 35  ? 6.306   -3.240  4.547   1.00 24.74  ? 74  VAL A O   1 
ATOM   280  C  CB  . VAL A 1 35  ? 4.688   -3.576  7.200   1.00 32.12  ? 74  VAL A CB  1 
ATOM   281  C  CG1 . VAL A 1 35  ? 4.617   -2.083  7.478   1.00 33.02  ? 74  VAL A CG1 1 
ATOM   282  C  CG2 . VAL A 1 35  ? 3.806   -4.341  8.181   1.00 33.85  ? 74  VAL A CG2 1 
ATOM   283  N  N   . LEU A 1 36  ? 4.425   -1.975  4.239   1.00 29.91  ? 75  LEU A N   1 
ATOM   284  C  CA  . LEU A 1 36  ? 5.075   -0.880  3.473   1.00 30.51  ? 75  LEU A CA  1 
ATOM   285  C  C   . LEU A 1 36  ? 5.914   -0.032  4.435   1.00 32.00  ? 75  LEU A C   1 
ATOM   286  O  O   . LEU A 1 36  ? 5.347   0.599   5.347   1.00 28.67  ? 75  LEU A O   1 
ATOM   287  C  CB  . LEU A 1 36  ? 4.018   -0.032  2.771   1.00 31.85  ? 75  LEU A CB  1 
ATOM   288  C  CG  . LEU A 1 36  ? 4.561   1.086   1.874   1.00 33.71  ? 75  LEU A CG  1 
ATOM   289  C  CD1 . LEU A 1 36  ? 5.272   0.531   0.655   1.00 34.71  ? 75  LEU A CD1 1 
ATOM   290  C  CD2 . LEU A 1 36  ? 3.427   2.000   1.431   1.00 34.09  ? 75  LEU A CD2 1 
ATOM   291  N  N   . LYS A 1 37  ? 7.223   -0.016  4.219   1.00 32.71  ? 76  LYS A N   1 
ATOM   292  C  CA  . LYS A 1 37  ? 8.188   0.812   4.983   1.00 35.49  ? 76  LYS A CA  1 
ATOM   293  C  C   . LYS A 1 37  ? 8.938   1.680   3.975   1.00 35.58  ? 76  LYS A C   1 
ATOM   294  O  O   . LYS A 1 37  ? 9.386   1.120   2.947   1.00 32.48  ? 76  LYS A O   1 
ATOM   295  C  CB  . LYS A 1 37  ? 9.130   -0.093  5.780   1.00 38.74  ? 76  LYS A CB  1 
ATOM   296  C  CG  . LYS A 1 37  ? 8.412   -0.948  6.809   1.00 41.63  ? 76  LYS A CG  1 
ATOM   297  C  CD  . LYS A 1 37  ? 9.311   -1.902  7.527   1.00 45.70  ? 76  LYS A CD  1 
ATOM   298  C  CE  . LYS A 1 37  ? 8.514   -2.946  8.273   1.00 51.51  ? 76  LYS A CE  1 
ATOM   299  N  NZ  . LYS A 1 37  ? 9.310   -3.544  9.369   1.00 57.56  ? 76  LYS A NZ  1 
ATOM   300  N  N   . VAL A 1 38  ? 8.999   2.988   4.210   1.00 35.34  ? 77  VAL A N   1 
ATOM   301  C  CA  . VAL A 1 38  ? 9.559   3.943   3.214   1.00 39.43  ? 77  VAL A CA  1 
ATOM   302  C  C   . VAL A 1 38  ? 10.702  4.704   3.880   1.00 39.70  ? 77  VAL A C   1 
ATOM   303  O  O   . VAL A 1 38  ? 10.512  5.224   4.994   1.00 36.26  ? 77  VAL A O   1 
ATOM   304  C  CB  . VAL A 1 38  ? 8.490   4.890   2.640   1.00 42.68  ? 77  VAL A CB  1 
ATOM   305  C  CG1 . VAL A 1 38  ? 7.285   4.123   2.118   1.00 44.45  ? 77  VAL A CG1 1 
ATOM   306  C  CG2 . VAL A 1 38  ? 8.053   5.919   3.656   1.00 46.04  ? 77  VAL A CG2 1 
ATOM   307  N  N   . ASN A 1 39  ? 11.848  4.714   3.214   1.00 38.05  ? 78  ASN A N   1 
ATOM   308  C  CA  . ASN A 1 39  ? 13.023  5.540   3.559   1.00 39.71  ? 78  ASN A CA  1 
ATOM   309  C  C   . ASN A 1 39  ? 12.788  6.903   2.907   1.00 37.66  ? 78  ASN A C   1 
ATOM   310  O  O   . ASN A 1 39  ? 12.442  6.931   1.723   1.00 34.89  ? 78  ASN A O   1 
ATOM   311  C  CB  . ASN A 1 39  ? 14.298  4.800   3.157   1.00 42.26  ? 78  ASN A CB  1 
ATOM   312  C  CG  . ASN A 1 39  ? 14.448  3.528   3.959   1.00 46.69  ? 78  ASN A CG  1 
ATOM   313  O  OD1 . ASN A 1 39  ? 14.347  3.554   5.185   1.00 46.82  ? 78  ASN A OD1 1 
ATOM   314  N  ND2 . ASN A 1 39  ? 14.652  2.412   3.280   1.00 50.68  ? 78  ASN A ND2 1 
ATOM   315  N  N   . VAL A 1 40  ? 12.858  7.974   3.693   1.00 35.86  ? 79  VAL A N   1 
ATOM   316  C  CA  . VAL A 1 40  ? 12.604  9.364   3.223   1.00 38.26  ? 79  VAL A CA  1 
ATOM   317  C  C   . VAL A 1 40  ? 13.783  10.233  3.648   1.00 39.85  ? 79  VAL A C   1 
ATOM   318  O  O   . VAL A 1 40  ? 14.173  10.159  4.829   1.00 40.08  ? 79  VAL A O   1 
ATOM   319  C  CB  . VAL A 1 40  ? 11.276  9.903   3.774   1.00 39.04  ? 79  VAL A CB  1 
ATOM   320  C  CG1 . VAL A 1 40  ? 11.079  11.376  3.459   1.00 38.13  ? 79  VAL A CG1 1 
ATOM   321  C  CG2 . VAL A 1 40  ? 10.117  9.080   3.234   1.00 40.84  ? 79  VAL A CG2 1 
ATOM   322  N  N   . SER A 1 41  ? 14.342  10.980  2.696   1.00 42.05  ? 80  SER A N   1 
ATOM   323  C  CA  . SER A 1 41  ? 15.416  11.980  2.917   1.00 43.03  ? 80  SER A CA  1 
ATOM   324  C  C   . SER A 1 41  ? 15.082  13.230  2.106   1.00 43.93  ? 80  SER A C   1 
ATOM   325  O  O   . SER A 1 41  ? 14.286  13.127  1.161   1.00 45.49  ? 80  SER A O   1 
ATOM   326  C  CB  . SER A 1 41  ? 16.790  11.411  2.587   1.00 44.26  ? 80  SER A CB  1 
ATOM   327  O  OG  . SER A 1 41  ? 16.924  11.040  1.218   1.00 42.06  ? 80  SER A OG  1 
ATOM   328  N  N   . GLY A 1 42  ? 15.642  14.378  2.485   1.00 49.37  ? 81  GLY A N   1 
ATOM   329  C  CA  . GLY A 1 42  ? 15.481  15.638  1.734   1.00 41.77  ? 81  GLY A CA  1 
ATOM   330  C  C   . GLY A 1 42  ? 14.337  16.475  2.267   1.00 42.40  ? 81  GLY A C   1 
ATOM   331  O  O   . GLY A 1 42  ? 14.066  17.525  1.680   1.00 43.09  ? 81  GLY A O   1 
ATOM   332  N  N   . LEU A 1 43  ? 13.659  16.038  3.330   1.00 43.18  ? 82  LEU A N   1 
ATOM   333  C  CA  . LEU A 1 43  ? 12.651  16.889  4.018   1.00 44.07  ? 82  LEU A CA  1 
ATOM   334  C  C   . LEU A 1 43  ? 13.387  17.961  4.840   1.00 44.51  ? 82  LEU A C   1 
ATOM   335  O  O   . LEU A 1 43  ? 14.518  17.691  5.309   1.00 44.85  ? 82  LEU A O   1 
ATOM   336  C  CB  . LEU A 1 43  ? 11.773  16.032  4.934   1.00 43.66  ? 82  LEU A CB  1 
ATOM   337  C  CG  . LEU A 1 43  ? 10.869  15.008  4.246   1.00 43.10  ? 82  LEU A CG  1 
ATOM   338  C  CD1 . LEU A 1 43  ? 9.972   14.334  5.277   1.00 43.08  ? 82  LEU A CD1 1 
ATOM   339  C  CD2 . LEU A 1 43  ? 10.027  15.659  3.160   1.00 42.72  ? 82  LEU A CD2 1 
ATOM   340  N  N   . ASP A 1 44  ? 12.743  19.112  5.035   1.00 43.74  ? 83  ASP A N   1 
ATOM   341  C  CA  . ASP A 1 44  ? 13.146  20.147  6.025   1.00 47.28  ? 83  ASP A CA  1 
ATOM   342  C  C   . ASP A 1 44  ? 12.897  19.591  7.426   1.00 46.53  ? 83  ASP A C   1 
ATOM   343  O  O   . ASP A 1 44  ? 11.747  19.391  7.813   1.00 46.27  ? 83  ASP A O   1 
ATOM   344  C  CB  . ASP A 1 44  ? 12.385  21.445  5.755   1.00 50.23  ? 83  ASP A CB  1 
ATOM   345  C  CG  . ASP A 1 44  ? 12.742  22.588  6.684   1.00 49.72  ? 83  ASP A CG  1 
ATOM   346  O  OD1 . ASP A 1 44  ? 13.230  22.318  7.800   1.00 51.93  ? 83  ASP A OD1 1 
ATOM   347  O  OD2 . ASP A 1 44  ? 12.503  23.730  6.284   1.00 50.42  ? 83  ASP A OD2 1 
ATOM   348  N  N   . PRO A 1 45  ? 13.951  19.305  8.227   1.00 45.84  ? 84  PRO A N   1 
ATOM   349  C  CA  . PRO A 1 45  ? 13.773  18.664  9.526   1.00 45.27  ? 84  PRO A CA  1 
ATOM   350  C  C   . PRO A 1 45  ? 12.724  19.391  10.373  1.00 45.82  ? 84  PRO A C   1 
ATOM   351  O  O   . PRO A 1 45  ? 12.070  18.754  11.177  1.00 43.87  ? 84  PRO A O   1 
ATOM   352  C  CB  . PRO A 1 45  ? 15.148  18.766  10.200  1.00 46.77  ? 84  PRO A CB  1 
ATOM   353  C  CG  . PRO A 1 45  ? 16.126  18.910  9.052   1.00 47.59  ? 84  PRO A CG  1 
ATOM   354  C  CD  . PRO A 1 45  ? 15.365  19.595  7.937   1.00 47.07  ? 84  PRO A CD  1 
ATOM   355  N  N   . ASN A 1 46  ? 12.576  20.694  10.132  1.00 47.81  ? 85  ASN A N   1 
ATOM   356  C  CA  . ASN A 1 46  ? 11.763  21.618  10.964  1.00 48.76  ? 85  ASN A CA  1 
ATOM   357  C  C   . ASN A 1 46  ? 10.377  21.848  10.361  1.00 44.52  ? 85  ASN A C   1 
ATOM   358  O  O   . ASN A 1 46  ? 9.537   22.415  11.080  1.00 45.33  ? 85  ASN A O   1 
ATOM   359  C  CB  . ASN A 1 46  ? 12.503  22.942  11.156  1.00 51.74  ? 85  ASN A CB  1 
ATOM   360  C  CG  . ASN A 1 46  ? 13.749  22.739  11.981  1.00 50.97  ? 85  ASN A CG  1 
ATOM   361  O  OD1 . ASN A 1 46  ? 13.670  22.231  13.098  1.00 56.75  ? 85  ASN A OD1 1 
ATOM   362  N  ND2 . ASN A 1 46  ? 14.898  23.088  11.423  1.00 56.33  ? 85  ASN A ND2 1 
ATOM   363  N  N   . ALA A 1 47  ? 10.132  21.452  9.109   1.00 43.88  ? 86  ALA A N   1 
ATOM   364  C  CA  . ALA A 1 47  ? 8.815   21.636  8.453   1.00 40.72  ? 86  ALA A CA  1 
ATOM   365  C  C   . ALA A 1 47  ? 7.856   20.541  8.926   1.00 38.46  ? 86  ALA A C   1 
ATOM   366  O  O   . ALA A 1 47  ? 8.307   19.511  9.470   1.00 39.21  ? 86  ALA A O   1 
ATOM   367  C  CB  . ALA A 1 47  ? 8.945   21.664  6.950   1.00 44.02  ? 86  ALA A CB  1 
ATOM   368  N  N   . MET A 1 48  ? 6.561   20.791  8.749   1.00 40.85  ? 87  MET A N   1 
ATOM   369  C  CA  . MET A 1 48  ? 5.453   19.914  9.203   1.00 43.15  ? 87  MET A CA  1 
ATOM   370  C  C   . MET A 1 48  ? 4.913   19.131  7.998   1.00 38.88  ? 87  MET A C   1 
ATOM   371  O  O   . MET A 1 48  ? 4.632   19.774  6.974   1.00 39.65  ? 87  MET A O   1 
ATOM   372  C  CB  . MET A 1 48  ? 4.336   20.765  9.812   1.00 49.01  ? 87  MET A CB  1 
ATOM   373  C  CG  . MET A 1 48  ? 4.792   21.645  10.976  1.00 57.18  ? 87  MET A CG  1 
ATOM   374  S  SD  . MET A 1 48  ? 4.374   20.965  12.596  1.00 61.40  ? 87  MET A SD  1 
ATOM   375  C  CE  . MET A 1 48  ? 4.789   19.242  12.324  1.00 57.27  ? 87  MET A CE  1 
ATOM   376  N  N   . TYR A 1 49  ? 4.784   17.803  8.132   1.00 36.85  ? 88  TYR A N   1 
ATOM   377  C  CA  . TYR A 1 49  ? 4.312   16.872  7.073   1.00 37.13  ? 88  TYR A CA  1 
ATOM   378  C  C   . TYR A 1 49  ? 3.326   15.850  7.655   1.00 36.20  ? 88  TYR A C   1 
ATOM   379  O  O   . TYR A 1 49  ? 3.466   15.437  8.815   1.00 34.13  ? 88  TYR A O   1 
ATOM   380  C  CB  . TYR A 1 49  ? 5.472   16.113  6.424   1.00 37.61  ? 88  TYR A CB  1 
ATOM   381  C  CG  . TYR A 1 49  ? 6.570   16.984  5.871   1.00 41.73  ? 88  TYR A CG  1 
ATOM   382  C  CD1 . TYR A 1 49  ? 6.545   17.428  4.557   1.00 41.35  ? 88  TYR A CD1 1 
ATOM   383  C  CD2 . TYR A 1 49  ? 7.628   17.391  6.671   1.00 41.46  ? 88  TYR A CD2 1 
ATOM   384  C  CE1 . TYR A 1 49  ? 7.543   18.244  4.050   1.00 42.03  ? 88  TYR A CE1 1 
ATOM   385  C  CE2 . TYR A 1 49  ? 8.632   18.211  6.179   1.00 42.85  ? 88  TYR A CE2 1 
ATOM   386  C  CZ  . TYR A 1 49  ? 8.591   18.640  4.865   1.00 41.37  ? 88  TYR A CZ  1 
ATOM   387  O  OH  . TYR A 1 49  ? 9.590   19.433  4.379   1.00 38.84  ? 88  TYR A OH  1 
ATOM   388  N  N   . SER A 1 50  ? 2.356   15.439  6.840   1.00 31.51  ? 89  SER A N   1 
ATOM   389  C  CA  . SER A 1 50  ? 1.522   14.236  7.065   1.00 32.10  ? 89  SER A CA  1 
ATOM   390  C  C   . SER A 1 50  ? 1.830   13.231  5.957   1.00 33.69  ? 89  SER A C   1 
ATOM   391  O  O   . SER A 1 50  ? 2.093   13.683  4.815   1.00 32.80  ? 89  SER A O   1 
ATOM   392  C  CB  . SER A 1 50  ? 0.075   14.591  7.106   1.00 29.61  ? 89  SER A CB  1 
ATOM   393  O  OG  . SER A 1 50  ? -0.143  15.487  8.170   1.00 31.00  ? 89  SER A OG  1 
ATOM   394  N  N   . PHE A 1 51  ? 1.895   11.948  6.319   1.00 31.52  ? 90  PHE A N   1 
ATOM   395  C  CA  . PHE A 1 51  ? 2.103   10.814  5.394   1.00 31.44  ? 90  PHE A CA  1 
ATOM   396  C  C   . PHE A 1 51  ? 0.767   10.118  5.175   1.00 35.09  ? 90  PHE A C   1 
ATOM   397  O  O   . PHE A 1 51  ? 0.114   9.685   6.186   1.00 30.34  ? 90  PHE A O   1 
ATOM   398  C  CB  . PHE A 1 51  ? 3.172   9.865   5.918   1.00 30.79  ? 90  PHE A CB  1 
ATOM   399  C  CG  . PHE A 1 51  ? 4.563   10.302  5.540   1.00 31.99  ? 90  PHE A CG  1 
ATOM   400  C  CD1 . PHE A 1 51  ? 5.345   9.530   4.704   1.00 33.19  ? 90  PHE A CD1 1 
ATOM   401  C  CD2 . PHE A 1 51  ? 5.080   11.503  6.001   1.00 32.97  ? 90  PHE A CD2 1 
ATOM   402  C  CE1 . PHE A 1 51  ? 6.629   9.933   4.370   1.00 34.68  ? 90  PHE A CE1 1 
ATOM   403  C  CE2 . PHE A 1 51  ? 6.358   11.911  5.657   1.00 35.02  ? 90  PHE A CE2 1 
ATOM   404  C  CZ  . PHE A 1 51  ? 7.130   11.130  4.835   1.00 33.19  ? 90  PHE A CZ  1 
ATOM   405  N  N   . LEU A 1 52  ? 0.383   10.046  3.895   1.00 33.67  ? 91  LEU A N   1 
ATOM   406  C  CA  . LEU A 1 52  ? -0.888  9.462   3.393   1.00 31.64  ? 91  LEU A CA  1 
ATOM   407  C  C   . LEU A 1 52  ? -0.552  8.229   2.552   1.00 30.91  ? 91  LEU A C   1 
ATOM   408  O  O   . LEU A 1 52  ? 0.453   8.271   1.802   1.00 30.51  ? 91  LEU A O   1 
ATOM   409  C  CB  . LEU A 1 52  ? -1.615  10.494  2.532   1.00 31.61  ? 91  LEU A CB  1 
ATOM   410  C  CG  . LEU A 1 52  ? -2.546  11.470  3.245   1.00 34.62  ? 91  LEU A CG  1 
ATOM   411  C  CD1 . LEU A 1 52  ? -1.874  12.123  4.438   1.00 35.87  ? 91  LEU A CD1 1 
ATOM   412  C  CD2 . LEU A 1 52  ? -3.055  12.521  2.256   1.00 32.77  ? 91  LEU A CD2 1 
ATOM   413  N  N   . LEU A 1 53  ? -1.384  7.194   2.656   1.00 26.41  ? 92  LEU A N   1 
ATOM   414  C  CA  . LEU A 1 53  ? -1.288  5.954   1.863   1.00 26.78  ? 92  LEU A CA  1 
ATOM   415  C  C   . LEU A 1 53  ? -2.632  5.748   1.150   1.00 26.51  ? 92  LEU A C   1 
ATOM   416  O  O   . LEU A 1 53  ? -3.703  5.896   1.774   1.00 26.00  ? 92  LEU A O   1 
ATOM   417  C  CB  . LEU A 1 53  ? -0.934  4.793   2.801   1.00 27.53  ? 92  LEU A CB  1 
ATOM   418  C  CG  . LEU A 1 53  ? -1.025  3.401   2.183   1.00 27.93  ? 92  LEU A CG  1 
ATOM   419  C  CD1 . LEU A 1 53  ? -0.017  3.252   1.065   1.00 26.86  ? 92  LEU A CD1 1 
ATOM   420  C  CD2 . LEU A 1 53  ? -0.830  2.309   3.232   1.00 28.06  ? 92  LEU A CD2 1 
ATOM   421  N  N   . ASP A 1 54  ? -2.580  5.454   -0.142  1.00 26.22  ? 93  ASP A N   1 
ATOM   422  C  CA  . ASP A 1 54  ? -3.759  4.985   -0.901  1.00 23.32  ? 93  ASP A CA  1 
ATOM   423  C  C   . ASP A 1 54  ? -3.294  3.880   -1.844  1.00 23.78  ? 93  ASP A C   1 
ATOM   424  O  O   . ASP A 1 54  ? -2.103  3.528   -1.847  1.00 26.38  ? 93  ASP A O   1 
ATOM   425  C  CB  . ASP A 1 54  ? -4.511  6.143   -1.560  1.00 25.10  ? 93  ASP A CB  1 
ATOM   426  C  CG  . ASP A 1 54  ? -3.703  6.963   -2.561  1.00 24.79  ? 93  ASP A CG  1 
ATOM   427  O  OD1 . ASP A 1 54  ? -2.620  6.512   -2.995  1.00 22.08  ? 93  ASP A OD1 1 
ATOM   428  O  OD2 . ASP A 1 54  ? -4.181  8.051   -2.899  1.00 27.59  ? 93  ASP A OD2 1 
ATOM   429  N  N   . PHE A 1 55  ? -4.251  3.283   -2.526  1.00 26.53  ? 94  PHE A N   1 
ATOM   430  C  CA  . PHE A 1 55  ? -4.079  2.085   -3.369  1.00 27.41  ? 94  PHE A CA  1 
ATOM   431  C  C   . PHE A 1 55  ? -4.730  2.412   -4.713  1.00 27.50  ? 94  PHE A C   1 
ATOM   432  O  O   . PHE A 1 55  ? -5.954  2.610   -4.762  1.00 28.24  ? 94  PHE A O   1 
ATOM   433  C  CB  . PHE A 1 55  ? -4.686  0.867   -2.665  1.00 26.00  ? 94  PHE A CB  1 
ATOM   434  C  CG  . PHE A 1 55  ? -4.074  0.589   -1.319  1.00 24.82  ? 94  PHE A CG  1 
ATOM   435  C  CD1 . PHE A 1 55  ? -2.946  -0.208  -1.209  1.00 26.09  ? 94  PHE A CD1 1 
ATOM   436  C  CD2 . PHE A 1 55  ? -4.573  1.185   -0.176  1.00 26.59  ? 94  PHE A CD2 1 
ATOM   437  C  CE1 . PHE A 1 55  ? -2.359  -0.444  0.022   1.00 25.71  ? 94  PHE A CE1 1 
ATOM   438  C  CE2 . PHE A 1 55  ? -3.994  0.935   1.059   1.00 26.12  ? 94  PHE A CE2 1 
ATOM   439  C  CZ  . PHE A 1 55  ? -2.876  0.139   1.151   1.00 26.49  ? 94  PHE A CZ  1 
ATOM   440  N  N   . VAL A 1 56  ? -3.907  2.502   -5.752  1.00 28.62  ? 95  VAL A N   1 
ATOM   441  C  CA  . VAL A 1 56  ? -4.355  2.729   -7.158  1.00 27.58  ? 95  VAL A CA  1 
ATOM   442  C  C   . VAL A 1 56  ? -4.735  1.377   -7.756  1.00 25.02  ? 95  VAL A C   1 
ATOM   443  O  O   . VAL A 1 56  ? -3.875  0.486   -7.751  1.00 25.28  ? 95  VAL A O   1 
ATOM   444  C  CB  . VAL A 1 56  ? -3.216  3.358   -7.987  1.00 25.13  ? 95  VAL A CB  1 
ATOM   445  C  CG1 . VAL A 1 56  ? -3.613  3.499   -9.444  1.00 25.55  ? 95  VAL A CG1 1 
ATOM   446  C  CG2 . VAL A 1 56  ? -2.776  4.694   -7.412  1.00 27.33  ? 95  VAL A CG2 1 
ATOM   447  N  N   . ALA A 1 57  ? -5.921  1.263   -8.343  1.00 25.33  ? 96  ALA A N   1 
ATOM   448  C  CA  . ALA A 1 57  ? -6.315  0.117   -9.190  1.00 24.97  ? 96  ALA A CA  1 
ATOM   449  C  C   . ALA A 1 57  ? -5.367  0.103   -10.389 1.00 25.55  ? 96  ALA A C   1 
ATOM   450  O  O   . ALA A 1 57  ? -5.425  1.069   -11.175 1.00 26.16  ? 96  ALA A O   1 
ATOM   451  C  CB  . ALA A 1 57  ? -7.775  0.249   -9.590  1.00 25.36  ? 96  ALA A CB  1 
ATOM   452  N  N   . ALA A 1 58  ? -4.438  -0.865  -10.447 1.00 27.16  ? 97  ALA A N   1 
ATOM   453  C  CA  . ALA A 1 58  ? -3.369  -0.964  -11.469 1.00 26.70  ? 97  ALA A CA  1 
ATOM   454  C  C   . ALA A 1 58  ? -3.980  -1.189  -12.860 1.00 27.31  ? 97  ALA A C   1 
ATOM   455  O  O   . ALA A 1 58  ? -3.361  -0.784  -13.877 1.00 27.07  ? 97  ALA A O   1 
ATOM   456  C  CB  . ALA A 1 58  ? -2.388  -2.051  -11.106 1.00 28.08  ? 97  ALA A CB  1 
ATOM   457  N  N   . ASP A 1 59  ? -5.167  -1.781  -12.908 1.00 28.75  ? 98  ASP A N   1 
ATOM   458  C  CA  . ASP A 1 59  ? -5.937  -1.996  -14.155 1.00 30.38  ? 98  ASP A CA  1 
ATOM   459  C  C   . ASP A 1 59  ? -7.406  -2.017  -13.773 1.00 30.34  ? 98  ASP A C   1 
ATOM   460  O  O   . ASP A 1 59  ? -7.691  -1.915  -12.570 1.00 32.28  ? 98  ASP A O   1 
ATOM   461  C  CB  . ASP A 1 59  ? -5.467  -3.257  -14.871 1.00 31.88  ? 98  ASP A CB  1 
ATOM   462  C  CG  . ASP A 1 59  ? -5.598  -4.513  -14.020 1.00 33.22  ? 98  ASP A CG  1 
ATOM   463  O  OD1 . ASP A 1 59  ? -6.742  -4.856  -13.677 1.00 35.71  ? 98  ASP A OD1 1 
ATOM   464  O  OD2 . ASP A 1 59  ? -4.559  -5.133  -13.730 1.00 31.45  ? 98  ASP A OD2 1 
ATOM   465  N  N   . ASN A 1 60  ? -8.285  -2.126  -14.761 1.00 32.13  ? 99  ASN A N   1 
ATOM   466  C  CA  . ASN A 1 60  ? -9.743  -1.959  -14.576 1.00 34.33  ? 99  ASN A CA  1 
ATOM   467  C  C   . ASN A 1 60  ? -10.443 -3.322  -14.559 1.00 35.55  ? 99  ASN A C   1 
ATOM   468  O  O   . ASN A 1 60  ? -11.657 -3.338  -14.779 1.00 35.98  ? 99  ASN A O   1 
ATOM   469  C  CB  . ASN A 1 60  ? -10.331 -1.086  -15.684 1.00 34.86  ? 99  ASN A CB  1 
ATOM   470  C  CG  . ASN A 1 60  ? -9.900  0.358   -15.594 1.00 35.52  ? 99  ASN A CG  1 
ATOM   471  O  OD1 . ASN A 1 60  ? -9.672  0.981   -16.624 1.00 40.85  ? 99  ASN A OD1 1 
ATOM   472  N  ND2 . ASN A 1 60  ? -9.799  0.895   -14.391 1.00 32.85  ? 99  ASN A ND2 1 
ATOM   473  N  N   . HIS A 1 61  ? -9.724  -4.413  -14.295 1.00 37.09  ? 100 HIS A N   1 
ATOM   474  C  CA  . HIS A 1 61  ? -10.243 -5.789  -14.493 1.00 38.08  ? 100 HIS A CA  1 
ATOM   475  C  C   . HIS A 1 61  ? -10.395 -6.530  -13.159 1.00 41.76  ? 100 HIS A C   1 
ATOM   476  O  O   . HIS A 1 61  ? -9.685  -6.198  -12.178 1.00 39.80  ? 100 HIS A O   1 
ATOM   477  C  CB  . HIS A 1 61  ? -9.340  -6.566  -15.453 1.00 38.23  ? 100 HIS A CB  1 
ATOM   478  C  CG  . HIS A 1 61  ? -9.310  -6.040  -16.850 1.00 42.98  ? 100 HIS A CG  1 
ATOM   479  N  ND1 . HIS A 1 61  ? -9.954  -6.681  -17.895 1.00 43.70  ? 100 HIS A ND1 1 
ATOM   480  C  CD2 . HIS A 1 61  ? -8.696  -4.960  -17.387 1.00 42.96  ? 100 HIS A CD2 1 
ATOM   481  C  CE1 . HIS A 1 61  ? -9.730  -6.018  -19.014 1.00 47.48  ? 100 HIS A CE1 1 
ATOM   482  N  NE2 . HIS A 1 61  ? -8.976  -4.952  -18.726 1.00 48.52  ? 100 HIS A NE2 1 
ATOM   483  N  N   . ARG A 1 62  ? -11.311 -7.499  -13.158 1.00 40.80  ? 101 ARG A N   1 
ATOM   484  C  CA  . ARG A 1 62  ? -11.443 -8.577  -12.157 1.00 43.05  ? 101 ARG A CA  1 
ATOM   485  C  C   . ARG A 1 62  ? -10.445 -9.679  -12.528 1.00 40.42  ? 101 ARG A C   1 
ATOM   486  O  O   . ARG A 1 62  ? -10.382 -10.056 -13.725 1.00 40.89  ? 101 ARG A O   1 
ATOM   487  C  CB  . ARG A 1 62  ? -12.896 -9.071  -12.152 1.00 53.85  ? 101 ARG A CB  1 
ATOM   488  C  CG  . ARG A 1 62  ? -13.106 -10.483 -11.615 1.00 62.40  ? 101 ARG A CG  1 
ATOM   489  C  CD  . ARG A 1 62  ? -14.554 -10.750 -11.222 1.00 69.20  ? 101 ARG A CD  1 
ATOM   490  N  NE  . ARG A 1 62  ? -15.044 -9.661  -10.386 1.00 77.04  ? 101 ARG A NE  1 
ATOM   491  C  CZ  . ARG A 1 62  ? -14.829 -9.530  -9.075  1.00 83.10  ? 101 ARG A CZ  1 
ATOM   492  N  NH1 . ARG A 1 62  ? -14.156 -10.451 -8.403  1.00 81.51  ? 101 ARG A NH1 1 
ATOM   493  N  NH2 . ARG A 1 62  ? -15.306 -8.476  -8.436  1.00 86.59  ? 101 ARG A NH2 1 
ATOM   494  N  N   . TRP A 1 63  ? -9.671  -10.159 -11.556 1.00 36.38  ? 102 TRP A N   1 
ATOM   495  C  CA  . TRP A 1 63  ? -8.689  -11.254 -11.760 1.00 38.18  ? 102 TRP A CA  1 
ATOM   496  C  C   . TRP A 1 63  ? -9.213  -12.548 -11.117 1.00 43.42  ? 102 TRP A C   1 
ATOM   497  O  O   . TRP A 1 63  ? -9.965  -12.461 -10.144 1.00 46.90  ? 102 TRP A O   1 
ATOM   498  C  CB  . TRP A 1 63  ? -7.319  -10.849 -11.207 1.00 37.90  ? 102 TRP A CB  1 
ATOM   499  C  CG  . TRP A 1 63  ? -6.645  -9.745  -11.968 1.00 37.05  ? 102 TRP A CG  1 
ATOM   500  C  CD1 . TRP A 1 63  ? -6.971  -8.416  -11.966 1.00 35.43  ? 102 TRP A CD1 1 
ATOM   501  C  CD2 . TRP A 1 63  ? -5.514  -9.874  -12.844 1.00 34.74  ? 102 TRP A CD2 1 
ATOM   502  N  NE1 . TRP A 1 63  ? -6.109  -7.713  -12.763 1.00 34.06  ? 102 TRP A NE1 1 
ATOM   503  C  CE2 . TRP A 1 63  ? -5.213  -8.579  -13.325 1.00 33.22  ? 102 TRP A CE2 1 
ATOM   504  C  CE3 . TRP A 1 63  ? -4.733  -10.951 -13.272 1.00 34.05  ? 102 TRP A CE3 1 
ATOM   505  C  CZ2 . TRP A 1 63  ? -4.168  -8.346  -14.207 1.00 32.47  ? 102 TRP A CZ2 1 
ATOM   506  C  CZ3 . TRP A 1 63  ? -3.703  -10.721 -14.151 1.00 33.37  ? 102 TRP A CZ3 1 
ATOM   507  C  CH2 . TRP A 1 63  ? -3.416  -9.430  -14.597 1.00 34.83  ? 102 TRP A CH2 1 
ATOM   508  N  N   . LYS A 1 64  ? -8.818  -13.706 -11.645 1.00 46.15  ? 103 LYS A N   1 
ATOM   509  C  CA  . LYS A 1 64  ? -9.233  -15.036 -11.124 1.00 51.96  ? 103 LYS A CA  1 
ATOM   510  C  C   . LYS A 1 64  ? -8.038  -15.991 -11.233 1.00 47.29  ? 103 LYS A C   1 
ATOM   511  O  O   . LYS A 1 64  ? -7.270  -15.875 -12.203 1.00 46.31  ? 103 LYS A O   1 
ATOM   512  C  CB  . LYS A 1 64  ? -10.487 -15.529 -11.856 1.00 58.96  ? 103 LYS A CB  1 
ATOM   513  C  CG  . LYS A 1 64  ? -10.865 -14.743 -13.107 1.00 69.57  ? 103 LYS A CG  1 
ATOM   514  C  CD  . LYS A 1 64  ? -11.455 -15.587 -14.221 1.00 75.81  ? 103 LYS A CD  1 
ATOM   515  C  CE  . LYS A 1 64  ? -11.381 -14.907 -15.573 1.00 80.57  ? 103 LYS A CE  1 
ATOM   516  N  NZ  . LYS A 1 64  ? -11.713 -15.842 -16.674 1.00 81.87  ? 103 LYS A NZ  1 
ATOM   517  N  N   . TYR A 1 65  ? -7.844  -16.849 -10.225 1.00 49.73  ? 104 TYR A N   1 
ATOM   518  C  CA  . TYR A 1 65  ? -6.760  -17.865 -10.189 1.00 48.31  ? 104 TYR A CA  1 
ATOM   519  C  C   . TYR A 1 65  ? -7.296  -19.094 -10.934 1.00 51.32  ? 104 TYR A C   1 
ATOM   520  O  O   . TYR A 1 65  ? -8.203  -19.739 -10.420 1.00 52.34  ? 104 TYR A O   1 
ATOM   521  C  CB  . TYR A 1 65  ? -6.310  -18.123 -8.746  1.00 45.02  ? 104 TYR A CB  1 
ATOM   522  C  CG  . TYR A 1 65  ? -4.937  -18.735 -8.595  1.00 43.65  ? 104 TYR A CG  1 
ATOM   523  C  CD1 . TYR A 1 65  ? -3.803  -18.051 -9.000  1.00 41.64  ? 104 TYR A CD1 1 
ATOM   524  C  CD2 . TYR A 1 65  ? -4.758  -19.999 -8.041  1.00 42.89  ? 104 TYR A CD2 1 
ATOM   525  C  CE1 . TYR A 1 65  ? -2.536  -18.593 -8.858  1.00 41.52  ? 104 TYR A CE1 1 
ATOM   526  C  CE2 . TYR A 1 65  ? -3.492  -20.554 -7.891  1.00 39.97  ? 104 TYR A CE2 1 
ATOM   527  C  CZ  . TYR A 1 65  ? -2.378  -19.851 -8.301  1.00 41.00  ? 104 TYR A CZ  1 
ATOM   528  O  OH  . TYR A 1 65  ? -1.126  -20.386 -8.170  1.00 43.23  ? 104 TYR A OH  1 
ATOM   529  N  N   . VAL A 1 66  ? -6.806  -19.327 -12.153 1.00 57.95  ? 105 VAL A N   1 
ATOM   530  C  CA  . VAL A 1 66  ? -7.320  -20.346 -13.118 1.00 61.08  ? 105 VAL A CA  1 
ATOM   531  C  C   . VAL A 1 66  ? -6.166  -21.290 -13.445 1.00 60.08  ? 105 VAL A C   1 
ATOM   532  O  O   . VAL A 1 66  ? -5.163  -20.813 -14.012 1.00 59.38  ? 105 VAL A O   1 
ATOM   533  C  CB  . VAL A 1 66  ? -7.898  -19.688 -14.389 1.00 61.11  ? 105 VAL A CB  1 
ATOM   534  C  CG1 . VAL A 1 66  ? -8.174  -20.698 -15.495 1.00 63.09  ? 105 VAL A CG1 1 
ATOM   535  C  CG2 . VAL A 1 66  ? -9.152  -18.886 -14.079 1.00 60.24  ? 105 VAL A CG2 1 
ATOM   536  N  N   . ASN A 1 67  ? -6.304  -22.564 -13.074 1.00 60.30  ? 106 ASN A N   1 
ATOM   537  C  CA  . ASN A 1 67  ? -5.256  -23.601 -13.245 1.00 60.92  ? 106 ASN A CA  1 
ATOM   538  C  C   . ASN A 1 67  ? -3.915  -23.004 -12.829 1.00 57.28  ? 106 ASN A C   1 
ATOM   539  O  O   . ASN A 1 67  ? -3.026  -22.879 -13.693 1.00 53.21  ? 106 ASN A O   1 
ATOM   540  C  CB  . ASN A 1 67  ? -5.235  -24.146 -14.674 1.00 64.61  ? 106 ASN A CB  1 
ATOM   541  C  CG  . ASN A 1 67  ? -6.539  -24.832 -15.014 1.00 63.92  ? 106 ASN A CG  1 
ATOM   542  O  OD1 . ASN A 1 67  ? -6.948  -25.761 -14.322 1.00 66.34  ? 106 ASN A OD1 1 
ATOM   543  N  ND2 . ASN A 1 67  ? -7.210  -24.354 -16.047 1.00 61.55  ? 106 ASN A ND2 1 
ATOM   544  N  N   . GLY A 1 68  ? -3.816  -22.617 -11.555 1.00 56.59  ? 107 GLY A N   1 
ATOM   545  C  CA  . GLY A 1 68  ? -2.570  -22.168 -10.905 1.00 54.70  ? 107 GLY A CA  1 
ATOM   546  C  C   . GLY A 1 68  ? -1.988  -20.913 -11.530 1.00 48.53  ? 107 GLY A C   1 
ATOM   547  O  O   . GLY A 1 68  ? -0.768  -20.757 -11.471 1.00 47.77  ? 107 GLY A O   1 
ATOM   548  N  N   . GLU A 1 69  ? -2.809  -20.045 -12.119 1.00 48.63  ? 108 GLU A N   1 
ATOM   549  C  CA  . GLU A 1 69  ? -2.300  -18.783 -12.718 1.00 53.49  ? 108 GLU A CA  1 
ATOM   550  C  C   . GLU A 1 69  ? -3.377  -17.696 -12.621 1.00 46.96  ? 108 GLU A C   1 
ATOM   551  O  O   . GLU A 1 69  ? -4.558  -17.985 -12.862 1.00 46.95  ? 108 GLU A O   1 
ATOM   552  C  CB  . GLU A 1 69  ? -1.781  -19.037 -14.139 1.00 59.51  ? 108 GLU A CB  1 
ATOM   553  C  CG  . GLU A 1 69  ? -2.821  -18.877 -15.244 1.00 68.01  ? 108 GLU A CG  1 
ATOM   554  C  CD  . GLU A 1 69  ? -2.279  -18.872 -16.672 1.00 72.83  ? 108 GLU A CD  1 
ATOM   555  O  OE1 . GLU A 1 69  ? -1.056  -19.072 -16.854 1.00 72.62  ? 108 GLU A OE1 1 
ATOM   556  O  OE2 . GLU A 1 69  ? -3.087  -18.658 -17.609 1.00 76.75  ? 108 GLU A OE2 1 
ATOM   557  N  N   . TRP A 1 70  ? -2.964  -16.478 -12.267 1.00 45.17  ? 109 TRP A N   1 
ATOM   558  C  CA  . TRP A 1 70  ? -3.840  -15.276 -12.228 1.00 39.85  ? 109 TRP A CA  1 
ATOM   559  C  C   . TRP A 1 70  ? -4.102  -14.781 -13.659 1.00 38.44  ? 109 TRP A C   1 
ATOM   560  O  O   . TRP A 1 70  ? -3.132  -14.588 -14.396 1.00 39.16  ? 109 TRP A O   1 
ATOM   561  C  CB  . TRP A 1 70  ? -3.207  -14.187 -11.357 1.00 38.25  ? 109 TRP A CB  1 
ATOM   562  C  CG  . TRP A 1 70  ? -3.367  -14.437 -9.892  1.00 35.93  ? 109 TRP A CG  1 
ATOM   563  C  CD1 . TRP A 1 70  ? -2.405  -14.834 -9.009  1.00 34.97  ? 109 TRP A CD1 1 
ATOM   564  C  CD2 . TRP A 1 70  ? -4.584  -14.327 -9.137  1.00 34.46  ? 109 TRP A CD2 1 
ATOM   565  N  NE1 . TRP A 1 70  ? -2.943  -14.979 -7.759  1.00 33.94  ? 109 TRP A NE1 1 
ATOM   566  C  CE2 . TRP A 1 70  ? -4.271  -14.662 -7.804  1.00 33.16  ? 109 TRP A CE2 1 
ATOM   567  C  CE3 . TRP A 1 70  ? -5.899  -13.968 -9.453  1.00 32.58  ? 109 TRP A CE3 1 
ATOM   568  C  CZ2 . TRP A 1 70  ? -5.229  -14.646 -6.794  1.00 35.06  ? 109 TRP A CZ2 1 
ATOM   569  C  CZ3 . TRP A 1 70  ? -6.844  -13.961 -8.455  1.00 33.41  ? 109 TRP A CZ3 1 
ATOM   570  C  CH2 . TRP A 1 70  ? -6.509  -14.290 -7.140  1.00 34.00  ? 109 TRP A CH2 1 
ATOM   571  N  N   . VAL A 1 71  ? -5.367  -14.627 -14.044 1.00 39.03  ? 110 VAL A N   1 
ATOM   572  C  CA  . VAL A 1 71  ? -5.766  -14.146 -15.404 1.00 42.34  ? 110 VAL A CA  1 
ATOM   573  C  C   . VAL A 1 71  ? -6.861  -13.109 -15.234 1.00 37.88  ? 110 VAL A C   1 
ATOM   574  O  O   . VAL A 1 71  ? -7.741  -13.243 -14.388 1.00 40.49  ? 110 VAL A O   1 
ATOM   575  C  CB  . VAL A 1 71  ? -6.210  -15.278 -16.351 1.00 43.65  ? 110 VAL A CB  1 
ATOM   576  C  CG1 . VAL A 1 71  ? -5.084  -16.258 -16.606 1.00 42.54  ? 110 VAL A CG1 1 
ATOM   577  C  CG2 . VAL A 1 71  ? -7.447  -15.997 -15.842 1.00 47.25  ? 110 VAL A CG2 1 
ATOM   578  N  N   . PRO A 1 72  ? -6.800  -12.014 -16.009 1.00 40.03  ? 111 PRO A N   1 
ATOM   579  C  CA  . PRO A 1 72  ? -7.824  -10.983 -15.950 1.00 43.76  ? 111 PRO A CA  1 
ATOM   580  C  C   . PRO A 1 72  ? -9.081  -11.384 -16.721 1.00 43.96  ? 111 PRO A C   1 
ATOM   581  O  O   . PRO A 1 72  ? -8.933  -12.027 -17.730 1.00 47.67  ? 111 PRO A O   1 
ATOM   582  C  CB  . PRO A 1 72  ? -7.173  -9.760  -16.612 1.00 43.59  ? 111 PRO A CB  1 
ATOM   583  C  CG  . PRO A 1 72  ? -6.025  -10.295 -17.447 1.00 41.68  ? 111 PRO A CG  1 
ATOM   584  C  CD  . PRO A 1 72  ? -5.721  -11.696 -16.953 1.00 43.29  ? 111 PRO A CD  1 
ATOM   585  N  N   . GLY A 1 73  ? -10.251 -10.983 -16.219 1.00 47.06  ? 112 GLY A N   1 
ATOM   586  C  CA  . GLY A 1 73  ? -11.522 -11.012 -16.961 1.00 50.89  ? 112 GLY A CA  1 
ATOM   587  C  C   . GLY A 1 73  ? -11.400 -10.208 -18.247 1.00 58.17  ? 112 GLY A C   1 
ATOM   588  O  O   . GLY A 1 73  ? -10.303 -9.659  -18.517 1.00 57.43  ? 112 GLY A O   1 
ATOM   589  N  N   . GLY A 1 74  ? -12.475 -10.142 -19.033 1.00 56.51  ? 113 GLY A N   1 
ATOM   590  C  CA  . GLY A 1 74  ? -12.504 -9.385  -20.294 1.00 61.66  ? 113 GLY A CA  1 
ATOM   591  C  C   . GLY A 1 74  ? -13.469 -8.216  -20.232 1.00 64.09  ? 113 GLY A C   1 
ATOM   592  O  O   . GLY A 1 74  ? -13.702 -7.619  -21.299 1.00 77.64  ? 113 GLY A O   1 
ATOM   593  N  N   . LYS A 1 75  ? -14.019 -7.892  -19.055 1.00 61.87  ? 114 LYS A N   1 
ATOM   594  C  CA  . LYS A 1 75  ? -15.042 -6.820  -18.923 1.00 64.83  ? 114 LYS A CA  1 
ATOM   595  C  C   . LYS A 1 75  ? -14.578 -5.779  -17.911 1.00 60.20  ? 114 LYS A C   1 
ATOM   596  O  O   . LYS A 1 75  ? -15.132 -5.665  -16.820 1.00 57.99  ? 114 LYS A O   1 
ATOM   597  C  CB  . LYS A 1 75  ? -16.422 -7.402  -18.595 1.00 69.47  ? 114 LYS A CB  1 
ATOM   598  C  CG  . LYS A 1 75  ? -17.565 -6.827  -19.430 1.00 74.36  ? 114 LYS A CG  1 
ATOM   599  C  CD  . LYS A 1 75  ? -17.259 -6.740  -20.930 1.00 78.49  ? 114 LYS A CD  1 
ATOM   600  C  CE  . LYS A 1 75  ? -18.433 -7.047  -21.841 1.00 83.34  ? 114 LYS A CE  1 
ATOM   601  N  NZ  . LYS A 1 75  ? -19.330 -5.881  -22.024 1.00 84.17  ? 114 LYS A NZ  1 
ATOM   602  N  N   . PRO A 1 76  ? -13.594 -4.934  -18.285 1.00 61.45  ? 115 PRO A N   1 
ATOM   603  C  CA  . PRO A 1 76  ? -13.136 -3.857  -17.412 1.00 62.63  ? 115 PRO A CA  1 
ATOM   604  C  C   . PRO A 1 76  ? -14.302 -2.961  -16.963 1.00 62.37  ? 115 PRO A C   1 
ATOM   605  O  O   . PRO A 1 76  ? -15.257 -2.812  -17.707 1.00 60.22  ? 115 PRO A O   1 
ATOM   606  C  CB  . PRO A 1 76  ? -12.119 -3.063  -18.253 1.00 61.79  ? 115 PRO A CB  1 
ATOM   607  C  CG  . PRO A 1 76  ? -12.331 -3.528  -19.681 1.00 63.97  ? 115 PRO A CG  1 
ATOM   608  C  CD  . PRO A 1 76  ? -12.899 -4.931  -19.582 1.00 63.10  ? 115 PRO A CD  1 
ATOM   609  N  N   . GLU A 1 77  ? -14.210 -2.432  -15.742 1.00 56.22  ? 116 GLU A N   1 
ATOM   610  C  CA  . GLU A 1 77  ? -15.082 -1.345  -15.235 1.00 59.75  ? 116 GLU A CA  1 
ATOM   611  C  C   . GLU A 1 77  ? -14.175 -0.255  -14.680 1.00 60.70  ? 116 GLU A C   1 
ATOM   612  O  O   . GLU A 1 77  ? -13.098 -0.550  -14.177 1.00 67.10  ? 116 GLU A O   1 
ATOM   613  C  CB  . GLU A 1 77  ? -16.046 -1.886  -14.179 1.00 60.60  ? 116 GLU A CB  1 
ATOM   614  C  CG  . GLU A 1 77  ? -16.843 -3.087  -14.653 1.00 64.74  ? 116 GLU A CG  1 
ATOM   615  C  CD  . GLU A 1 77  ? -17.717 -3.721  -13.584 1.00 68.39  ? 116 GLU A CD  1 
ATOM   616  O  OE1 . GLU A 1 77  ? -18.098 -3.007  -12.638 1.00 75.24  ? 116 GLU A OE1 1 
ATOM   617  O  OE2 . GLU A 1 77  ? -18.005 -4.933  -13.690 1.00 69.56  ? 116 GLU A OE2 1 
ATOM   618  N  N   . PRO A 1 78  ? -14.573 1.030   -14.727 1.00 64.42  ? 117 PRO A N   1 
ATOM   619  C  CA  . PRO A 1 78  ? -13.711 2.090   -14.217 1.00 66.94  ? 117 PRO A CA  1 
ATOM   620  C  C   . PRO A 1 78  ? -13.482 1.814   -12.723 1.00 65.58  ? 117 PRO A C   1 
ATOM   621  O  O   . PRO A 1 78  ? -14.421 1.430   -12.047 1.00 54.99  ? 117 PRO A O   1 
ATOM   622  C  CB  . PRO A 1 78  ? -14.455 3.409   -14.471 1.00 69.25  ? 117 PRO A CB  1 
ATOM   623  C  CG  . PRO A 1 78  ? -15.793 3.030   -15.099 1.00 71.46  ? 117 PRO A CG  1 
ATOM   624  C  CD  . PRO A 1 78  ? -15.888 1.517   -15.162 1.00 69.39  ? 117 PRO A CD  1 
ATOM   625  N  N   . GLN A 1 79  ? -12.271 2.035   -12.229 1.00 66.47  ? 118 GLN A N   1 
ATOM   626  C  CA  . GLN A 1 79  ? -12.073 1.730   -10.793 1.00 72.16  ? 118 GLN A CA  1 
ATOM   627  C  C   . GLN A 1 79  ? -12.082 3.012   -9.957  1.00 78.20  ? 118 GLN A C   1 
ATOM   628  O  O   . GLN A 1 79  ? -11.117 3.782   -10.036 1.00 74.79  ? 118 GLN A O   1 
ATOM   629  C  CB  . GLN A 1 79  ? -10.808 0.898   -10.614 1.00 66.84  ? 118 GLN A CB  1 
ATOM   630  C  CG  . GLN A 1 79  ? -10.879 -0.470  -11.267 1.00 66.70  ? 118 GLN A CG  1 
ATOM   631  C  CD  . GLN A 1 79  ? -12.019 -1.319  -10.759 1.00 62.40  ? 118 GLN A CD  1 
ATOM   632  O  OE1 . GLN A 1 79  ? -12.348 -1.329  -9.584  1.00 63.02  ? 118 GLN A OE1 1 
ATOM   633  N  NE2 . GLN A 1 79  ? -12.621 -2.066  -11.654 1.00 66.40  ? 118 GLN A NE2 1 
ATOM   634  N  N   . ALA A 1 80  ? -13.112 3.172   -9.126  1.00 89.96  ? 119 ALA A N   1 
ATOM   635  C  CA  . ALA A 1 80  ? -13.195 4.367   -8.260  1.00 89.59  ? 119 ALA A CA  1 
ATOM   636  C  C   . ALA A 1 80  ? -12.005 4.309   -7.308  1.00 86.46  ? 119 ALA A C   1 
ATOM   637  O  O   . ALA A 1 80  ? -11.866 3.297   -6.605  1.00 85.76  ? 119 ALA A O   1 
ATOM   638  C  CB  . ALA A 1 80  ? -14.498 4.396   -7.503  1.00 90.39  ? 119 ALA A CB  1 
ATOM   639  N  N   . PRO A 1 81  ? -11.278 5.420   -7.105  1.00 75.70  ? 120 PRO A N   1 
ATOM   640  C  CA  . PRO A 1 81  ? -10.069 5.420   -6.297  1.00 65.87  ? 120 PRO A CA  1 
ATOM   641  C  C   . PRO A 1 81  ? -10.303 5.016   -4.841  1.00 55.52  ? 120 PRO A C   1 
ATOM   642  O  O   . PRO A 1 81  ? -11.363 5.223   -4.309  1.00 52.48  ? 120 PRO A O   1 
ATOM   643  C  CB  . PRO A 1 81  ? -9.698  6.906   -6.283  1.00 30.00  ? 120 PRO A CB  1 
ATOM   644  C  CG  . PRO A 1 81  ? -11.011 7.595   -6.494  1.00 30.00  ? 120 PRO A CG  1 
ATOM   645  C  CD  . PRO A 1 81  ? -11.629 6.745   -7.575  1.00 30.00  ? 120 PRO A CD  1 
ATOM   646  N  N   . SER A 1 82  ? -9.272  4.440   -4.229  1.00 49.92  ? 121 SER A N   1 
ATOM   647  C  CA  . SER A 1 82  ? -9.394  4.019   -2.813  1.00 44.21  ? 121 SER A CA  1 
ATOM   648  C  C   . SER A 1 82  ? -9.376  5.243   -1.925  1.00 38.94  ? 121 SER A C   1 
ATOM   649  O  O   . SER A 1 82  ? -8.817  6.260   -2.303  1.00 41.93  ? 121 SER A O   1 
ATOM   650  C  CB  . SER A 1 82  ? -8.320  3.050   -2.364  1.00 30.00  ? 121 SER A CB  1 
ATOM   651  O  OG  . SER A 1 82  ? -7.258  3.694   -1.668  1.00 30.00  ? 121 SER A OG  1 
ATOM   652  N  N   . CYS A 1 83  ? -9.829  5.034   -0.696  1.00 36.94  ? 122 CYS A N   1 
ATOM   653  C  CA  . CYS A 1 83  ? -9.743  6.038   0.381   1.00 38.68  ? 122 CYS A CA  1 
ATOM   654  C  C   . CYS A 1 83  ? -8.282  6.157   0.855   1.00 32.99  ? 122 CYS A C   1 
ATOM   655  O  O   . CYS A 1 83  ? -7.417  5.351   0.539   1.00 30.82  ? 122 CYS A O   1 
ATOM   656  C  CB  . CYS A 1 83  ? -10.740 5.758   1.499   1.00 43.61  ? 122 CYS A CB  1 
ATOM   657  S  SG  . CYS A 1 83  ? -12.447 6.130   1.031   1.00 53.48  ? 122 CYS A SG  1 
ATOM   658  N  N   . VAL A 1 84  ? -8.014  7.206   1.588   1.00 32.64  ? 123 VAL A N   1 
ATOM   659  C  CA  . VAL A 1 84  ? -6.629  7.545   2.005   1.00 36.35  ? 123 VAL A CA  1 
ATOM   660  C  C   . VAL A 1 84  ? -6.459  7.136   3.469   1.00 33.44  ? 123 VAL A C   1 
ATOM   661  O  O   . VAL A 1 84  ? -7.347  7.408   4.259   1.00 31.03  ? 123 VAL A O   1 
ATOM   662  C  CB  . VAL A 1 84  ? -6.347  9.039   1.764   1.00 38.59  ? 123 VAL A CB  1 
ATOM   663  C  CG1 . VAL A 1 84  ? -7.329  9.956   2.478   1.00 39.64  ? 123 VAL A CG1 1 
ATOM   664  C  CG2 . VAL A 1 84  ? -4.924  9.402   2.115   1.00 38.88  ? 123 VAL A CG2 1 
ATOM   665  N  N   . TYR A 1 85  ? -5.344  6.496   3.802   1.00 34.28  ? 124 TYR A N   1 
ATOM   666  C  CA  . TYR A 1 85  ? -4.952  6.195   5.200   1.00 30.86  ? 124 TYR A CA  1 
ATOM   667  C  C   . TYR A 1 85  ? -3.896  7.205   5.640   1.00 32.13  ? 124 TYR A C   1 
ATOM   668  O  O   . TYR A 1 85  ? -2.837  7.339   4.970   1.00 31.87  ? 124 TYR A O   1 
ATOM   669  C  CB  . TYR A 1 85  ? -4.437  4.765   5.313   1.00 32.58  ? 124 TYR A CB  1 
ATOM   670  C  CG  . TYR A 1 85  ? -3.885  4.399   6.670   1.00 34.46  ? 124 TYR A CG  1 
ATOM   671  C  CD1 . TYR A 1 85  ? -4.726  4.037   7.717   1.00 34.24  ? 124 TYR A CD1 1 
ATOM   672  C  CD2 . TYR A 1 85  ? -2.519  4.402   6.898   1.00 29.97  ? 124 TYR A CD2 1 
ATOM   673  C  CE1 . TYR A 1 85  ? -4.219  3.700   8.960   1.00 32.85  ? 124 TYR A CE1 1 
ATOM   674  C  CE2 . TYR A 1 85  ? -1.996  4.081   8.138   1.00 33.40  ? 124 TYR A CE2 1 
ATOM   675  C  CZ  . TYR A 1 85  ? -2.851  3.727   9.170   1.00 34.15  ? 124 TYR A CZ  1 
ATOM   676  O  OH  . TYR A 1 85  ? -2.329  3.391   10.379  1.00 31.45  ? 124 TYR A OH  1 
ATOM   677  N  N   . ILE A 1 86  ? -4.157  7.882   6.754   1.00 30.33  ? 125 ILE A N   1 
ATOM   678  C  CA  . ILE A 1 86  ? -3.208  8.846   7.376   1.00 30.83  ? 125 ILE A CA  1 
ATOM   679  C  C   . ILE A 1 86  ? -2.309  8.072   8.337   1.00 31.57  ? 125 ILE A C   1 
ATOM   680  O  O   . ILE A 1 86  ? -2.826  7.507   9.298   1.00 28.77  ? 125 ILE A O   1 
ATOM   681  C  CB  . ILE A 1 86  ? -3.971  9.979   8.073   1.00 34.64  ? 125 ILE A CB  1 
ATOM   682  C  CG1 . ILE A 1 86  ? -5.041  10.570  7.155   1.00 38.01  ? 125 ILE A CG1 1 
ATOM   683  C  CG2 . ILE A 1 86  ? -3.008  11.046  8.576   1.00 36.08  ? 125 ILE A CG2 1 
ATOM   684  C  CD1 . ILE A 1 86  ? -6.072  11.388  7.904   1.00 42.30  ? 125 ILE A CD1 1 
ATOM   685  N  N   . HIS A 1 87  ? -0.999  8.037   8.093   1.00 30.42  ? 126 HIS A N   1 
ATOM   686  C  CA  . HIS A 1 87  ? -0.038  7.489   9.080   1.00 30.82  ? 126 HIS A CA  1 
ATOM   687  C  C   . HIS A 1 87  ? -0.359  8.112   10.440  1.00 31.91  ? 126 HIS A C   1 
ATOM   688  O  O   . HIS A 1 87  ? -0.457  9.336   10.550  1.00 30.10  ? 126 HIS A O   1 
ATOM   689  C  CB  . HIS A 1 87  ? 1.420   7.715   8.663   1.00 29.57  ? 126 HIS A CB  1 
ATOM   690  C  CG  . HIS A 1 87  ? 2.332   6.811   9.422   1.00 32.10  ? 126 HIS A CG  1 
ATOM   691  N  ND1 . HIS A 1 87  ? 2.721   7.079   10.727  1.00 30.93  ? 126 HIS A ND1 1 
ATOM   692  C  CD2 . HIS A 1 87  ? 2.843   5.603   9.112   1.00 32.51  ? 126 HIS A CD2 1 
ATOM   693  C  CE1 . HIS A 1 87  ? 3.480   6.089   11.162  1.00 33.74  ? 126 HIS A CE1 1 
ATOM   694  N  NE2 . HIS A 1 87  ? 3.573   5.171   10.192  1.00 33.99  ? 126 HIS A NE2 1 
ATOM   695  N  N   . PRO A 1 88  ? -0.530  7.315   11.520  1.00 35.24  ? 127 PRO A N   1 
ATOM   696  C  CA  . PRO A 1 88  ? -0.953  7.860   12.819  1.00 32.49  ? 127 PRO A CA  1 
ATOM   697  C  C   . PRO A 1 88  ? 0.059   8.820   13.474  1.00 32.83  ? 127 PRO A C   1 
ATOM   698  O  O   . PRO A 1 88  ? -0.385  9.668   14.247  1.00 32.00  ? 127 PRO A O   1 
ATOM   699  C  CB  . PRO A 1 88  ? -1.239  6.593   13.649  1.00 33.93  ? 127 PRO A CB  1 
ATOM   700  C  CG  . PRO A 1 88  ? -0.323  5.552   13.047  1.00 36.22  ? 127 PRO A CG  1 
ATOM   701  C  CD  . PRO A 1 88  ? -0.340  5.860   11.559  1.00 34.88  ? 127 PRO A CD  1 
ATOM   702  N  N   . ASP A 1 89  ? 1.344   8.787   13.082  1.00 31.55  ? 128 ASP A N   1 
ATOM   703  C  CA  . ASP A 1 89  ? 2.355   9.780   13.543  1.00 31.08  ? 128 ASP A CA  1 
ATOM   704  C  C   . ASP A 1 89  ? 2.073   11.156  12.930  1.00 32.21  ? 128 ASP A C   1 
ATOM   705  O  O   . ASP A 1 89  ? 2.691   12.108  13.380  1.00 34.55  ? 128 ASP A O   1 
ATOM   706  C  CB  . ASP A 1 89  ? 3.801   9.450   13.168  1.00 31.77  ? 128 ASP A CB  1 
ATOM   707  C  CG  . ASP A 1 89  ? 4.345   8.138   13.687  1.00 31.15  ? 128 ASP A CG  1 
ATOM   708  O  OD1 . ASP A 1 89  ? 3.579   7.374   14.263  1.00 31.43  ? 128 ASP A OD1 1 
ATOM   709  O  OD2 . ASP A 1 89  ? 5.534   7.872   13.440  1.00 32.70  ? 128 ASP A OD2 1 
ATOM   710  N  N   . SER A 1 90  ? 1.201   11.263  11.924  1.00 31.95  ? 129 SER A N   1 
ATOM   711  C  CA  . SER A 1 90  ? 0.873   12.552  11.260  1.00 32.04  ? 129 SER A CA  1 
ATOM   712  C  C   . SER A 1 90  ? 0.059   13.412  12.218  1.00 32.58  ? 129 SER A C   1 
ATOM   713  O  O   . SER A 1 90  ? -0.688  12.876  13.015  1.00 33.70  ? 129 SER A O   1 
ATOM   714  C  CB  . SER A 1 90  ? 0.132   12.342  9.973   1.00 30.42  ? 129 SER A CB  1 
ATOM   715  O  OG  . SER A 1 90  ? 0.759   11.328  9.203   1.00 28.41  ? 129 SER A OG  1 
ATOM   716  N  N   . PRO A 1 91  ? 0.181   14.756  12.207  1.00 34.27  ? 130 PRO A N   1 
ATOM   717  C  CA  . PRO A 1 91  ? 1.238   15.469  11.495  1.00 35.05  ? 130 PRO A CA  1 
ATOM   718  C  C   . PRO A 1 91  ? 2.542   15.444  12.291  1.00 36.46  ? 130 PRO A C   1 
ATOM   719  O  O   . PRO A 1 91  ? 2.461   15.277  13.477  1.00 39.67  ? 130 PRO A O   1 
ATOM   720  C  CB  . PRO A 1 91  ? 0.724   16.901  11.431  1.00 37.01  ? 130 PRO A CB  1 
ATOM   721  C  CG  . PRO A 1 91  ? -0.133  17.026  12.665  1.00 38.01  ? 130 PRO A CG  1 
ATOM   722  C  CD  . PRO A 1 91  ? -0.728  15.660  12.908  1.00 37.46  ? 130 PRO A CD  1 
ATOM   723  N  N   . ASN A 1 92  ? 3.694   15.639  11.652  1.00 35.06  ? 131 ASN A N   1 
ATOM   724  C  CA  . ASN A 1 92  ? 4.981   15.554  12.384  1.00 37.62  ? 131 ASN A CA  1 
ATOM   725  C  C   . ASN A 1 92  ? 6.099   16.273  11.618  1.00 38.03  ? 131 ASN A C   1 
ATOM   726  O  O   . ASN A 1 92  ? 5.904   16.642  10.455  1.00 36.83  ? 131 ASN A O   1 
ATOM   727  C  CB  . ASN A 1 92  ? 5.303   14.101  12.746  1.00 37.35  ? 131 ASN A CB  1 
ATOM   728  C  CG  . ASN A 1 92  ? 5.802   13.964  14.173  1.00 39.85  ? 131 ASN A CG  1 
ATOM   729  O  OD1 . ASN A 1 92  ? 6.623   14.762  14.621  1.00 39.25  ? 131 ASN A OD1 1 
ATOM   730  N  ND2 . ASN A 1 92  ? 5.336   12.953  14.884  1.00 33.94  ? 131 ASN A ND2 1 
ATOM   731  N  N   . PHE A 1 93  ? 7.213   16.523  12.306  1.00 40.29  ? 132 PHE A N   1 
ATOM   732  C  CA  . PHE A 1 93  ? 8.394   17.247  11.772  1.00 41.99  ? 132 PHE A CA  1 
ATOM   733  C  C   . PHE A 1 93  ? 9.123   16.352  10.771  1.00 38.89  ? 132 PHE A C   1 
ATOM   734  O  O   . PHE A 1 93  ? 9.150   15.121  10.958  1.00 39.14  ? 132 PHE A O   1 
ATOM   735  C  CB  . PHE A 1 93  ? 9.317   17.680  12.916  1.00 42.82  ? 132 PHE A CB  1 
ATOM   736  C  CG  . PHE A 1 93  ? 8.687   18.724  13.802  1.00 43.97  ? 132 PHE A CG  1 
ATOM   737  C  CD1 . PHE A 1 93  ? 8.470   20.007  13.326  1.00 44.69  ? 132 PHE A CD1 1 
ATOM   738  C  CD2 . PHE A 1 93  ? 8.260   18.411  15.082  1.00 42.99  ? 132 PHE A CD2 1 
ATOM   739  C  CE1 . PHE A 1 93  ? 7.843   20.962  14.112  1.00 46.15  ? 132 PHE A CE1 1 
ATOM   740  C  CE2 . PHE A 1 93  ? 7.642   19.370  15.871  1.00 43.74  ? 132 PHE A CE2 1 
ATOM   741  C  CZ  . PHE A 1 93  ? 7.428   20.642  15.387  1.00 44.08  ? 132 PHE A CZ  1 
ATOM   742  N  N   . GLY A 1 94  ? 9.725   16.959  9.752   1.00 39.68  ? 133 GLY A N   1 
ATOM   743  C  CA  . GLY A 1 94  ? 10.638  16.244  8.843   1.00 40.90  ? 133 GLY A CA  1 
ATOM   744  C  C   . GLY A 1 94  ? 11.571  15.313  9.605   1.00 40.77  ? 133 GLY A C   1 
ATOM   745  O  O   . GLY A 1 94  ? 11.718  14.156  9.190   1.00 40.63  ? 133 GLY A O   1 
ATOM   746  N  N   . ALA A 1 95  ? 12.169  15.785  10.705  1.00 39.51  ? 134 ALA A N   1 
ATOM   747  C  CA  . ALA A 1 95  ? 13.168  15.034  11.501  1.00 38.22  ? 134 ALA A CA  1 
ATOM   748  C  C   . ALA A 1 95  ? 12.578  13.697  11.956  1.00 37.81  ? 134 ALA A C   1 
ATOM   749  O  O   . ALA A 1 95  ? 13.321  12.695  11.991  1.00 37.38  ? 134 ALA A O   1 
ATOM   750  C  CB  . ALA A 1 95  ? 13.600  15.861  12.692  1.00 40.11  ? 134 ALA A CB  1 
ATOM   751  N  N   . HIS A 1 96  ? 11.297  13.693  12.335  1.00 34.72  ? 135 HIS A N   1 
ATOM   752  C  CA  . HIS A 1 96  ? 10.602  12.488  12.853  1.00 37.42  ? 135 HIS A CA  1 
ATOM   753  C  C   . HIS A 1 96  ? 10.510  11.455  11.731  1.00 36.47  ? 135 HIS A C   1 
ATOM   754  O  O   . HIS A 1 96  ? 10.765  10.248  11.967  1.00 37.34  ? 135 HIS A O   1 
ATOM   755  C  CB  . HIS A 1 96  ? 9.206   12.837  13.391  1.00 38.02  ? 135 HIS A CB  1 
ATOM   756  C  CG  . HIS A 1 96  ? 8.398   11.641  13.765  1.00 38.09  ? 135 HIS A CG  1 
ATOM   757  N  ND1 . HIS A 1 96  ? 8.411   11.102  15.046  1.00 43.40  ? 135 HIS A ND1 1 
ATOM   758  C  CD2 . HIS A 1 96  ? 7.551   10.878  13.043  1.00 35.98  ? 135 HIS A CD2 1 
ATOM   759  C  CE1 . HIS A 1 96  ? 7.607   10.063  15.099  1.00 40.65  ? 135 HIS A CE1 1 
ATOM   760  N  NE2 . HIS A 1 96  ? 7.073   9.896   13.873  1.00 40.04  ? 135 HIS A NE2 1 
ATOM   761  N  N   . TRP A 1 97  ? 10.137  11.921  10.549  1.00 34.44  ? 136 TRP A N   1 
ATOM   762  C  CA  . TRP A 1 97  ? 9.916   11.051  9.373   1.00 36.26  ? 136 TRP A CA  1 
ATOM   763  C  C   . TRP A 1 97  ? 11.244  10.495  8.847   1.00 39.18  ? 136 TRP A C   1 
ATOM   764  O  O   . TRP A 1 97  ? 11.232  9.362   8.320   1.00 40.39  ? 136 TRP A O   1 
ATOM   765  C  CB  . TRP A 1 97  ? 9.186   11.835  8.297   1.00 35.27  ? 136 TRP A CB  1 
ATOM   766  C  CG  . TRP A 1 97  ? 7.829   12.308  8.699   1.00 33.59  ? 136 TRP A CG  1 
ATOM   767  C  CD1 . TRP A 1 97  ? 7.405   13.601  8.754   1.00 34.79  ? 136 TRP A CD1 1 
ATOM   768  C  CD2 . TRP A 1 97  ? 6.698   11.494  9.037   1.00 32.20  ? 136 TRP A CD2 1 
ATOM   769  N  NE1 . TRP A 1 97  ? 6.087   13.651  9.117   1.00 33.81  ? 136 TRP A NE1 1 
ATOM   770  C  CE2 . TRP A 1 97  ? 5.629   12.376  9.304   1.00 33.16  ? 136 TRP A CE2 1 
ATOM   771  C  CE3 . TRP A 1 97  ? 6.488   10.116  9.154   1.00 32.45  ? 136 TRP A CE3 1 
ATOM   772  C  CZ2 . TRP A 1 97  ? 4.359   11.924  9.650   1.00 33.18  ? 136 TRP A CZ2 1 
ATOM   773  C  CZ3 . TRP A 1 97  ? 5.233   9.669   9.493   1.00 33.04  ? 136 TRP A CZ3 1 
ATOM   774  C  CH2 . TRP A 1 97  ? 4.185   10.562  9.729   1.00 33.17  ? 136 TRP A CH2 1 
ATOM   775  N  N   . MET A 1 98  ? 12.344  11.243  8.993   1.00 40.46  ? 137 MET A N   1 
ATOM   776  C  CA  . MET A 1 98  ? 13.664  10.866  8.417   1.00 40.14  ? 137 MET A CA  1 
ATOM   777  C  C   . MET A 1 98  ? 14.519  10.067  9.409   1.00 40.84  ? 137 MET A C   1 
ATOM   778  O  O   . MET A 1 98  ? 15.524  9.547   8.948   1.00 43.46  ? 137 MET A O   1 
ATOM   779  C  CB  . MET A 1 98  ? 14.445  12.103  7.973   1.00 39.67  ? 137 MET A CB  1 
ATOM   780  C  CG  . MET A 1 98  ? 13.802  12.817  6.810   1.00 41.83  ? 137 MET A CG  1 
ATOM   781  S  SD  . MET A 1 98  ? 14.861  14.122  6.148   1.00 44.04  ? 137 MET A SD  1 
ATOM   782  C  CE  . MET A 1 98  ? 14.732  15.342  7.457   1.00 43.42  ? 137 MET A CE  1 
ATOM   783  N  N   . LYS A 1 99  ? 14.139  9.926   10.687  1.00 44.40  ? 138 LYS A N   1 
ATOM   784  C  CA  . LYS A 1 99  ? 14.972  9.230   11.720  1.00 45.51  ? 138 LYS A CA  1 
ATOM   785  C  C   . LYS A 1 99  ? 14.835  7.703   11.604  1.00 48.63  ? 138 LYS A C   1 
ATOM   786  O  O   . LYS A 1 99  ? 15.782  6.984   12.007  1.00 50.89  ? 138 LYS A O   1 
ATOM   787  C  CB  . LYS A 1 99  ? 14.650  9.730   13.137  1.00 49.72  ? 138 LYS A CB  1 
ATOM   788  C  CG  . LYS A 1 99  ? 13.266  9.394   13.680  1.00 54.73  ? 138 LYS A CG  1 
ATOM   789  C  CD  . LYS A 1 99  ? 12.931  10.089  14.992  1.00 62.90  ? 138 LYS A CD  1 
ATOM   790  C  CE  . LYS A 1 99  ? 11.747  9.478   15.718  1.00 67.12  ? 138 LYS A CE  1 
ATOM   791  N  NZ  . LYS A 1 99  ? 11.191  10.384  16.757  1.00 70.18  ? 138 LYS A NZ  1 
ATOM   792  N  N   . ALA A 1 100 ? 13.712  7.201   11.089  1.00 45.34  ? 139 ALA A N   1 
ATOM   793  C  CA  . ALA A 1 100 ? 13.504  5.756   10.841  1.00 43.82  ? 139 ALA A CA  1 
ATOM   794  C  C   . ALA A 1 100 ? 12.530  5.554   9.680   1.00 40.72  ? 139 ALA A C   1 
ATOM   795  O  O   . ALA A 1 100 ? 11.808  6.475   9.301   1.00 43.14  ? 139 ALA A O   1 
ATOM   796  C  CB  . ALA A 1 100 ? 13.018  5.086   12.103  1.00 44.60  ? 139 ALA A CB  1 
ATOM   797  N  N   . PRO A 1 101 ? 12.538  4.371   9.029   1.00 37.33  ? 140 PRO A N   1 
ATOM   798  C  CA  . PRO A 1 101 ? 11.592  4.082   7.955   1.00 36.02  ? 140 PRO A CA  1 
ATOM   799  C  C   . PRO A 1 101 ? 10.159  4.374   8.414   1.00 34.83  ? 140 PRO A C   1 
ATOM   800  O  O   . PRO A 1 101 ? 9.823   4.032   9.524   1.00 33.94  ? 140 PRO A O   1 
ATOM   801  C  CB  . PRO A 1 101 ? 11.791  2.585   7.685   1.00 37.63  ? 140 PRO A CB  1 
ATOM   802  C  CG  . PRO A 1 101 ? 13.224  2.311   8.092   1.00 36.80  ? 140 PRO A CG  1 
ATOM   803  C  CD  . PRO A 1 101 ? 13.503  3.276   9.231   1.00 38.89  ? 140 PRO A CD  1 
ATOM   804  N  N   . VAL A 1 102 ? 9.378   5.061   7.588   1.00 33.07  ? 141 VAL A N   1 
ATOM   805  C  CA  . VAL A 1 102 ? 7.930   5.305   7.857   1.00 34.66  ? 141 VAL A CA  1 
ATOM   806  C  C   . VAL A 1 102 ? 7.196   3.988   7.571   1.00 33.62  ? 141 VAL A C   1 
ATOM   807  O  O   . VAL A 1 102 ? 7.166   3.543   6.409   1.00 30.50  ? 141 VAL A O   1 
ATOM   808  C  CB  . VAL A 1 102 ? 7.356   6.476   7.047   1.00 32.90  ? 141 VAL A CB  1 
ATOM   809  C  CG1 . VAL A 1 102 ? 5.947   6.812   7.501   1.00 33.02  ? 141 VAL A CG1 1 
ATOM   810  C  CG2 . VAL A 1 102 ? 8.262   7.700   7.112   1.00 34.39  ? 141 VAL A CG2 1 
ATOM   811  N  N   . SER A 1 103 ? 6.647   3.377   8.614   1.00 32.66  ? 142 SER A N   1 
ATOM   812  C  CA  . SER A 1 103 ? 6.119   1.992   8.576   1.00 32.76  ? 142 SER A CA  1 
ATOM   813  C  C   . SER A 1 103 ? 4.596   2.018   8.708   1.00 32.87  ? 142 SER A C   1 
ATOM   814  O  O   . SER A 1 103 ? 4.108   2.475   9.743   1.00 34.47  ? 142 SER A O   1 
ATOM   815  C  CB  . SER A 1 103 ? 6.766   1.184   9.651   1.00 33.21  ? 142 SER A CB  1 
ATOM   816  O  OG  . SER A 1 103 ? 6.254   -0.128  9.638   1.00 37.65  ? 142 SER A OG  1 
ATOM   817  N  N   . PHE A 1 104 ? 3.867   1.555   7.688   1.00 31.18  ? 143 PHE A N   1 
ATOM   818  C  CA  . PHE A 1 104 ? 2.380   1.592   7.645   1.00 29.67  ? 143 PHE A CA  1 
ATOM   819  C  C   . PHE A 1 104 ? 1.816   0.273   8.193   1.00 30.29  ? 143 PHE A C   1 
ATOM   820  O  O   . PHE A 1 104 ? 1.001   -0.391  7.517   1.00 31.14  ? 143 PHE A O   1 
ATOM   821  C  CB  . PHE A 1 104 ? 1.930   1.886   6.210   1.00 27.94  ? 143 PHE A CB  1 
ATOM   822  C  CG  . PHE A 1 104 ? 2.226   3.291   5.746   1.00 28.71  ? 143 PHE A CG  1 
ATOM   823  C  CD1 . PHE A 1 104 ? 1.270   4.286   5.858   1.00 29.06  ? 143 PHE A CD1 1 
ATOM   824  C  CD2 . PHE A 1 104 ? 3.459   3.619   5.198   1.00 30.03  ? 143 PHE A CD2 1 
ATOM   825  C  CE1 . PHE A 1 104 ? 1.532   5.575   5.419   1.00 32.02  ? 143 PHE A CE1 1 
ATOM   826  C  CE2 . PHE A 1 104 ? 3.721   4.911   4.774   1.00 31.62  ? 143 PHE A CE2 1 
ATOM   827  C  CZ  . PHE A 1 104 ? 2.754   5.884   4.876   1.00 30.45  ? 143 PHE A CZ  1 
ATOM   828  N  N   . SER A 1 105 ? 2.242   -0.129  9.391   1.00 31.38  ? 144 SER A N   1 
ATOM   829  C  CA  . SER A 1 105 ? 1.940   -1.474  9.950   1.00 31.81  ? 144 SER A CA  1 
ATOM   830  C  C   . SER A 1 105 ? 0.491   -1.547  10.444  1.00 30.59  ? 144 SER A C   1 
ATOM   831  O  O   . SER A 1 105 ? 0.003   -2.673  10.572  1.00 33.06  ? 144 SER A O   1 
ATOM   832  C  CB  . SER A 1 105 ? 2.898   -1.858  11.025  1.00 31.33  ? 144 SER A CB  1 
ATOM   833  O  OG  . SER A 1 105 ? 2.875   -0.898  12.046  1.00 34.01  ? 144 SER A OG  1 
ATOM   834  N  N   . LYS A 1 106 ? -0.185  -0.410  10.636  1.00 31.35  ? 145 LYS A N   1 
ATOM   835  C  CA  . LYS A 1 106 ? -1.529  -0.364  11.285  1.00 32.93  ? 145 LYS A CA  1 
ATOM   836  C  C   . LYS A 1 106 ? -2.654  -0.172  10.259  1.00 34.26  ? 145 LYS A C   1 
ATOM   837  O  O   . LYS A 1 106 ? -3.827  -0.224  10.657  1.00 32.75  ? 145 LYS A O   1 
ATOM   838  C  CB  . LYS A 1 106 ? -1.554  0.758   12.320  1.00 33.90  ? 145 LYS A CB  1 
ATOM   839  C  CG  . LYS A 1 106 ? -0.534  0.609   13.434  1.00 33.96  ? 145 LYS A CG  1 
ATOM   840  C  CD  . LYS A 1 106 ? -0.662  -0.705  14.131  1.00 37.12  ? 145 LYS A CD  1 
ATOM   841  C  CE  . LYS A 1 106 ? 0.105   -0.756  15.428  1.00 35.76  ? 145 LYS A CE  1 
ATOM   842  N  NZ  . LYS A 1 106 ? 0.086   -2.144  15.936  1.00 37.83  ? 145 LYS A NZ  1 
ATOM   843  N  N   . VAL A 1 107 ? -2.344  -0.008  8.970   1.00 32.42  ? 146 VAL A N   1 
ATOM   844  C  CA  . VAL A 1 107 ? -3.418  0.041   7.935   1.00 30.24  ? 146 VAL A CA  1 
ATOM   845  C  C   . VAL A 1 107 ? -4.042  -1.350  7.819   1.00 29.39  ? 146 VAL A C   1 
ATOM   846  O  O   . VAL A 1 107 ? -3.293  -2.343  7.818   1.00 26.78  ? 146 VAL A O   1 
ATOM   847  C  CB  . VAL A 1 107 ? -2.931  0.579   6.575   1.00 29.43  ? 146 VAL A CB  1 
ATOM   848  C  CG1 . VAL A 1 107 ? -1.940  -0.349  5.881   1.00 29.47  ? 146 VAL A CG1 1 
ATOM   849  C  CG2 . VAL A 1 107 ? -4.120  0.887   5.677   1.00 28.71  ? 146 VAL A CG2 1 
ATOM   850  N  N   . LYS A 1 108 ? -5.371  -1.388  7.687   1.00 30.37  ? 147 LYS A N   1 
ATOM   851  C  CA  . LYS A 1 108 ? -6.194  -2.617  7.571   1.00 33.19  ? 147 LYS A CA  1 
ATOM   852  C  C   . LYS A 1 108 ? -6.977  -2.554  6.265   1.00 31.19  ? 147 LYS A C   1 
ATOM   853  O  O   . LYS A 1 108 ? -7.596  -1.516  5.987   1.00 30.67  ? 147 LYS A O   1 
ATOM   854  C  CB  . LYS A 1 108 ? -7.164  -2.721  8.748   1.00 36.32  ? 147 LYS A CB  1 
ATOM   855  C  CG  . LYS A 1 108 ? -6.491  -2.981  10.085  1.00 41.19  ? 147 LYS A CG  1 
ATOM   856  C  CD  . LYS A 1 108 ? -7.377  -2.729  11.286  1.00 46.70  ? 147 LYS A CD  1 
ATOM   857  C  CE  . LYS A 1 108 ? -7.999  -3.986  11.849  1.00 51.43  ? 147 LYS A CE  1 
ATOM   858  N  NZ  . LYS A 1 108 ? -8.347  -3.802  13.278  1.00 53.70  ? 147 LYS A NZ  1 
ATOM   859  N  N   . LEU A 1 109 ? -6.901  -3.620  5.478   1.00 33.86  ? 148 LEU A N   1 
ATOM   860  C  CA  . LEU A 1 109 ? -7.538  -3.711  4.142   1.00 32.38  ? 148 LEU A CA  1 
ATOM   861  C  C   . LEU A 1 109 ? -8.859  -4.458  4.312   1.00 35.35  ? 148 LEU A C   1 
ATOM   862  O  O   . LEU A 1 109 ? -8.838  -5.568  4.892   1.00 32.22  ? 148 LEU A O   1 
ATOM   863  C  CB  . LEU A 1 109 ? -6.592  -4.439  3.192   1.00 29.79  ? 148 LEU A CB  1 
ATOM   864  C  CG  . LEU A 1 109 ? -5.202  -3.809  3.061   1.00 30.10  ? 148 LEU A CG  1 
ATOM   865  C  CD1 . LEU A 1 109 ? -4.412  -4.459  1.937   1.00 26.95  ? 148 LEU A CD1 1 
ATOM   866  C  CD2 . LEU A 1 109 ? -5.319  -2.299  2.865   1.00 30.37  ? 148 LEU A CD2 1 
ATOM   867  N  N   . THR A 1 110 ? -9.960  -3.862  3.856   1.00 33.85  ? 149 THR A N   1 
ATOM   868  C  CA  . THR A 1 110 ? -11.313 -4.462  3.983   1.00 37.78  ? 149 THR A CA  1 
ATOM   869  C  C   . THR A 1 110 ? -11.950 -4.595  2.597   1.00 39.55  ? 149 THR A C   1 
ATOM   870  O  O   . THR A 1 110 ? -11.435 -3.974  1.634   1.00 40.25  ? 149 THR A O   1 
ATOM   871  C  CB  . THR A 1 110 ? -12.184 -3.700  5.000   1.00 36.66  ? 149 THR A CB  1 
ATOM   872  O  OG1 . THR A 1 110 ? -13.457 -4.348  5.067   1.00 40.73  ? 149 THR A OG1 1 
ATOM   873  C  CG2 . THR A 1 110 ? -12.387 -2.235  4.685   1.00 36.32  ? 149 THR A CG2 1 
ATOM   874  N  N   . ASN A 1 111 ? -13.018 -5.393  2.517   1.00 40.67  ? 150 ASN A N   1 
ATOM   875  C  CA  . ASN A 1 111 ? -13.899 -5.505  1.320   1.00 44.77  ? 150 ASN A CA  1 
ATOM   876  C  C   . ASN A 1 111 ? -15.281 -4.913  1.621   1.00 48.07  ? 150 ASN A C   1 
ATOM   877  O  O   . ASN A 1 111 ? -16.139 -5.006  0.738   1.00 52.87  ? 150 ASN A O   1 
ATOM   878  C  CB  . ASN A 1 111 ? -13.978 -6.937  0.774   1.00 45.06  ? 150 ASN A CB  1 
ATOM   879  C  CG  . ASN A 1 111 ? -14.399 -8.011  1.762   1.00 42.15  ? 150 ASN A CG  1 
ATOM   880  O  OD1 . ASN A 1 111 ? -14.572 -9.159  1.364   1.00 51.09  ? 150 ASN A OD1 1 
ATOM   881  N  ND2 . ASN A 1 111 ? -14.521 -7.693  3.034   1.00 38.04  ? 150 ASN A ND2 1 
ATOM   882  N  N   . LYS A 1 112 ? -15.487 -4.278  2.781   1.00 54.20  ? 151 LYS A N   1 
ATOM   883  C  CA  . LYS A 1 112 ? -16.822 -3.753  3.198   1.00 60.29  ? 151 LYS A CA  1 
ATOM   884  C  C   . LYS A 1 112 ? -16.669 -2.328  3.743   1.00 64.68  ? 151 LYS A C   1 
ATOM   885  O  O   . LYS A 1 112 ? -15.846 -2.141  4.656   1.00 68.78  ? 151 LYS A O   1 
ATOM   886  C  CB  . LYS A 1 112 ? -17.456 -4.657  4.267   1.00 62.82  ? 151 LYS A CB  1 
ATOM   887  C  CG  . LYS A 1 112 ? -17.411 -6.161  3.997   1.00 62.86  ? 151 LYS A CG  1 
ATOM   888  C  CD  . LYS A 1 112 ? -18.516 -6.675  3.096   1.00 63.77  ? 151 LYS A CD  1 
ATOM   889  C  CE  . LYS A 1 112 ? -18.512 -8.183  2.952   1.00 63.96  ? 151 LYS A CE  1 
ATOM   890  N  NZ  . LYS A 1 112 ? -19.637 -8.649  2.103   1.00 61.80  ? 151 LYS A NZ  1 
ATOM   891  N  N   . LEU A 1 113 ? -17.424 -1.366  3.195   1.00 73.73  ? 152 LEU A N   1 
ATOM   892  C  CA  . LEU A 1 113 ? -17.528 0.024   3.724   1.00 75.19  ? 152 LEU A CA  1 
ATOM   893  C  C   . LEU A 1 113 ? -17.745 -0.049  5.242   1.00 81.18  ? 152 LEU A C   1 
ATOM   894  O  O   . LEU A 1 113 ? -18.700 -0.721  5.682   1.00 80.85  ? 152 LEU A O   1 
ATOM   895  C  CB  . LEU A 1 113 ? -18.628 0.832   3.014   1.00 74.99  ? 152 LEU A CB  1 
ATOM   896  C  CG  . LEU A 1 113 ? -19.886 0.115   2.503   1.00 78.37  ? 152 LEU A CG  1 
ATOM   897  C  CD1 . LEU A 1 113 ? -19.678 -0.488  1.118   1.00 78.81  ? 152 LEU A CD1 1 
ATOM   898  C  CD2 . LEU A 1 113 ? -20.425 -0.930  3.474   1.00 80.52  ? 152 LEU A CD2 1 
ATOM   899  N  N   . ASN A 1 114 ? -16.843 0.568   6.012   1.00 84.53  ? 153 ASN A N   1 
ATOM   900  C  CA  . ASN A 1 114 ? -16.740 0.397   7.486   1.00 90.53  ? 153 ASN A CA  1 
ATOM   901  C  C   . ASN A 1 114 ? -16.574 1.776   8.137   1.00 90.94  ? 153 ASN A C   1 
ATOM   902  O  O   . ASN A 1 114 ? -16.390 2.758   7.388   1.00 92.12  ? 153 ASN A O   1 
ATOM   903  C  CB  . ASN A 1 114 ? -15.607 -0.570  7.853   1.00 92.00  ? 153 ASN A CB  1 
ATOM   904  C  CG  . ASN A 1 114 ? -15.912 -2.021  7.528   1.00 91.79  ? 153 ASN A CG  1 
ATOM   905  O  OD1 . ASN A 1 114 ? -17.024 -2.505  7.751   1.00 89.95  ? 153 ASN A OD1 1 
ATOM   906  N  ND2 . ASN A 1 114 ? -14.924 -2.733  7.008   1.00 82.47  ? 153 ASN A ND2 1 
ATOM   907  N  N   . GLY A 1 115 ? -16.648 1.829   9.475   1.00 93.64  ? 154 GLY A N   1 
ATOM   908  C  CA  . GLY A 1 115 ? -16.611 3.059   10.298  1.00 92.75  ? 154 GLY A CA  1 
ATOM   909  C  C   . GLY A 1 115 ? -15.594 4.069   9.792   1.00 88.27  ? 154 GLY A C   1 
ATOM   910  O  O   . GLY A 1 115 ? -16.006 5.067   9.172   1.00 85.47  ? 154 GLY A O   1 
ATOM   911  N  N   . GLY A 1 116 ? -14.310 3.823   10.050  1.00 84.51  ? 155 GLY A N   1 
ATOM   912  C  CA  . GLY A 1 116 ? -13.198 4.637   9.525   1.00 81.11  ? 155 GLY A CA  1 
ATOM   913  C  C   . GLY A 1 116 ? -11.977 3.779   9.279   1.00 78.23  ? 155 GLY A C   1 
ATOM   914  O  O   . GLY A 1 116 ? -12.128 2.735   8.617   1.00 84.92  ? 155 GLY A O   1 
ATOM   915  N  N   . GLY A 1 117 ? -10.825 4.203   9.809   1.00 72.59  ? 156 GLY A N   1 
ATOM   916  C  CA  . GLY A 1 117 ? -9.527  3.504   9.722   1.00 72.21  ? 156 GLY A CA  1 
ATOM   917  C  C   . GLY A 1 117 ? -9.389  2.701   8.443   1.00 65.10  ? 156 GLY A C   1 
ATOM   918  O  O   . GLY A 1 117 ? -8.766  3.210   7.493   1.00 67.68  ? 156 GLY A O   1 
ATOM   919  N  N   . GLN A 1 118 ? -9.970  1.498   8.426   1.00 60.47  ? 157 GLN A N   1 
ATOM   920  C  CA  . GLN A 1 118 ? -9.849  0.499   7.328   1.00 58.16  ? 157 GLN A CA  1 
ATOM   921  C  C   . GLN A 1 118 ? -10.016 1.177   5.967   1.00 50.60  ? 157 GLN A C   1 
ATOM   922  O  O   . GLN A 1 118 ? -10.861 2.069   5.850   1.00 46.04  ? 157 GLN A O   1 
ATOM   923  C  CB  . GLN A 1 118 ? -10.913 -0.596  7.390   1.00 58.94  ? 157 GLN A CB  1 
ATOM   924  C  CG  . GLN A 1 118 ? -10.945 -1.374  8.689   1.00 60.95  ? 157 GLN A CG  1 
ATOM   925  C  CD  . GLN A 1 118 ? -12.240 -1.137  9.422   1.00 64.19  ? 157 GLN A CD  1 
ATOM   926  O  OE1 . GLN A 1 118 ? -12.966 -2.074  9.736   1.00 69.16  ? 157 GLN A OE1 1 
ATOM   927  N  NE2 . GLN A 1 118 ? -12.548 0.124   9.682   1.00 61.49  ? 157 GLN A NE2 1 
ATOM   928  N  N   . ILE A 1 119 ? -9.228  0.728   4.992   1.00 45.33  ? 158 ILE A N   1 
ATOM   929  C  CA  . ILE A 1 119 ? -9.346  1.104   3.559   1.00 40.04  ? 158 ILE A CA  1 
ATOM   930  C  C   . ILE A 1 119 ? -10.077 -0.031  2.838   1.00 39.30  ? 158 ILE A C   1 
ATOM   931  O  O   . ILE A 1 119 ? -9.564  -1.167  2.854   1.00 32.97  ? 158 ILE A O   1 
ATOM   932  C  CB  . ILE A 1 119 ? -7.949  1.344   2.961   1.00 38.90  ? 158 ILE A CB  1 
ATOM   933  C  CG1 . ILE A 1 119 ? -7.212  2.483   3.670   1.00 37.99  ? 158 ILE A CG1 1 
ATOM   934  C  CG2 . ILE A 1 119 ? -8.034  1.528   1.457   1.00 40.36  ? 158 ILE A CG2 1 
ATOM   935  C  CD1 . ILE A 1 119 ? -8.039  3.742   3.888   1.00 37.32  ? 158 ILE A CD1 1 
ATOM   936  N  N   . MET A 1 120 ? -11.199 0.290   2.191   1.00 40.66  ? 159 MET A N   1 
ATOM   937  C  CA  . MET A 1 120 ? -11.976 -0.670  1.369   1.00 41.36  ? 159 MET A CA  1 
ATOM   938  C  C   . MET A 1 120 ? -11.313 -0.829  0.004   1.00 36.95  ? 159 MET A C   1 
ATOM   939  O  O   . MET A 1 120 ? -11.085 0.170   -0.683  1.00 38.12  ? 159 MET A O   1 
ATOM   940  C  CB  . MET A 1 120 ? -13.425 -0.218  1.163   1.00 48.74  ? 159 MET A CB  1 
ATOM   941  C  CG  . MET A 1 120 ? -14.312 -1.318  0.583   1.00 52.41  ? 159 MET A CG  1 
ATOM   942  S  SD  . MET A 1 120 ? -15.996 -0.739  0.318   1.00 67.42  ? 159 MET A SD  1 
ATOM   943  C  CE  . MET A 1 120 ? -15.752 0.311   -1.117  1.00 67.08  ? 159 MET A CE  1 
ATOM   944  N  N   . LEU A 1 121 ? -10.999 -2.065  -0.354  1.00 35.57  ? 160 LEU A N   1 
ATOM   945  C  CA  . LEU A 1 121 ? -10.546 -2.438  -1.705  1.00 33.56  ? 160 LEU A CA  1 
ATOM   946  C  C   . LEU A 1 121 ? -11.588 -3.386  -2.292  1.00 37.23  ? 160 LEU A C   1 
ATOM   947  O  O   . LEU A 1 121 ? -12.291 -4.027  -1.495  1.00 39.80  ? 160 LEU A O   1 
ATOM   948  C  CB  . LEU A 1 121 ? -9.174  -3.102  -1.588  1.00 33.26  ? 160 LEU A CB  1 
ATOM   949  C  CG  . LEU A 1 121 ? -8.079  -2.265  -0.932  1.00 31.63  ? 160 LEU A CG  1 
ATOM   950  C  CD1 . LEU A 1 121 ? -6.792  -3.059  -0.838  1.00 29.78  ? 160 LEU A CD1 1 
ATOM   951  C  CD2 . LEU A 1 121 ? -7.842  -0.961  -1.689  1.00 33.12  ? 160 LEU A CD2 1 
ATOM   952  N  N   . ASN A 1 122 ? -11.661 -3.470  -3.624  1.00 39.07  ? 161 ASN A N   1 
ATOM   953  C  CA  . ASN A 1 122 ? -12.440 -4.498  -4.361  1.00 39.87  ? 161 ASN A CA  1 
ATOM   954  C  C   . ASN A 1 122 ? -11.627 -5.791  -4.420  1.00 42.84  ? 161 ASN A C   1 
ATOM   955  O  O   . ASN A 1 122 ? -10.501 -5.792  -4.998  1.00 34.94  ? 161 ASN A O   1 
ATOM   956  C  CB  . ASN A 1 122 ? -12.796 -4.068  -5.784  1.00 44.17  ? 161 ASN A CB  1 
ATOM   957  C  CG  . ASN A 1 122 ? -13.718 -2.874  -5.822  1.00 46.06  ? 161 ASN A CG  1 
ATOM   958  O  OD1 . ASN A 1 122 ? -14.665 -2.807  -5.044  1.00 44.98  ? 161 ASN A OD1 1 
ATOM   959  N  ND2 . ASN A 1 122 ? -13.434 -1.924  -6.705  1.00 50.38  ? 161 ASN A ND2 1 
ATOM   960  N  N   . SER A 1 123 ? -12.192 -6.863  -3.873  1.00 39.97  ? 162 SER A N   1 
ATOM   961  C  CA  . SER A 1 123 ? -11.619 -8.223  -3.965  1.00 43.05  ? 162 SER A CA  1 
ATOM   962  C  C   . SER A 1 123 ? -11.335 -8.563  -5.434  1.00 38.17  ? 162 SER A C   1 
ATOM   963  O  O   . SER A 1 123 ? -12.131 -8.158  -6.308  1.00 37.53  ? 162 SER A O   1 
ATOM   964  C  CB  . SER A 1 123 ? -12.538 -9.225  -3.326  1.00 47.01  ? 162 SER A CB  1 
ATOM   965  O  OG  . SER A 1 123 ? -11.822 -10.418 -3.070  1.00 56.25  ? 162 SER A OG  1 
ATOM   966  N  N   . LEU A 1 124 ? -10.234 -9.272  -5.676  1.00 35.78  ? 163 LEU A N   1 
ATOM   967  C  CA  . LEU A 1 124 ? -9.767  -9.774  -6.999  1.00 37.36  ? 163 LEU A CA  1 
ATOM   968  C  C   . LEU A 1 124 ? -9.452  -8.622  -7.975  1.00 37.32  ? 163 LEU A C   1 
ATOM   969  O  O   . LEU A 1 124 ? -9.430  -8.881  -9.197  1.00 37.54  ? 163 LEU A O   1 
ATOM   970  C  CB  . LEU A 1 124 ? -10.818 -10.739 -7.558  1.00 42.85  ? 163 LEU A CB  1 
ATOM   971  C  CG  . LEU A 1 124 ? -11.090 -11.982 -6.697  1.00 44.91  ? 163 LEU A CG  1 
ATOM   972  C  CD1 . LEU A 1 124 ? -12.068 -12.918 -7.383  1.00 48.00  ? 163 LEU A CD1 1 
ATOM   973  C  CD2 . LEU A 1 124 ? -9.802  -12.732 -6.368  1.00 43.89  ? 163 LEU A CD2 1 
ATOM   974  N  N   . HIS A 1 125 ? -9.172  -7.417  -7.467  1.00 35.51  ? 164 HIS A N   1 
ATOM   975  C  CA  . HIS A 1 125 ? -8.560  -6.296  -8.232  1.00 34.37  ? 164 HIS A CA  1 
ATOM   976  C  C   . HIS A 1 125 ? -7.099  -6.138  -7.809  1.00 34.41  ? 164 HIS A C   1 
ATOM   977  O  O   . HIS A 1 125 ? -6.746  -6.436  -6.633  1.00 30.05  ? 164 HIS A O   1 
ATOM   978  C  CB  . HIS A 1 125 ? -9.389  -5.017  -8.101  1.00 37.64  ? 164 HIS A CB  1 
ATOM   979  C  CG  . HIS A 1 125 ? -10.688 -5.148  -8.822  1.00 41.59  ? 164 HIS A CG  1 
ATOM   980  N  ND1 . HIS A 1 125 ? -11.650 -6.066  -8.426  1.00 46.51  ? 164 HIS A ND1 1 
ATOM   981  C  CD2 . HIS A 1 125 ? -11.156 -4.570  -9.950  1.00 42.40  ? 164 HIS A CD2 1 
ATOM   982  C  CE1 . HIS A 1 125 ? -12.672 -6.022  -9.265  1.00 44.98  ? 164 HIS A CE1 1 
ATOM   983  N  NE2 . HIS A 1 125 ? -12.397 -5.110  -10.208 1.00 42.08  ? 164 HIS A NE2 1 
ATOM   984  N  N   . LYS A 1 126 ? -6.289  -5.693  -8.761  1.00 30.50  ? 165 LYS A N   1 
ATOM   985  C  CA  . LYS A 1 126 ? -4.835  -5.499  -8.616  1.00 31.25  ? 165 LYS A CA  1 
ATOM   986  C  C   . LYS A 1 126 ? -4.590  -4.040  -8.198  1.00 29.22  ? 165 LYS A C   1 
ATOM   987  O  O   . LYS A 1 126 ? -5.185  -3.119  -8.806  1.00 25.98  ? 165 LYS A O   1 
ATOM   988  C  CB  . LYS A 1 126 ? -4.191  -5.940  -9.926  1.00 31.61  ? 165 LYS A CB  1 
ATOM   989  C  CG  . LYS A 1 126 ? -2.679  -5.878  -9.972  1.00 36.40  ? 165 LYS A CG  1 
ATOM   990  C  CD  . LYS A 1 126 ? -2.121  -6.518  -11.209 1.00 37.85  ? 165 LYS A CD  1 
ATOM   991  C  CE  . LYS A 1 126 ? -1.861  -7.999  -11.039 1.00 39.54  ? 165 LYS A CE  1 
ATOM   992  N  NZ  . LYS A 1 126 ? -0.995  -8.527  -12.122 1.00 39.23  ? 165 LYS A NZ  1 
ATOM   993  N  N   . TYR A 1 127 ? -3.750  -3.839  -7.183  1.00 25.15  ? 166 TYR A N   1 
ATOM   994  C  CA  . TYR A 1 127 ? -3.547  -2.531  -6.512  1.00 25.52  ? 166 TYR A CA  1 
ATOM   995  C  C   . TYR A 1 127 ? -2.061  -2.227  -6.479  1.00 25.37  ? 166 TYR A C   1 
ATOM   996  O  O   . TYR A 1 127 ? -1.253  -3.179  -6.405  1.00 23.45  ? 166 TYR A O   1 
ATOM   997  C  CB  . TYR A 1 127 ? -4.186  -2.494  -5.122  1.00 25.20  ? 166 TYR A CB  1 
ATOM   998  C  CG  . TYR A 1 127 ? -5.687  -2.431  -5.192  1.00 27.52  ? 166 TYR A CG  1 
ATOM   999  C  CD1 . TYR A 1 127 ? -6.342  -1.258  -5.530  1.00 27.49  ? 166 TYR A CD1 1 
ATOM   1000 C  CD2 . TYR A 1 127 ? -6.449  -3.560  -4.973  1.00 29.45  ? 166 TYR A CD2 1 
ATOM   1001 C  CE1 . TYR A 1 127 ? -7.722  -1.208  -5.620  1.00 28.96  ? 166 TYR A CE1 1 
ATOM   1002 C  CE2 . TYR A 1 127 ? -7.826  -3.530  -5.067  1.00 29.49  ? 166 TYR A CE2 1 
ATOM   1003 C  CZ  . TYR A 1 127 ? -8.463  -2.355  -5.401  1.00 31.29  ? 166 TYR A CZ  1 
ATOM   1004 O  OH  . TYR A 1 127 ? -9.825  -2.348  -5.465  1.00 36.87  ? 166 TYR A OH  1 
ATOM   1005 N  N   . GLU A 1 128 ? -1.747  -0.940  -6.642  1.00 25.49  ? 167 GLU A N   1 
ATOM   1006 C  CA  . GLU A 1 128 ? -0.380  -0.390  -6.481  1.00 27.07  ? 167 GLU A CA  1 
ATOM   1007 C  C   . GLU A 1 128 ? -0.372  0.630   -5.351  1.00 25.80  ? 167 GLU A C   1 
ATOM   1008 O  O   . GLU A 1 128 ? -0.896  1.731   -5.496  1.00 26.55  ? 167 GLU A O   1 
ATOM   1009 C  CB  . GLU A 1 128 ? 0.090   0.291   -7.760  1.00 27.13  ? 167 GLU A CB  1 
ATOM   1010 C  CG  . GLU A 1 128 ? 1.521   0.712   -7.671  1.00 27.39  ? 167 GLU A CG  1 
ATOM   1011 C  CD  . GLU A 1 128 ? 2.064   1.034   -9.040  1.00 27.57  ? 167 GLU A CD  1 
ATOM   1012 O  OE1 . GLU A 1 128 ? 1.802   2.146   -9.499  1.00 24.72  ? 167 GLU A OE1 1 
ATOM   1013 O  OE2 . GLU A 1 128 ? 2.693   0.150   -9.625  1.00 24.59  ? 167 GLU A OE2 1 
ATOM   1014 N  N   . PRO A 1 129 ? 0.215   0.283   -4.188  1.00 24.64  ? 168 PRO A N   1 
ATOM   1015 C  CA  . PRO A 1 129 ? 0.360   1.250   -3.107  1.00 24.72  ? 168 PRO A CA  1 
ATOM   1016 C  C   . PRO A 1 129 ? 1.060   2.549   -3.549  1.00 24.09  ? 168 PRO A C   1 
ATOM   1017 O  O   . PRO A 1 129 ? 1.955   2.525   -4.384  1.00 23.78  ? 168 PRO A O   1 
ATOM   1018 C  CB  . PRO A 1 129 ? 1.182   0.504   -2.054  1.00 24.29  ? 168 PRO A CB  1 
ATOM   1019 C  CG  . PRO A 1 129 ? 0.859   -0.964  -2.321  1.00 25.82  ? 168 PRO A CG  1 
ATOM   1020 C  CD  . PRO A 1 129 ? 0.660   -1.072  -3.819  1.00 24.69  ? 168 PRO A CD  1 
ATOM   1021 N  N   . ARG A 1 130 ? 0.598   3.650   -2.973  1.00 22.78  ? 169 ARG A N   1 
ATOM   1022 C  CA  . ARG A 1 130 ? 1.045   5.020   -3.302  1.00 25.51  ? 169 ARG A CA  1 
ATOM   1023 C  C   . ARG A 1 130 ? 0.979   5.879   -2.039  1.00 24.52  ? 169 ARG A C   1 
ATOM   1024 O  O   . ARG A 1 130 ? 0.002   5.764   -1.285  1.00 27.42  ? 169 ARG A O   1 
ATOM   1025 C  CB  . ARG A 1 130 ? 0.158   5.579   -4.412  1.00 25.89  ? 169 ARG A CB  1 
ATOM   1026 C  CG  . ARG A 1 130 ? 0.574   6.960   -4.895  1.00 25.43  ? 169 ARG A CG  1 
ATOM   1027 C  CD  . ARG A 1 130 ? -0.334  7.345   -6.028  1.00 24.81  ? 169 ARG A CD  1 
ATOM   1028 N  NE  . ARG A 1 130 ? -1.673  7.619   -5.535  1.00 24.55  ? 169 ARG A NE  1 
ATOM   1029 C  CZ  . ARG A 1 130 ? -2.667  8.062   -6.284  1.00 24.86  ? 169 ARG A CZ  1 
ATOM   1030 N  NH1 . ARG A 1 130 ? -2.496  8.234   -7.587  1.00 26.29  ? 169 ARG A NH1 1 
ATOM   1031 N  NH2 . ARG A 1 130 ? -3.836  8.319   -5.737  1.00 23.52  ? 169 ARG A NH2 1 
ATOM   1032 N  N   . ILE A 1 131 ? 2.000   6.692   -1.794  1.00 24.37  ? 170 ILE A N   1 
ATOM   1033 C  CA  . ILE A 1 131 ? 1.966   7.655   -0.664  1.00 26.40  ? 170 ILE A CA  1 
ATOM   1034 C  C   . ILE A 1 131 ? 1.934   9.072   -1.227  1.00 28.23  ? 170 ILE A C   1 
ATOM   1035 O  O   . ILE A 1 131 ? 2.320   9.274   -2.418  1.00 26.04  ? 170 ILE A O   1 
ATOM   1036 C  CB  . ILE A 1 131 ? 3.146   7.447   0.302   1.00 27.22  ? 170 ILE A CB  1 
ATOM   1037 C  CG1 . ILE A 1 131 ? 4.477   7.738   -0.389  1.00 28.06  ? 170 ILE A CG1 1 
ATOM   1038 C  CG2 . ILE A 1 131 ? 3.119   6.057   0.926   1.00 26.47  ? 170 ILE A CG2 1 
ATOM   1039 C  CD1 . ILE A 1 131 ? 5.647   7.790   0.550   1.00 31.65  ? 170 ILE A CD1 1 
ATOM   1040 N  N   . HIS A 1 132 ? 1.444   9.977   -0.385  1.00 29.16  ? 171 HIS A N   1 
ATOM   1041 C  CA  . HIS A 1 132 ? 1.526   11.444  -0.521  1.00 31.88  ? 171 HIS A CA  1 
ATOM   1042 C  C   . HIS A 1 132 ? 2.141   11.998  0.762   1.00 32.50  ? 171 HIS A C   1 
ATOM   1043 O  O   . HIS A 1 132 ? 1.608   11.694  1.867   1.00 29.14  ? 171 HIS A O   1 
ATOM   1044 C  CB  . HIS A 1 132 ? 0.150   12.031  -0.778  1.00 29.93  ? 171 HIS A CB  1 
ATOM   1045 C  CG  . HIS A 1 132 ? -0.668  11.217  -1.711  1.00 33.84  ? 171 HIS A CG  1 
ATOM   1046 N  ND1 . HIS A 1 132 ? -0.490  11.266  -3.081  1.00 30.68  ? 171 HIS A ND1 1 
ATOM   1047 C  CD2 . HIS A 1 132 ? -1.696  10.373  -1.481  1.00 31.89  ? 171 HIS A CD2 1 
ATOM   1048 C  CE1 . HIS A 1 132 ? -1.369  10.477  -3.651  1.00 31.02  ? 171 HIS A CE1 1 
ATOM   1049 N  NE2 . HIS A 1 132 ? -2.116  9.911   -2.694  1.00 31.24  ? 171 HIS A NE2 1 
ATOM   1050 N  N   . ILE A 1 133 ? 3.231   12.747  0.606   1.00 32.87  ? 172 ILE A N   1 
ATOM   1051 C  CA  . ILE A 1 133 ? 3.875   13.531  1.699   1.00 33.86  ? 172 ILE A CA  1 
ATOM   1052 C  C   . ILE A 1 133 ? 3.365   14.956  1.548   1.00 35.94  ? 172 ILE A C   1 
ATOM   1053 O  O   . ILE A 1 133 ? 3.720   15.613  0.521   1.00 33.29  ? 172 ILE A O   1 
ATOM   1054 C  CB  . ILE A 1 133 ? 5.407   13.423  1.619   1.00 34.06  ? 172 ILE A CB  1 
ATOM   1055 C  CG1 . ILE A 1 133 ? 5.832   11.960  1.564   1.00 33.54  ? 172 ILE A CG1 1 
ATOM   1056 C  CG2 . ILE A 1 133 ? 6.083   14.171  2.765   1.00 33.51  ? 172 ILE A CG2 1 
ATOM   1057 C  CD1 . ILE A 1 133 ? 7.291   11.765  1.242   1.00 34.87  ? 172 ILE A CD1 1 
ATOM   1058 N  N   . VAL A 1 134 ? 2.453   15.347  2.452   1.00 37.45  ? 173 VAL A N   1 
ATOM   1059 C  CA  . VAL A 1 134 ? 1.754   16.661  2.425   1.00 34.39  ? 173 VAL A CA  1 
ATOM   1060 C  C   . VAL A 1 134 ? 2.453   17.592  3.424   1.00 37.34  ? 173 VAL A C   1 
ATOM   1061 O  O   . VAL A 1 134 ? 2.400   17.327  4.649   1.00 39.64  ? 173 VAL A O   1 
ATOM   1062 C  CB  . VAL A 1 134 ? 0.244   16.532  2.698   1.00 34.09  ? 173 VAL A CB  1 
ATOM   1063 C  CG1 . VAL A 1 134 ? -0.471  17.861  2.487   1.00 34.05  ? 173 VAL A CG1 1 
ATOM   1064 C  CG2 . VAL A 1 134 ? -0.399  15.451  1.829   1.00 34.34  ? 173 VAL A CG2 1 
ATOM   1065 N  N   . ARG A 1 135 ? 3.085   18.646  2.914   1.00 39.33  ? 174 ARG A N   1 
ATOM   1066 C  CA  . ARG A 1 135 ? 3.615   19.748  3.758   1.00 45.80  ? 174 ARG A CA  1 
ATOM   1067 C  C   . ARG A 1 135 ? 2.421   20.557  4.265   1.00 44.33  ? 174 ARG A C   1 
ATOM   1068 O  O   . ARG A 1 135 ? 1.715   21.165  3.436   1.00 45.17  ? 174 ARG A O   1 
ATOM   1069 C  CB  . ARG A 1 135 ? 4.622   20.615  3.000   1.00 50.40  ? 174 ARG A CB  1 
ATOM   1070 C  CG  . ARG A 1 135 ? 5.435   21.516  3.915   1.00 54.67  ? 174 ARG A CG  1 
ATOM   1071 C  CD  . ARG A 1 135 ? 6.468   22.333  3.174   1.00 61.05  ? 174 ARG A CD  1 
ATOM   1072 N  NE  . ARG A 1 135 ? 7.240   23.114  4.132   1.00 67.28  ? 174 ARG A NE  1 
ATOM   1073 C  CZ  . ARG A 1 135 ? 8.373   23.757  3.861   1.00 66.36  ? 174 ARG A CZ  1 
ATOM   1074 N  NH1 . ARG A 1 135 ? 8.887   23.728  2.642   1.00 66.51  ? 174 ARG A NH1 1 
ATOM   1075 N  NH2 . ARG A 1 135 ? 8.995   24.422  4.818   1.00 65.08  ? 174 ARG A NH2 1 
ATOM   1076 N  N   . VAL A 1 136 ? 2.213   20.519  5.581   1.00 46.09  ? 175 VAL A N   1 
ATOM   1077 C  CA  . VAL A 1 136 ? 1.059   21.126  6.302   1.00 49.54  ? 175 VAL A CA  1 
ATOM   1078 C  C   . VAL A 1 136 ? 1.574   22.308  7.134   1.00 59.58  ? 175 VAL A C   1 
ATOM   1079 O  O   . VAL A 1 136 ? 2.811   22.445  7.289   1.00 59.89  ? 175 VAL A O   1 
ATOM   1080 C  CB  . VAL A 1 136 ? 0.372   20.080  7.203   1.00 51.22  ? 175 VAL A CB  1 
ATOM   1081 C  CG1 . VAL A 1 136 ? -0.225  18.929  6.411   1.00 51.76  ? 175 VAL A CG1 1 
ATOM   1082 C  CG2 . VAL A 1 136 ? 1.308   19.531  8.270   1.00 51.14  ? 175 VAL A CG2 1 
ATOM   1083 N  N   . GLY A 1 137 ? 0.658   23.110  7.679   1.00 69.67  ? 176 GLY A N   1 
ATOM   1084 C  CA  . GLY A 1 137 ? 0.963   24.188  8.640   1.00 76.98  ? 176 GLY A CA  1 
ATOM   1085 C  C   . GLY A 1 137 ? 1.643   25.369  7.973   1.00 82.52  ? 176 GLY A C   1 
ATOM   1086 O  O   . GLY A 1 137 ? 1.186   26.513  8.190   1.00 87.66  ? 176 GLY A O   1 
ATOM   1087 N  N   . GLY A 1 138 ? 2.697   25.094  7.195   1.00 84.86  ? 177 GLY A N   1 
ATOM   1088 C  CA  . GLY A 1 138 ? 3.529   26.089  6.496   1.00 85.37  ? 177 GLY A CA  1 
ATOM   1089 C  C   . GLY A 1 138 ? 2.698   27.074  5.679   1.00 86.34  ? 177 GLY A C   1 
ATOM   1090 O  O   . GLY A 1 138 ? 1.481   26.930  5.547   1.00 79.48  ? 177 GLY A O   1 
ATOM   1091 N  N   . PRO A 1 139 ? 3.346   28.111  5.106   1.00 90.30  ? 178 PRO A N   1 
ATOM   1092 C  CA  . PRO A 1 139 ? 2.645   29.059  4.244   1.00 88.67  ? 178 PRO A CA  1 
ATOM   1093 C  C   . PRO A 1 139 ? 2.173   28.318  2.986   1.00 88.08  ? 178 PRO A C   1 
ATOM   1094 O  O   . PRO A 1 139 ? 0.975   28.260  2.760   1.00 79.67  ? 178 PRO A O   1 
ATOM   1095 C  CB  . PRO A 1 139 ? 3.689   30.148  3.937   1.00 91.29  ? 178 PRO A CB  1 
ATOM   1096 C  CG  . PRO A 1 139 ? 5.043   29.508  4.234   1.00 89.05  ? 178 PRO A CG  1 
ATOM   1097 C  CD  . PRO A 1 139 ? 4.784   28.398  5.232   1.00 88.95  ? 178 PRO A CD  1 
ATOM   1098 N  N   . GLN A 1 140 ? 3.132   27.733  2.256   1.00 90.10  ? 179 GLN A N   1 
ATOM   1099 C  CA  . GLN A 1 140 ? 2.925   26.976  0.994   1.00 88.44  ? 179 GLN A CA  1 
ATOM   1100 C  C   . GLN A 1 140 ? 2.641   25.509  1.334   1.00 77.27  ? 179 GLN A C   1 
ATOM   1101 O  O   . GLN A 1 140 ? 3.571   24.792  1.748   1.00 77.84  ? 179 GLN A O   1 
ATOM   1102 C  CB  . GLN A 1 140 ? 4.133   27.125  0.060   1.00 92.85  ? 179 GLN A CB  1 
ATOM   1103 C  CG  . GLN A 1 140 ? 5.396   26.419  0.545   1.00 101.43 ? 179 GLN A CG  1 
ATOM   1104 C  CD  . GLN A 1 140 ? 6.660   27.013  -0.029  1.00 107.72 ? 179 GLN A CD  1 
ATOM   1105 O  OE1 . GLN A 1 140 ? 6.731   27.345  -1.210  1.00 108.94 ? 179 GLN A OE1 1 
ATOM   1106 N  NE2 . GLN A 1 140 ? 7.681   27.138  0.806   1.00 106.26 ? 179 GLN A NE2 1 
ATOM   1107 N  N   . ARG A 1 141 ? 1.384   25.089  1.186   1.00 68.31  ? 180 ARG A N   1 
ATOM   1108 C  CA  . ARG A 1 141 ? 1.012   23.656  1.087   1.00 62.57  ? 180 ARG A CA  1 
ATOM   1109 C  C   . ARG A 1 141 ? 1.736   23.075  -0.140  1.00 53.99  ? 180 ARG A C   1 
ATOM   1110 O  O   . ARG A 1 141 ? 1.796   23.775  -1.179  1.00 46.70  ? 180 ARG A O   1 
ATOM   1111 C  CB  . ARG A 1 141 ? -0.513  23.508  1.033   1.00 67.10  ? 180 ARG A CB  1 
ATOM   1112 C  CG  . ARG A 1 141 ? -0.994  22.297  0.243   1.00 76.67  ? 180 ARG A CG  1 
ATOM   1113 C  CD  . ARG A 1 141 ? -2.306  21.692  0.702   1.00 77.85  ? 180 ARG A CD  1 
ATOM   1114 N  NE  . ARG A 1 141 ? -2.129  21.031  1.982   1.00 81.69  ? 180 ARG A NE  1 
ATOM   1115 C  CZ  . ARG A 1 141 ? -2.441  21.552  3.163   1.00 83.35  ? 180 ARG A CZ  1 
ATOM   1116 N  NH1 . ARG A 1 141 ? -2.218  20.855  4.264   1.00 84.08  ? 180 ARG A NH1 1 
ATOM   1117 N  NH2 . ARG A 1 141 ? -2.982  22.755  3.247   1.00 86.82  ? 180 ARG A NH2 1 
ATOM   1118 N  N   . MET A 1 142 ? 2.305   21.870  0.002   1.00 45.44  ? 181 MET A N   1 
ATOM   1119 C  CA  . MET A 1 142 ? 2.956   21.086  -1.086  1.00 42.74  ? 181 MET A CA  1 
ATOM   1120 C  C   . MET A 1 142 ? 2.618   19.595  -0.919  1.00 38.45  ? 181 MET A C   1 
ATOM   1121 O  O   . MET A 1 142 ? 2.485   19.126  0.243   1.00 33.43  ? 181 MET A O   1 
ATOM   1122 C  CB  . MET A 1 142 ? 4.477   21.274  -1.084  1.00 40.07  ? 181 MET A CB  1 
ATOM   1123 C  CG  . MET A 1 142 ? 5.193   20.608  -2.267  1.00 43.19  ? 181 MET A CG  1 
ATOM   1124 S  SD  . MET A 1 142 ? 4.514   20.979  -3.920  1.00 42.21  ? 181 MET A SD  1 
ATOM   1125 C  CE  . MET A 1 142 ? 5.422   19.802  -4.917  1.00 46.34  ? 181 MET A CE  1 
ATOM   1126 N  N   . ILE A 1 143 ? 2.479   18.881  -2.038  1.00 34.40  ? 182 ILE A N   1 
ATOM   1127 C  CA  . ILE A 1 143 ? 2.292   17.398  -2.065  1.00 33.36  ? 182 ILE A CA  1 
ATOM   1128 C  C   . ILE A 1 143 ? 3.367   16.777  -2.959  1.00 33.47  ? 182 ILE A C   1 
ATOM   1129 O  O   . ILE A 1 143 ? 3.592   17.271  -4.090  1.00 33.79  ? 182 ILE A O   1 
ATOM   1130 C  CB  . ILE A 1 143 ? 0.868   17.019  -2.507  1.00 31.22  ? 182 ILE A CB  1 
ATOM   1131 C  CG1 . ILE A 1 143 ? -0.173  17.563  -1.532  1.00 32.64  ? 182 ILE A CG1 1 
ATOM   1132 C  CG2 . ILE A 1 143 ? 0.728   15.508  -2.717  1.00 31.65  ? 182 ILE A CG2 1 
ATOM   1133 C  CD1 . ILE A 1 143 ? -1.550  17.620  -2.118  1.00 37.01  ? 182 ILE A CD1 1 
ATOM   1134 N  N   . THR A 1 144 ? 4.004   15.719  -2.470  1.00 33.99  ? 183 THR A N   1 
ATOM   1135 C  CA  . THR A 1 144 ? 4.877   14.838  -3.287  1.00 37.35  ? 183 THR A CA  1 
ATOM   1136 C  C   . THR A 1 144 ? 4.294   13.432  -3.167  1.00 33.41  ? 183 THR A C   1 
ATOM   1137 O  O   . THR A 1 144 ? 4.055   12.988  -2.024  1.00 29.71  ? 183 THR A O   1 
ATOM   1138 C  CB  . THR A 1 144 ? 6.353   14.968  -2.900  1.00 37.71  ? 183 THR A CB  1 
ATOM   1139 O  OG1 . THR A 1 144 ? 6.492   14.450  -1.584  1.00 57.45  ? 183 THR A OG1 1 
ATOM   1140 C  CG2 . THR A 1 144 ? 6.855   16.391  -2.936  1.00 39.58  ? 183 THR A CG2 1 
ATOM   1141 N  N   . SER A 1 145 ? 4.028   12.805  -4.316  1.00 31.09  ? 184 SER A N   1 
ATOM   1142 C  CA  . SER A 1 145 ? 3.426   11.458  -4.435  1.00 28.82  ? 184 SER A CA  1 
ATOM   1143 C  C   . SER A 1 145 ? 4.483   10.490  -4.948  1.00 31.01  ? 184 SER A C   1 
ATOM   1144 O  O   . SER A 1 145 ? 5.343   10.897  -5.718  1.00 31.60  ? 184 SER A O   1 
ATOM   1145 C  CB  . SER A 1 145 ? 2.208   11.502  -5.282  1.00 27.98  ? 184 SER A CB  1 
ATOM   1146 O  OG  . SER A 1 145 ? 1.243   12.377  -4.678  1.00 28.53  ? 184 SER A OG  1 
ATOM   1147 N  N   . HIS A 1 146 ? 4.450   9.256   -4.468  1.00 28.43  ? 185 HIS A N   1 
ATOM   1148 C  CA  . HIS A 1 146 ? 5.335   8.168   -4.935  1.00 27.23  ? 185 HIS A CA  1 
ATOM   1149 C  C   . HIS A 1 146 ? 4.564   6.841   -4.949  1.00 25.94  ? 185 HIS A C   1 
ATOM   1150 O  O   . HIS A 1 146 ? 3.866   6.518   -3.963  1.00 28.07  ? 185 HIS A O   1 
ATOM   1151 C  CB  . HIS A 1 146 ? 6.588   8.105   -4.061  1.00 27.66  ? 185 HIS A CB  1 
ATOM   1152 C  CG  . HIS A 1 146 ? 7.733   7.414   -4.715  1.00 29.94  ? 185 HIS A CG  1 
ATOM   1153 N  ND1 . HIS A 1 146 ? 7.875   6.040   -4.700  1.00 35.55  ? 185 HIS A ND1 1 
ATOM   1154 C  CD2 . HIS A 1 146 ? 8.800   7.896   -5.378  1.00 31.87  ? 185 HIS A CD2 1 
ATOM   1155 C  CE1 . HIS A 1 146 ? 8.970   5.710   -5.345  1.00 33.91  ? 185 HIS A CE1 1 
ATOM   1156 N  NE2 . HIS A 1 146 ? 9.549   6.822   -5.761  1.00 32.54  ? 185 HIS A NE2 1 
ATOM   1157 N  N   A CYS A 1 147 ? 4.731   6.104   -6.053  0.25 26.76  ? 186 CYS A N   1 
ATOM   1158 N  N   B CYS A 1 147 ? 4.649   6.080   -6.040  0.25 25.00  ? 186 CYS A N   1 
ATOM   1159 C  CA  A CYS A 1 147 ? 4.188   4.747   -6.321  0.25 26.68  ? 186 CYS A CA  1 
ATOM   1160 C  CA  B CYS A 1 147 ? 4.016   4.737   -6.135  0.25 23.86  ? 186 CYS A CA  1 
ATOM   1161 C  C   A CYS A 1 147 ? 5.223   3.689   -5.965  0.25 26.84  ? 186 CYS A C   1 
ATOM   1162 C  C   B CYS A 1 147 ? 5.117   3.669   -6.129  0.25 25.19  ? 186 CYS A C   1 
ATOM   1163 O  O   A CYS A 1 147 ? 6.428   3.995   -6.052  0.25 26.09  ? 186 CYS A O   1 
ATOM   1164 O  O   B CYS A 1 147 ? 6.251   3.973   -6.547  0.25 25.01  ? 186 CYS A O   1 
ATOM   1165 C  CB  A CYS A 1 147 ? 3.885   4.581   -7.800  0.25 27.61  ? 186 CYS A CB  1 
ATOM   1166 C  CB  B CYS A 1 147 ? 3.069   4.654   -7.330  0.25 22.98  ? 186 CYS A CB  1 
ATOM   1167 S  SG  A CYS A 1 147 ? 2.415   5.492   -8.310  0.25 27.74  ? 186 CYS A SG  1 
ATOM   1168 S  SG  B CYS A 1 147 ? 3.858   4.890   -8.943  0.25 20.17  ? 186 CYS A SG  1 
ATOM   1169 N  N   . PHE A 1 148 ? 4.774   2.477   -5.630  1.00 27.61  ? 187 PHE A N   1 
ATOM   1170 C  CA  . PHE A 1 148 ? 5.707   1.373   -5.307  1.00 27.39  ? 187 PHE A CA  1 
ATOM   1171 C  C   . PHE A 1 148 ? 5.313   0.143   -6.120  1.00 29.44  ? 187 PHE A C   1 
ATOM   1172 O  O   . PHE A 1 148 ? 4.634   -0.759  -5.611  1.00 29.28  ? 187 PHE A O   1 
ATOM   1173 C  CB  . PHE A 1 148 ? 5.681   1.143   -3.797  1.00 28.69  ? 187 PHE A CB  1 
ATOM   1174 C  CG  . PHE A 1 148 ? 6.159   2.319   -2.989  1.00 28.93  ? 187 PHE A CG  1 
ATOM   1175 C  CD1 . PHE A 1 148 ? 7.521   2.540   -2.800  1.00 29.40  ? 187 PHE A CD1 1 
ATOM   1176 C  CD2 . PHE A 1 148 ? 5.256   3.243   -2.484  1.00 29.36  ? 187 PHE A CD2 1 
ATOM   1177 C  CE1 . PHE A 1 148 ? 7.965   3.645   -2.084  1.00 31.13  ? 187 PHE A CE1 1 
ATOM   1178 C  CE2 . PHE A 1 148 ? 5.701   4.334   -1.741  1.00 30.60  ? 187 PHE A CE2 1 
ATOM   1179 C  CZ  . PHE A 1 148 ? 7.055   4.537   -1.548  1.00 30.92  ? 187 PHE A CZ  1 
ATOM   1180 N  N   . PRO A 1 149 ? 5.716   0.092   -7.410  1.00 29.64  ? 188 PRO A N   1 
ATOM   1181 C  CA  . PRO A 1 149 ? 5.433   -1.057  -8.276  1.00 27.61  ? 188 PRO A CA  1 
ATOM   1182 C  C   . PRO A 1 149 ? 5.788   -2.412  -7.643  1.00 28.41  ? 188 PRO A C   1 
ATOM   1183 O  O   . PRO A 1 149 ? 5.068   -3.382  -7.833  1.00 26.56  ? 188 PRO A O   1 
ATOM   1184 C  CB  . PRO A 1 149 ? 6.354   -0.825  -9.481  1.00 27.15  ? 188 PRO A CB  1 
ATOM   1185 C  CG  . PRO A 1 149 ? 6.573   0.672   -9.539  1.00 29.24  ? 188 PRO A CG  1 
ATOM   1186 C  CD  . PRO A 1 149 ? 6.411   1.176   -8.123  1.00 29.99  ? 188 PRO A CD  1 
ATOM   1187 N  N   . GLU A 1 150 ? 6.907   -2.427  -6.914  1.00 28.24  ? 189 GLU A N   1 
ATOM   1188 C  CA  . GLU A 1 150 ? 7.459   -3.596  -6.189  1.00 31.19  ? 189 GLU A CA  1 
ATOM   1189 C  C   . GLU A 1 150 ? 6.388   -4.188  -5.254  1.00 29.03  ? 189 GLU A C   1 
ATOM   1190 O  O   . GLU A 1 150 ? 6.509   -5.363  -4.897  1.00 27.30  ? 189 GLU A O   1 
ATOM   1191 C  CB  . GLU A 1 150 ? 8.720   -3.147  -5.446  1.00 34.85  ? 189 GLU A CB  1 
ATOM   1192 C  CG  . GLU A 1 150 ? 9.642   -2.241  -6.272  1.00 38.86  ? 189 GLU A CG  1 
ATOM   1193 C  CD  . GLU A 1 150 ? 9.710   -0.741  -5.945  1.00 38.78  ? 189 GLU A CD  1 
ATOM   1194 O  OE1 . GLU A 1 150 ? 10.858  -0.251  -5.877  1.00 50.21  ? 189 GLU A OE1 1 
ATOM   1195 O  OE2 . GLU A 1 150 ? 8.657   -0.044  -5.777  1.00 26.38  ? 189 GLU A OE2 1 
ATOM   1196 N  N   . THR A 1 151 ? 5.393   -3.393  -4.844  1.00 28.23  ? 190 THR A N   1 
ATOM   1197 C  CA  . THR A 1 151 ? 4.458   -3.729  -3.737  1.00 28.30  ? 190 THR A CA  1 
ATOM   1198 C  C   . THR A 1 151 ? 3.048   -3.974  -4.260  1.00 27.83  ? 190 THR A C   1 
ATOM   1199 O  O   . THR A 1 151 ? 2.118   -4.006  -3.420  1.00 26.72  ? 190 THR A O   1 
ATOM   1200 C  CB  . THR A 1 151 ? 4.441   -2.644  -2.652  1.00 26.16  ? 190 THR A CB  1 
ATOM   1201 O  OG1 . THR A 1 151 ? 3.798   -1.466  -3.147  1.00 24.01  ? 190 THR A OG1 1 
ATOM   1202 C  CG2 . THR A 1 151 ? 5.834   -2.358  -2.145  1.00 26.41  ? 190 THR A CG2 1 
ATOM   1203 N  N   . GLN A 1 152 ? 2.910   -4.109  -5.578  1.00 26.13  ? 191 GLN A N   1 
ATOM   1204 C  CA  . GLN A 1 152 ? 1.639   -4.481  -6.236  1.00 29.13  ? 191 GLN A CA  1 
ATOM   1205 C  C   . GLN A 1 152 ? 1.130   -5.794  -5.643  1.00 28.77  ? 191 GLN A C   1 
ATOM   1206 O  O   . GLN A 1 152 ? 1.949   -6.704  -5.347  1.00 30.52  ? 191 GLN A O   1 
ATOM   1207 C  CB  . GLN A 1 152 ? 1.838   -4.654  -7.742  1.00 32.34  ? 191 GLN A CB  1 
ATOM   1208 C  CG  . GLN A 1 152 ? 1.665   -3.362  -8.526  1.00 37.71  ? 191 GLN A CG  1 
ATOM   1209 C  CD  . GLN A 1 152 ? 2.338   -3.425  -9.876  1.00 42.96  ? 191 GLN A CD  1 
ATOM   1210 O  OE1 . GLN A 1 152 ? 2.774   -4.490  -10.327 1.00 44.72  ? 191 GLN A OE1 1 
ATOM   1211 N  NE2 . GLN A 1 152 ? 2.488   -2.259  -10.496 1.00 43.86  ? 191 GLN A NE2 1 
ATOM   1212 N  N   . PHE A 1 153 ? -0.182  -5.915  -5.548  1.00 28.99  ? 192 PHE A N   1 
ATOM   1213 C  CA  . PHE A 1 153 ? -0.842  -7.151  -5.083  1.00 28.82  ? 192 PHE A CA  1 
ATOM   1214 C  C   . PHE A 1 153 ? -2.270  -7.207  -5.610  1.00 28.64  ? 192 PHE A C   1 
ATOM   1215 O  O   . PHE A 1 153 ? -2.858  -6.181  -5.981  1.00 27.59  ? 192 PHE A O   1 
ATOM   1216 C  CB  . PHE A 1 153 ? -0.850  -7.209  -3.552  1.00 28.80  ? 192 PHE A CB  1 
ATOM   1217 C  CG  . PHE A 1 153 ? -1.624  -6.092  -2.915  1.00 26.16  ? 192 PHE A CG  1 
ATOM   1218 C  CD1 . PHE A 1 153 ? -2.992  -6.192  -2.741  1.00 27.10  ? 192 PHE A CD1 1 
ATOM   1219 C  CD2 . PHE A 1 153 ? -0.992  -4.917  -2.555  1.00 26.27  ? 192 PHE A CD2 1 
ATOM   1220 C  CE1 . PHE A 1 153 ? -3.717  -5.144  -2.195  1.00 25.94  ? 192 PHE A CE1 1 
ATOM   1221 C  CE2 . PHE A 1 153 ? -1.714  -3.882  -1.991  1.00 25.30  ? 192 PHE A CE2 1 
ATOM   1222 C  CZ  . PHE A 1 153 ? -3.069  -4.001  -1.803  1.00 26.88  ? 192 PHE A CZ  1 
ATOM   1223 N  N   . ILE A 1 154 ? -2.827  -8.412  -5.591  1.00 29.65  ? 193 ILE A N   1 
ATOM   1224 C  CA  . ILE A 1 154 ? -4.274  -8.661  -5.818  1.00 30.88  ? 193 ILE A CA  1 
ATOM   1225 C  C   . ILE A 1 154 ? -4.897  -8.851  -4.445  1.00 30.74  ? 193 ILE A C   1 
ATOM   1226 O  O   . ILE A 1 154 ? -4.318  -9.623  -3.664  1.00 32.02  ? 193 ILE A O   1 
ATOM   1227 C  CB  . ILE A 1 154 ? -4.475  -9.883  -6.731  1.00 32.81  ? 193 ILE A CB  1 
ATOM   1228 C  CG1 . ILE A 1 154 ? -3.761  -9.665  -8.067  1.00 34.43  ? 193 ILE A CG1 1 
ATOM   1229 C  CG2 . ILE A 1 154 ? -5.963  -10.197 -6.891  1.00 34.00  ? 193 ILE A CG2 1 
ATOM   1230 C  CD1 . ILE A 1 154 ? -3.763  -10.874 -8.989  1.00 35.59  ? 193 ILE A CD1 1 
ATOM   1231 N  N   . ALA A 1 155 ? -5.960  -8.096  -4.166  1.00 29.75  ? 194 ALA A N   1 
ATOM   1232 C  CA  . ALA A 1 155 ? -6.806  -8.213  -2.967  1.00 32.54  ? 194 ALA A CA  1 
ATOM   1233 C  C   . ALA A 1 155 ? -7.595  -9.522  -3.083  1.00 35.29  ? 194 ALA A C   1 
ATOM   1234 O  O   . ALA A 1 155 ? -8.222  -9.728  -4.139  1.00 36.38  ? 194 ALA A O   1 
ATOM   1235 C  CB  . ALA A 1 155 ? -7.714  -7.013  -2.875  1.00 32.97  ? 194 ALA A CB  1 
ATOM   1236 N  N   . VAL A 1 156 ? -7.499  -10.393 -2.081  1.00 35.75  ? 195 VAL A N   1 
ATOM   1237 C  CA  . VAL A 1 156 ? -8.171  -11.733 -2.049  1.00 35.14  ? 195 VAL A CA  1 
ATOM   1238 C  C   . VAL A 1 156 ? -8.810  -11.924 -0.671  1.00 35.19  ? 195 VAL A C   1 
ATOM   1239 O  O   . VAL A 1 156 ? -8.312  -11.334 0.302   1.00 35.70  ? 195 VAL A O   1 
ATOM   1240 C  CB  . VAL A 1 156 ? -7.195  -12.881 -2.377  1.00 34.04  ? 195 VAL A CB  1 
ATOM   1241 C  CG1 . VAL A 1 156 ? -6.558  -12.699 -3.749  1.00 32.80  ? 195 VAL A CG1 1 
ATOM   1242 C  CG2 . VAL A 1 156 ? -6.134  -13.063 -1.298  1.00 34.84  ? 195 VAL A CG2 1 
ATOM   1243 N  N   . THR A 1 157 ? -9.893  -12.694 -0.592  1.00 34.71  ? 196 THR A N   1 
ATOM   1244 C  CA  . THR A 1 157 ? -10.517 -13.073 0.706   1.00 37.15  ? 196 THR A CA  1 
ATOM   1245 C  C   . THR A 1 157 ? -9.801  -14.296 1.293   1.00 33.19  ? 196 THR A C   1 
ATOM   1246 O  O   . THR A 1 157 ? -9.962  -14.492 2.486   1.00 30.71  ? 196 THR A O   1 
ATOM   1247 C  CB  . THR A 1 157 ? -12.024 -13.333 0.580   1.00 37.33  ? 196 THR A CB  1 
ATOM   1248 O  OG1 . THR A 1 157 ? -12.192 -14.440 -0.299  1.00 40.39  ? 196 THR A OG1 1 
ATOM   1249 C  CG2 . THR A 1 157 ? -12.781 -12.141 0.046   1.00 37.98  ? 196 THR A CG2 1 
ATOM   1250 N  N   . ALA A 1 158 ? -9.051  -15.070 0.494   1.00 33.66  ? 197 ALA A N   1 
ATOM   1251 C  CA  . ALA A 1 158 ? -8.126  -16.131 0.972   1.00 35.28  ? 197 ALA A CA  1 
ATOM   1252 C  C   . ALA A 1 158 ? -7.016  -16.344 -0.055  1.00 32.02  ? 197 ALA A C   1 
ATOM   1253 O  O   . ALA A 1 158 ? -7.278  -16.081 -1.219  1.00 35.70  ? 197 ALA A O   1 
ATOM   1254 C  CB  . ALA A 1 158 ? -8.891  -17.415 1.227   1.00 37.37  ? 197 ALA A CB  1 
ATOM   1255 N  N   . TYR A 1 159 ? -5.832  -16.827 0.336   1.00 31.04  ? 198 TYR A N   1 
ATOM   1256 C  CA  . TYR A 1 159 ? -4.699  -16.996 -0.605  1.00 31.79  ? 198 TYR A CA  1 
ATOM   1257 C  C   . TYR A 1 159 ? -5.009  -18.081 -1.637  1.00 35.88  ? 198 TYR A C   1 
ATOM   1258 O  O   . TYR A 1 159 ? -5.587  -19.117 -1.282  1.00 32.67  ? 198 TYR A O   1 
ATOM   1259 C  CB  . TYR A 1 159 ? -3.392  -17.300 0.120   1.00 31.78  ? 198 TYR A CB  1 
ATOM   1260 C  CG  . TYR A 1 159 ? -2.934  -16.176 1.012   1.00 32.79  ? 198 TYR A CG  1 
ATOM   1261 C  CD1 . TYR A 1 159 ? -2.773  -14.892 0.519   1.00 34.66  ? 198 TYR A CD1 1 
ATOM   1262 C  CD2 . TYR A 1 159 ? -2.720  -16.387 2.361   1.00 34.03  ? 198 TYR A CD2 1 
ATOM   1263 C  CE1 . TYR A 1 159 ? -2.384  -13.846 1.337   1.00 33.80  ? 198 TYR A CE1 1 
ATOM   1264 C  CE2 . TYR A 1 159 ? -2.329  -15.355 3.195   1.00 36.30  ? 198 TYR A CE2 1 
ATOM   1265 C  CZ  . TYR A 1 159 ? -2.150  -14.088 2.677   1.00 35.14  ? 198 TYR A CZ  1 
ATOM   1266 O  OH  . TYR A 1 159 ? -1.770  -13.082 3.498   1.00 34.50  ? 198 TYR A OH  1 
ATOM   1267 N  N   . GLN A 1 160 ? -4.595  -17.847 -2.889  1.00 32.26  ? 199 GLN A N   1 
ATOM   1268 C  CA  . GLN A 1 160 ? -4.844  -18.766 -4.022  1.00 31.82  ? 199 GLN A CA  1 
ATOM   1269 C  C   . GLN A 1 160 ? -3.551  -19.497 -4.333  1.00 33.65  ? 199 GLN A C   1 
ATOM   1270 O  O   . GLN A 1 160 ? -3.581  -20.710 -4.523  1.00 34.23  ? 199 GLN A O   1 
ATOM   1271 C  CB  . GLN A 1 160 ? -5.352  -17.971 -5.219  1.00 35.22  ? 199 GLN A CB  1 
ATOM   1272 C  CG  . GLN A 1 160 ? -6.632  -17.207 -4.929  1.00 36.78  ? 199 GLN A CG  1 
ATOM   1273 C  CD  . GLN A 1 160 ? -7.765  -18.141 -4.592  1.00 37.96  ? 199 GLN A CD  1 
ATOM   1274 O  OE1 . GLN A 1 160 ? -8.031  -19.098 -5.312  1.00 44.31  ? 199 GLN A OE1 1 
ATOM   1275 N  NE2 . GLN A 1 160 ? -8.431  -17.877 -3.481  1.00 37.72  ? 199 GLN A NE2 1 
ATOM   1276 N  N   . ASN A 1 161 ? -2.446  -18.755 -4.364  1.00 32.14  ? 200 ASN A N   1 
ATOM   1277 C  CA  . ASN A 1 161 ? -1.114  -19.302 -4.674  1.00 33.26  ? 200 ASN A CA  1 
ATOM   1278 C  C   . ASN A 1 161 ? -0.487  -19.689 -3.334  1.00 33.55  ? 200 ASN A C   1 
ATOM   1279 O  O   . ASN A 1 161 ? -0.238  -18.791 -2.523  1.00 30.76  ? 200 ASN A O   1 
ATOM   1280 C  CB  . ASN A 1 161 ? -0.313  -18.298 -5.492  1.00 33.13  ? 200 ASN A CB  1 
ATOM   1281 C  CG  . ASN A 1 161 ? 1.050   -18.807 -5.886  1.00 33.16  ? 200 ASN A CG  1 
ATOM   1282 O  OD1 . ASN A 1 161 ? 1.371   -19.979 -5.706  1.00 35.31  ? 200 ASN A OD1 1 
ATOM   1283 N  ND2 . ASN A 1 161 ? 1.868   -17.917 -6.413  1.00 35.56  ? 200 ASN A ND2 1 
ATOM   1284 N  N   . GLU A 1 162 ? -0.287  -20.986 -3.095  1.00 32.70  ? 201 GLU A N   1 
ATOM   1285 C  CA  . GLU A 1 162 ? 0.264   -21.479 -1.802  1.00 33.14  ? 201 GLU A CA  1 
ATOM   1286 C  C   . GLU A 1 162 ? 1.718   -21.005 -1.691  1.00 31.29  ? 201 GLU A C   1 
ATOM   1287 O  O   . GLU A 1 162 ? 2.191   -20.819 -0.572  1.00 35.07  ? 201 GLU A O   1 
ATOM   1288 C  CB  . GLU A 1 162 ? 0.078   -22.994 -1.697  1.00 34.69  ? 201 GLU A CB  1 
ATOM   1289 C  CG  . GLU A 1 162 ? 0.989   -23.791 -2.605  1.00 39.16  ? 201 GLU A CG  1 
ATOM   1290 C  CD  . GLU A 1 162 ? 0.903   -25.302 -2.417  1.00 47.92  ? 201 GLU A CD  1 
ATOM   1291 O  OE1 . GLU A 1 162 ? 1.854   -26.008 -2.852  1.00 45.03  ? 201 GLU A OE1 1 
ATOM   1292 O  OE2 . GLU A 1 162 ? -0.102  -25.775 -1.823  1.00 51.98  ? 201 GLU A OE2 1 
ATOM   1293 N  N   . GLU A 1 163 ? 2.395   -20.777 -2.820  1.00 32.66  ? 202 GLU A N   1 
ATOM   1294 C  CA  . GLU A 1 163 ? 3.761   -20.189 -2.837  1.00 35.06  ? 202 GLU A CA  1 
ATOM   1295 C  C   . GLU A 1 163 ? 3.753   -18.885 -2.030  1.00 31.22  ? 202 GLU A C   1 
ATOM   1296 O  O   . GLU A 1 163 ? 4.743   -18.618 -1.339  1.00 31.29  ? 202 GLU A O   1 
ATOM   1297 C  CB  . GLU A 1 163 ? 4.245   -19.917 -4.264  1.00 40.30  ? 202 GLU A CB  1 
ATOM   1298 C  CG  . GLU A 1 163 ? 4.406   -21.154 -5.130  1.00 43.27  ? 202 GLU A CG  1 
ATOM   1299 C  CD  . GLU A 1 163 ? 4.738   -20.827 -6.582  1.00 48.82  ? 202 GLU A CD  1 
ATOM   1300 O  OE1 . GLU A 1 163 ? 5.645   -21.482 -7.138  1.00 52.15  ? 202 GLU A OE1 1 
ATOM   1301 O  OE2 . GLU A 1 163 ? 4.110   -19.892 -7.152  1.00 54.61  ? 202 GLU A OE2 1 
ATOM   1302 N  N   . ILE A 1 164 ? 2.663   -18.111 -2.114  1.00 29.32  ? 203 ILE A N   1 
ATOM   1303 C  CA  . ILE A 1 164 ? 2.503   -16.820 -1.387  1.00 28.51  ? 203 ILE A CA  1 
ATOM   1304 C  C   . ILE A 1 164 ? 2.259   -17.131 0.089   1.00 27.75  ? 203 ILE A C   1 
ATOM   1305 O  O   . ILE A 1 164 ? 2.880   -16.506 0.947   1.00 25.66  ? 203 ILE A O   1 
ATOM   1306 C  CB  . ILE A 1 164 ? 1.378   -15.962 -2.015  1.00 29.05  ? 203 ILE A CB  1 
ATOM   1307 C  CG1 . ILE A 1 164 ? 1.779   -15.428 -3.389  1.00 29.24  ? 203 ILE A CG1 1 
ATOM   1308 C  CG2 . ILE A 1 164 ? 0.964   -14.821 -1.084  1.00 30.46  ? 203 ILE A CG2 1 
ATOM   1309 C  CD1 . ILE A 1 164 ? 2.926   -14.427 -3.333  1.00 31.56  ? 203 ILE A CD1 1 
ATOM   1310 N  N   . THR A 1 165 ? 1.341   -18.047 0.374   1.00 30.09  ? 204 THR A N   1 
ATOM   1311 C  CA  . THR A 1 165 ? 1.042   -18.488 1.754   1.00 29.95  ? 204 THR A CA  1 
ATOM   1312 C  C   . THR A 1 165 ? 2.374   -18.824 2.419   1.00 29.03  ? 204 THR A C   1 
ATOM   1313 O  O   . THR A 1 165 ? 2.647   -18.292 3.504   1.00 32.83  ? 204 THR A O   1 
ATOM   1314 C  CB  . THR A 1 165 ? 0.048   -19.650 1.742   1.00 30.16  ? 204 THR A CB  1 
ATOM   1315 O  OG1 . THR A 1 165 ? -0.999  -19.257 0.852   1.00 30.09  ? 204 THR A OG1 1 
ATOM   1316 C  CG2 . THR A 1 165 ? -0.471  -19.982 3.124   1.00 31.32  ? 204 THR A CG2 1 
ATOM   1317 N  N   . ALA A 1 166 ? 3.221   -19.589 1.735   1.00 30.58  ? 205 ALA A N   1 
ATOM   1318 C  CA  . ALA A 1 166 ? 4.501   -20.078 2.305   1.00 30.89  ? 205 ALA A CA  1 
ATOM   1319 C  C   . ALA A 1 166 ? 5.459   -18.902 2.531   1.00 31.28  ? 205 ALA A C   1 
ATOM   1320 O  O   . ALA A 1 166 ? 6.096   -18.848 3.607   1.00 29.03  ? 205 ALA A O   1 
ATOM   1321 C  CB  . ALA A 1 166 ? 5.092   -21.130 1.408   1.00 33.30  ? 205 ALA A CB  1 
ATOM   1322 N  N   . LEU A 1 167 ? 5.579   -17.975 1.566   1.00 32.34  ? 206 LEU A N   1 
ATOM   1323 C  CA  . LEU A 1 167 ? 6.509   -16.823 1.728   1.00 32.38  ? 206 LEU A CA  1 
ATOM   1324 C  C   . LEU A 1 167 ? 6.065   -16.001 2.929   1.00 28.50  ? 206 LEU A C   1 
ATOM   1325 O  O   . LEU A 1 167 ? 6.938   -15.598 3.702   1.00 29.68  ? 206 LEU A O   1 
ATOM   1326 C  CB  . LEU A 1 167 ? 6.520   -15.947 0.471   1.00 35.24  ? 206 LEU A CB  1 
ATOM   1327 C  CG  . LEU A 1 167 ? 7.726   -16.054 -0.456  1.00 41.10  ? 206 LEU A CG  1 
ATOM   1328 C  CD1 . LEU A 1 167 ? 7.965   -14.708 -1.144  1.00 40.32  ? 206 LEU A CD1 1 
ATOM   1329 C  CD2 . LEU A 1 167 ? 8.996   -16.520 0.257   1.00 43.09  ? 206 LEU A CD2 1 
ATOM   1330 N  N   . LYS A 1 168 ? 4.762   -15.730 3.034   1.00 29.14  ? 207 LYS A N   1 
ATOM   1331 C  CA  . LYS A 1 168 ? 4.179   -14.933 4.140   1.00 32.93  ? 207 LYS A CA  1 
ATOM   1332 C  C   . LYS A 1 168 ? 4.634   -15.542 5.471   1.00 36.03  ? 207 LYS A C   1 
ATOM   1333 O  O   . LYS A 1 168 ? 5.192   -14.805 6.312   1.00 37.63  ? 207 LYS A O   1 
ATOM   1334 C  CB  . LYS A 1 168 ? 2.650   -14.929 4.099   1.00 33.20  ? 207 LYS A CB  1 
ATOM   1335 C  CG  . LYS A 1 168 ? 2.031   -14.347 2.835   1.00 38.29  ? 207 LYS A CG  1 
ATOM   1336 C  CD  . LYS A 1 168 ? 1.580   -12.915 2.969   1.00 35.05  ? 207 LYS A CD  1 
ATOM   1337 C  CE  . LYS A 1 168 ? 1.202   -12.335 1.625   1.00 36.85  ? 207 LYS A CE  1 
ATOM   1338 N  NZ  . LYS A 1 168 ? 0.584   -11.008 1.768   1.00 36.40  ? 207 LYS A NZ  1 
ATOM   1339 N  N   . ILE A 1 169 ? 4.394   -16.845 5.651   1.00 34.69  ? 208 ILE A N   1 
ATOM   1340 C  CA  . ILE A 1 169 ? 4.683   -17.536 6.939   1.00 33.26  ? 208 ILE A CA  1 
ATOM   1341 C  C   . ILE A 1 169 ? 6.202   -17.527 7.123   1.00 34.58  ? 208 ILE A C   1 
ATOM   1342 O  O   . ILE A 1 169 ? 6.667   -17.186 8.231   1.00 31.45  ? 208 ILE A O   1 
ATOM   1343 C  CB  . ILE A 1 169 ? 4.052   -18.943 6.954   1.00 32.33  ? 208 ILE A CB  1 
ATOM   1344 C  CG1 . ILE A 1 169 ? 2.527   -18.845 7.014   1.00 31.01  ? 208 ILE A CG1 1 
ATOM   1345 C  CG2 . ILE A 1 169 ? 4.607   -19.788 8.099   1.00 33.40  ? 208 ILE A CG2 1 
ATOM   1346 C  CD1 . ILE A 1 169 ? 1.824   -20.044 6.455   1.00 32.99  ? 208 ILE A CD1 1 
ATOM   1347 N  N   . LYS A 1 170 ? 6.960   -17.826 6.067   1.00 34.91  ? 209 LYS A N   1 
ATOM   1348 C  CA  . LYS A 1 170 ? 8.442   -17.934 6.188   1.00 35.70  ? 209 LYS A CA  1 
ATOM   1349 C  C   . LYS A 1 170 ? 8.995   -16.644 6.804   1.00 34.97  ? 209 LYS A C   1 
ATOM   1350 O  O   . LYS A 1 170 ? 9.901   -16.745 7.662   1.00 36.50  ? 209 LYS A O   1 
ATOM   1351 C  CB  . LYS A 1 170 ? 9.089   -18.262 4.840   1.00 34.33  ? 209 LYS A CB  1 
ATOM   1352 C  CG  . LYS A 1 170 ? 10.560  -18.651 4.897   1.00 38.32  ? 209 LYS A CG  1 
ATOM   1353 C  CD  . LYS A 1 170 ? 11.057  -19.305 3.601   1.00 38.71  ? 209 LYS A CD  1 
ATOM   1354 C  CE  . LYS A 1 170 ? 12.446  -19.912 3.690   1.00 40.65  ? 209 LYS A CE  1 
ATOM   1355 N  NZ  . LYS A 1 170 ? 13.494  -18.878 3.887   1.00 41.18  ? 209 LYS A NZ  1 
ATOM   1356 N  N   . TYR A 1 171 ? 8.454   -15.479 6.432   1.00 34.89  ? 210 TYR A N   1 
ATOM   1357 C  CA  . TYR A 1 171 ? 9.083   -14.168 6.736   1.00 36.25  ? 210 TYR A CA  1 
ATOM   1358 C  C   . TYR A 1 171 ? 8.308   -13.385 7.795   1.00 35.97  ? 210 TYR A C   1 
ATOM   1359 O  O   . TYR A 1 171 ? 8.833   -12.371 8.229   1.00 36.67  ? 210 TYR A O   1 
ATOM   1360 C  CB  . TYR A 1 171 ? 9.346   -13.409 5.427   1.00 37.44  ? 210 TYR A CB  1 
ATOM   1361 C  CG  . TYR A 1 171 ? 10.489  -14.036 4.669   1.00 36.29  ? 210 TYR A CG  1 
ATOM   1362 C  CD1 . TYR A 1 171 ? 11.787  -13.965 5.161   1.00 41.14  ? 210 TYR A CD1 1 
ATOM   1363 C  CD2 . TYR A 1 171 ? 10.270  -14.795 3.531   1.00 37.12  ? 210 TYR A CD2 1 
ATOM   1364 C  CE1 . TYR A 1 171 ? 12.844  -14.586 4.506   1.00 41.13  ? 210 TYR A CE1 1 
ATOM   1365 C  CE2 . TYR A 1 171 ? 11.308  -15.429 2.869   1.00 39.57  ? 210 TYR A CE2 1 
ATOM   1366 C  CZ  . TYR A 1 171 ? 12.600  -15.321 3.360   1.00 41.35  ? 210 TYR A CZ  1 
ATOM   1367 O  OH  . TYR A 1 171 ? 13.624  -15.945 2.713   1.00 45.21  ? 210 TYR A OH  1 
ATOM   1368 N  N   . ASN A 1 172 ? 7.129   -13.822 8.234   1.00 38.22  ? 211 ASN A N   1 
ATOM   1369 C  CA  . ASN A 1 172 ? 6.401   -13.084 9.300   1.00 42.95  ? 211 ASN A CA  1 
ATOM   1370 C  C   . ASN A 1 172 ? 6.972   -13.499 10.661  1.00 51.31  ? 211 ASN A C   1 
ATOM   1371 O  O   . ASN A 1 172 ? 7.724   -14.476 10.741  1.00 52.75  ? 211 ASN A O   1 
ATOM   1372 C  CB  . ASN A 1 172 ? 4.889   -13.235 9.153   1.00 44.56  ? 211 ASN A CB  1 
ATOM   1373 C  CG  . ASN A 1 172 ? 4.346   -14.574 9.612   1.00 46.69  ? 211 ASN A CG  1 
ATOM   1374 O  OD1 . ASN A 1 172 ? 3.156   -14.840 9.436   1.00 43.35  ? 211 ASN A OD1 1 
ATOM   1375 N  ND2 . ASN A 1 172 ? 5.194   -15.419 10.185  1.00 39.54  ? 211 ASN A ND2 1 
HETATM 1376 CD CD  . CD  B 2 .   ? 2.015   4.513   -10.472 0.50 24.62  ? 301 CD  A CD  1 
HETATM 1377 CD CD  . CD  C 2 .   ? 2.819   1.196   -11.789 1.00 27.12  ? 302 CD  A CD  1 
HETATM 1378 CD CD  . CD  D 2 .   ? -13.402 5.417   3.426   1.00 68.55  ? 303 CD  A CD  1 
HETATM 1379 CD CD  . CD  E 2 .   ? -8.200  -3.364  -20.125 1.00 35.51  ? 304 CD  A CD  1 
HETATM 1380 CD CD  . CD  F 2 .   ? -12.797 8.598   1.530   1.00 61.33  ? 305 CD  A CD  1 
HETATM 1381 N  N1  . NY4 G 3 .   ? -3.403  11.763  13.428  1.00 91.88  ? 306 NY4 A N1  1 
HETATM 1382 C  C4  . NY4 G 3 .   ? -3.632  13.424  11.185  1.00 86.88  ? 306 NY4 A C4  1 
HETATM 1383 C  C5  . NY4 G 3 .   ? -3.648  14.273  10.095  1.00 87.38  ? 306 NY4 A C5  1 
HETATM 1384 C  C6  . NY4 G 3 .   ? -4.853  14.743  9.590   1.00 87.60  ? 306 NY4 A C6  1 
HETATM 1385 C  C7  . NY4 G 3 .   ? -3.836  15.976  7.685   1.00 89.08  ? 306 NY4 A C7  1 
HETATM 1386 C  C8  . NY4 G 3 .   ? -4.183  16.303  6.293   1.00 87.70  ? 306 NY4 A C8  1 
HETATM 1387 C  C10 . NY4 G 3 .   ? -3.593  17.553  5.696   1.00 87.06  ? 306 NY4 A C10 1 
HETATM 1388 C  C1  . NY4 G 3 .   ? -5.607  12.595  14.163  1.00 92.35  ? 306 NY4 A C1  1 
HETATM 1389 C  C11 . NY4 G 3 .   ? -6.036  14.352  10.200  1.00 87.35  ? 306 NY4 A C11 1 
HETATM 1390 C  C12 . NY4 G 3 .   ? -6.009  13.500  11.290  1.00 88.21  ? 306 NY4 A C12 1 
HETATM 1391 C  C2  . NY4 G 3 .   ? -4.777  12.086  12.996  1.00 91.32  ? 306 NY4 A C2  1 
HETATM 1392 C  C3  . NY4 G 3 .   ? -4.808  13.025  11.801  1.00 89.21  ? 306 NY4 A C3  1 
HETATM 1393 C  C9  . NY4 G 3 .   ? -3.084  16.238  5.265   1.00 87.71  ? 306 NY4 A C9  1 
HETATM 1394 N  N2  . NY4 G 3 .   ? -4.891  15.619  8.466   1.00 88.56  ? 306 NY4 A N2  1 
HETATM 1395 O  O1  . NY4 G 3 .   ? -2.686  16.031  8.104   1.00 86.64  ? 306 NY4 A O1  1 
HETATM 1396 O  O   . HOH H 4 .   ? -3.892  3.482   12.205  1.00 32.56  ? 401 HOH A O   1 
HETATM 1397 O  O   . HOH H 4 .   ? 6.809   -19.881 -1.596  1.00 39.08  ? 402 HOH A O   1 
HETATM 1398 O  O   . HOH H 4 .   ? 9.696   19.878  1.968   1.00 40.76  ? 403 HOH A O   1 
HETATM 1399 O  O   . HOH H 4 .   ? -2.224  -4.406  -14.188 1.00 22.76  ? 404 HOH A O   1 
HETATM 1400 O  O   . HOH H 4 .   ? 16.027  9.625   6.416   1.00 50.00  ? 405 HOH A O   1 
HETATM 1401 O  O   . HOH H 4 .   ? 8.865   -2.139  3.147   1.00 34.51  ? 406 HOH A O   1 
HETATM 1402 O  O   . HOH H 4 .   ? -7.699  -4.923  -11.115 1.00 31.24  ? 407 HOH A O   1 
HETATM 1403 O  O   . HOH H 4 .   ? 1.649   14.477  15.808  0.50 39.34  ? 408 HOH A O   1 
HETATM 1404 O  O   . HOH H 4 .   ? 7.086   6.270   14.794  1.00 49.96  ? 409 HOH A O   1 
HETATM 1405 O  O   . HOH H 4 .   ? -0.729  -2.980  7.743   1.00 26.53  ? 410 HOH A O   1 
HETATM 1406 O  O   . HOH H 4 .   ? -0.261  -15.401 -6.569  1.00 29.35  ? 411 HOH A O   1 
HETATM 1407 O  O   . HOH H 4 .   ? -14.549 -11.000 6.627   1.00 54.82  ? 412 HOH A O   1 
HETATM 1408 O  O   . HOH H 4 .   ? 8.665   -4.333  5.027   1.00 37.66  ? 413 HOH A O   1 
HETATM 1409 O  O   . HOH H 4 .   ? 12.668  7.864   6.607   1.00 35.99  ? 414 HOH A O   1 
HETATM 1410 O  O   . HOH H 4 .   ? 7.605   4.686   -8.762  1.00 48.72  ? 415 HOH A O   1 
HETATM 1411 O  O   . HOH H 4 .   ? -4.062  -7.293  4.299   1.00 31.90  ? 416 HOH A O   1 
HETATM 1412 O  O   . HOH H 4 .   ? -0.235  12.242  15.601  1.00 41.20  ? 417 HOH A O   1 
HETATM 1413 O  O   . HOH H 4 .   ? -14.727 -6.551  -2.889  1.00 48.10  ? 418 HOH A O   1 
HETATM 1414 O  O   . HOH H 4 .   ? -5.812  -17.743 2.947   1.00 39.92  ? 419 HOH A O   1 
HETATM 1415 O  O   . HOH H 4 .   ? 2.434   -8.666  -7.239  1.00 30.78  ? 420 HOH A O   1 
HETATM 1416 O  O   . HOH H 4 .   ? -5.132  -6.563  15.836  1.00 58.53  ? 421 HOH A O   1 
HETATM 1417 O  O   . HOH H 4 .   ? 3.084   16.039  -6.529  1.00 39.12  ? 422 HOH A O   1 
HETATM 1418 O  O   . HOH H 4 .   ? 4.496   -7.165  -4.244  1.00 23.30  ? 423 HOH A O   1 
HETATM 1419 O  O   . HOH H 4 .   ? 15.602  -2.552  0.745   1.00 50.79  ? 424 HOH A O   1 
HETATM 1420 O  O   . HOH H 4 .   ? 4.912   14.075  -6.642  1.00 30.90  ? 425 HOH A O   1 
HETATM 1421 O  O   . HOH H 4 .   ? -6.951  8.367   -3.123  1.00 36.19  ? 426 HOH A O   1 
HETATM 1422 O  O   . HOH H 4 .   ? 7.085   6.988   11.267  1.00 37.14  ? 427 HOH A O   1 
HETATM 1423 O  O   . HOH H 4 .   ? 14.039  -17.653 6.393   1.00 37.60  ? 428 HOH A O   1 
HETATM 1424 O  O   . HOH H 4 .   ? -0.154  -16.213 -11.917 1.00 45.74  ? 429 HOH A O   1 
HETATM 1425 O  O   . HOH H 4 .   ? -11.311 2.852   0.393   1.00 50.54  ? 430 HOH A O   1 
HETATM 1426 O  O   . HOH H 4 .   ? 9.789   7.688   10.917  1.00 34.52  ? 431 HOH A O   1 
HETATM 1427 O  O   . HOH H 4 .   ? 1.657   -1.703  4.997   1.00 23.09  ? 432 HOH A O   1 
HETATM 1428 O  O   . HOH H 4 .   ? -0.211  8.050   -9.337  1.00 23.25  ? 433 HOH A O   1 
HETATM 1429 O  O   . HOH H 4 .   ? 6.808   4.324   11.359  1.00 31.73  ? 434 HOH A O   1 
HETATM 1430 O  O   . HOH H 4 .   ? 0.438   2.411   10.161  1.00 24.29  ? 435 HOH A O   1 
HETATM 1431 O  O   . HOH H 4 .   ? 5.880   17.509  -0.203  1.00 40.34  ? 436 HOH A O   1 
HETATM 1432 O  O   . HOH H 4 .   ? -5.129  -7.614  11.052  1.00 40.08  ? 437 HOH A O   1 
HETATM 1433 O  O   . HOH H 4 .   ? 12.328  -18.312 8.346   1.00 33.95  ? 438 HOH A O   1 
HETATM 1434 O  O   . HOH H 4 .   ? -6.789  1.161   8.408   1.00 38.77  ? 439 HOH A O   1 
HETATM 1435 O  O   . HOH H 4 .   ? 7.207   -6.258  6.768   1.00 32.70  ? 440 HOH A O   1 
HETATM 1436 O  O   . HOH H 4 .   ? -1.333  -22.964 -5.095  1.00 44.07  ? 441 HOH A O   1 
HETATM 1437 O  O   . HOH H 4 .   ? -7.050  -1.559  -17.452 1.00 37.62  ? 442 HOH A O   1 
HETATM 1438 O  O   . HOH H 4 .   ? 12.054  9.702   -4.980  1.00 47.40  ? 443 HOH A O   1 
HETATM 1439 O  O   . HOH H 4 .   ? -11.093 5.113   5.257   1.00 45.25  ? 444 HOH A O   1 
HETATM 1440 O  O   . HOH H 4 .   ? -10.290 9.295   1.995   1.00 34.70  ? 445 HOH A O   1 
HETATM 1441 O  O   . HOH H 4 .   ? 16.443  -4.736  -0.035  1.00 42.70  ? 446 HOH A O   1 
HETATM 1442 O  O   . HOH H 4 .   ? -12.637 -7.931  -16.005 1.00 31.70  ? 447 HOH A O   1 
HETATM 1443 O  O   . HOH H 4 .   ? 2.151   3.024   12.206  1.00 41.25  ? 448 HOH A O   1 
HETATM 1444 O  O   . HOH H 4 .   ? -10.785 -14.171 -3.282  1.00 43.00  ? 449 HOH A O   1 
HETATM 1445 O  O   . HOH H 4 .   ? -12.623 3.140   2.833   1.00 37.86  ? 450 HOH A O   1 
HETATM 1446 O  O   . HOH H 4 .   ? 9.125   -4.074  -9.426  1.00 53.77  ? 451 HOH A O   1 
HETATM 1447 O  O   . HOH H 4 .   ? 6.119   7.735   -8.566  1.00 15.85  ? 452 HOH A O   1 
HETATM 1448 O  O   . HOH H 4 .   ? 4.756   3.523   12.881  1.00 39.05  ? 453 HOH A O   1 
HETATM 1449 O  O   . HOH H 4 .   ? -3.057  -2.170  17.258  1.00 45.28  ? 454 HOH A O   1 
HETATM 1450 O  O   . HOH H 4 .   ? -6.064  -3.330  -19.530 1.00 21.77  ? 455 HOH A O   1 
HETATM 1451 O  O   . HOH H 4 .   ? -0.127  5.165   -9.533  0.50 23.57  ? 456 HOH A O   1 
HETATM 1452 O  O   . HOH H 4 .   ? -8.733  -4.416  -22.323 1.00 20.58  ? 457 HOH A O   1 
HETATM 1453 O  O   . HOH H 4 .   ? -9.306  -1.445  -19.901 1.00 24.93  ? 458 HOH A O   1 
HETATM 1454 O  O   . HOH H 4 .   ? 11.005  15.466  15.631  1.00 40.20  ? 459 HOH A O   1 
HETATM 1455 O  O   . HOH H 4 .   ? 1.009   0.312   -13.030 1.00 14.55  ? 460 HOH A O   1 
HETATM 1456 O  O   . HOH H 4 .   ? 8.635   -20.150 0.915   1.00 43.87  ? 461 HOH A O   1 
HETATM 1457 O  O   . HOH H 4 .   ? 8.417   -20.997 7.945   1.00 30.43  ? 462 HOH A O   1 
HETATM 1458 O  O   . HOH H 4 .   ? -7.964  -17.503 4.252   1.00 69.46  ? 463 HOH A O   1 
HETATM 1459 O  O   . HOH H 4 .   ? 8.186   -23.347 -4.185  1.00 31.31  ? 464 HOH A O   1 
HETATM 1460 O  O   . HOH H 4 .   ? -2.906  3.267   14.890  1.00 43.83  ? 465 HOH A O   1 
HETATM 1461 O  O   . HOH H 4 .   ? 7.403   19.467  0.340   1.00 35.54  ? 466 HOH A O   1 
HETATM 1462 O  O   . HOH H 4 .   ? -1.903  -18.367 5.938   1.00 56.08  ? 467 HOH A O   1 
HETATM 1463 O  O   . HOH H 4 .   ? -13.896 8.037   4.144   1.00 41.95  ? 468 HOH A O   1 
HETATM 1464 O  O   . HOH H 4 .   ? -15.251 8.162   1.021   1.00 43.95  ? 469 HOH A O   1 
# 
